data_1E0J
#
_entry.id   1E0J
#
_cell.length_a   119.180
_cell.length_b   119.180
_cell.length_c   283.420
_cell.angle_alpha   90.00
_cell.angle_beta   90.00
_cell.angle_gamma   90.00
#
_symmetry.space_group_name_H-M   'P 41 21 2'
#
loop_
_entity.id
_entity.type
_entity.pdbx_description
1 polymer 'DNA HELICASE'
2 non-polymer 'PHOSPHOAMINOPHOSPHONIC ACID-ADENYLATE ESTER'
3 non-polymer 'MAGNESIUM ION'
#
_entity_poly.entity_id   1
_entity_poly.type   'polypeptide(L)'
_entity_poly.pdbx_seq_one_letter_code
;IPDGVVSALSLRERIREHLSSEESVGLLFSGCTGINDKTLGARGGEVIMVTSGSGMGKSTFVRQQALQWGTAMGKKVGLA
MLEESVEETAEDLIGLHNRVRLRQSDSLKREIIENGKFDQWFDELFGNDTFHLYDSFAEAETDRLLAKLAYMRSGLGCDV
IILDHISIVVSASGESDERKMIDNLMTKLKGFAKSTGVVLVVICHLKNPDKGKAHEEGRPVSITDLRGSGALRQLSDTII
ALERNQQGDMPNLVLVRILKCRFTGDTGIAGYMEYNKETGWLEPSSYSG
;
_entity_poly.pdbx_strand_id   A,B,C,D,E,F
#
# COMPACT_ATOMS: atom_id res chain seq x y z
N ILE A 1 19.86 -17.10 -48.52
CA ILE A 1 21.02 -17.75 -47.81
C ILE A 1 20.47 -18.73 -46.70
N PRO A 2 20.93 -20.02 -46.69
CA PRO A 2 20.62 -21.18 -45.79
C PRO A 2 20.41 -21.20 -44.25
N ASP A 3 21.41 -21.61 -43.45
CA ASP A 3 21.29 -21.62 -41.96
C ASP A 3 21.07 -22.93 -41.20
N GLY A 4 22.11 -23.68 -40.83
CA GLY A 4 21.94 -24.91 -40.03
C GLY A 4 21.14 -26.17 -40.43
N VAL A 5 20.88 -26.38 -41.72
CA VAL A 5 20.13 -27.57 -42.14
C VAL A 5 21.08 -28.34 -43.03
N VAL A 6 21.56 -29.46 -42.52
CA VAL A 6 22.49 -30.29 -43.25
C VAL A 6 21.76 -31.36 -44.06
N SER A 7 22.41 -31.85 -45.13
CA SER A 7 21.82 -32.89 -45.97
C SER A 7 22.46 -34.19 -45.54
N ALA A 8 21.73 -35.30 -45.67
CA ALA A 8 22.26 -36.59 -45.24
C ALA A 8 23.56 -36.94 -45.94
N LEU A 9 23.67 -36.62 -47.22
CA LEU A 9 24.88 -36.94 -47.95
C LEU A 9 26.14 -36.37 -47.35
N SER A 10 26.03 -35.20 -46.72
CA SER A 10 27.21 -34.59 -46.15
C SER A 10 27.51 -35.06 -44.72
N LEU A 11 26.78 -36.06 -44.24
CA LEU A 11 26.99 -36.53 -42.87
C LEU A 11 27.90 -37.75 -42.78
N ARG A 12 28.31 -38.23 -43.95
CA ARG A 12 29.15 -39.40 -44.07
C ARG A 12 30.22 -39.59 -43.01
N GLU A 13 31.20 -38.70 -42.97
CA GLU A 13 32.25 -38.83 -41.99
C GLU A 13 31.68 -38.73 -40.60
N ARG A 14 30.90 -37.69 -40.36
CA ARG A 14 30.29 -37.51 -39.05
C ARG A 14 29.58 -38.77 -38.60
N ILE A 15 28.84 -39.41 -39.50
CA ILE A 15 28.15 -40.64 -39.12
C ILE A 15 29.19 -41.68 -38.81
N ARG A 16 30.23 -41.76 -39.64
CA ARG A 16 31.27 -42.76 -39.41
C ARG A 16 31.91 -42.64 -38.04
N GLU A 17 32.35 -41.44 -37.69
CA GLU A 17 32.96 -41.21 -36.39
C GLU A 17 31.96 -41.73 -35.36
N HIS A 18 30.74 -41.25 -35.45
CA HIS A 18 29.69 -41.65 -34.54
C HIS A 18 29.58 -43.16 -34.39
N LEU A 19 29.52 -43.88 -35.50
CA LEU A 19 29.36 -45.32 -35.43
C LEU A 19 30.40 -46.12 -34.65
N SER A 20 31.64 -45.64 -34.66
CA SER A 20 32.72 -46.32 -33.94
C SER A 20 32.81 -45.82 -32.50
N SER A 21 32.57 -46.72 -31.56
CA SER A 21 32.57 -46.41 -30.14
C SER A 21 31.38 -45.51 -29.80
N SER A 24 30.23 -52.58 -23.94
CA SER A 24 28.92 -53.09 -24.36
C SER A 24 28.02 -53.29 -23.13
N VAL A 25 28.63 -53.68 -22.02
CA VAL A 25 27.94 -53.90 -20.76
C VAL A 25 28.91 -53.62 -19.61
N GLY A 26 28.62 -52.57 -18.83
CA GLY A 26 29.48 -52.21 -17.71
C GLY A 26 28.67 -51.60 -16.59
N LEU A 27 29.03 -51.91 -15.36
CA LEU A 27 28.33 -51.37 -14.21
C LEU A 27 26.83 -51.50 -14.26
N LEU A 28 26.33 -52.54 -13.62
CA LEU A 28 24.90 -52.76 -13.57
C LEU A 28 24.37 -52.18 -12.28
N PHE A 29 23.31 -51.41 -12.39
CA PHE A 29 22.69 -50.77 -11.25
C PHE A 29 22.29 -51.80 -10.19
N SER A 30 22.00 -51.32 -8.98
CA SER A 30 21.58 -52.19 -7.88
C SER A 30 20.27 -51.67 -7.31
N GLY A 31 19.40 -52.61 -6.92
CA GLY A 31 18.11 -52.26 -6.37
C GLY A 31 16.94 -52.80 -7.17
N CYS A 32 17.18 -53.08 -8.45
CA CYS A 32 16.14 -53.60 -9.32
C CYS A 32 16.67 -54.06 -10.66
N THR A 33 16.75 -55.38 -10.85
CA THR A 33 17.20 -55.90 -12.13
C THR A 33 16.12 -55.40 -13.05
N GLY A 34 16.39 -55.36 -14.35
CA GLY A 34 15.36 -54.84 -15.22
C GLY A 34 15.86 -53.47 -15.61
N ILE A 35 16.35 -52.68 -14.65
CA ILE A 35 16.87 -51.40 -15.04
C ILE A 35 17.96 -51.81 -16.03
N ASN A 36 18.65 -52.89 -15.68
CA ASN A 36 19.72 -53.43 -16.52
C ASN A 36 19.16 -54.08 -17.77
N ASP A 37 18.09 -54.84 -17.58
CA ASP A 37 17.43 -55.50 -18.69
C ASP A 37 17.14 -54.47 -19.76
N LYS A 38 16.58 -53.33 -19.36
CA LYS A 38 16.25 -52.27 -20.30
C LYS A 38 17.38 -51.29 -20.62
N THR A 39 18.54 -51.41 -19.98
CA THR A 39 19.63 -50.47 -20.24
C THR A 39 20.99 -51.14 -20.35
N LEU A 40 21.09 -52.37 -19.84
CA LEU A 40 22.36 -53.09 -19.88
C LEU A 40 23.42 -52.37 -19.06
N GLY A 41 22.98 -51.57 -18.08
CA GLY A 41 23.91 -50.86 -17.22
C GLY A 41 24.33 -49.49 -17.72
N ALA A 42 25.44 -48.98 -17.18
CA ALA A 42 25.93 -47.66 -17.56
C ALA A 42 27.29 -47.72 -18.26
N ARG A 43 27.38 -47.04 -19.41
CA ARG A 43 28.60 -46.99 -20.22
C ARG A 43 29.46 -45.77 -19.88
N GLY A 44 30.77 -45.91 -20.05
CA GLY A 44 31.65 -44.78 -19.79
C GLY A 44 31.28 -43.78 -20.86
N GLY A 45 31.53 -42.50 -20.60
CA GLY A 45 31.21 -41.47 -21.59
C GLY A 45 29.74 -41.12 -21.61
N GLU A 46 28.91 -42.07 -21.16
CA GLU A 46 27.46 -41.88 -21.10
C GLU A 46 27.07 -40.95 -19.93
N VAL A 47 25.89 -40.36 -20.01
CA VAL A 47 25.42 -39.44 -18.96
C VAL A 47 24.08 -39.97 -18.44
N ILE A 48 24.06 -40.49 -17.22
CA ILE A 48 22.82 -41.02 -16.64
C ILE A 48 22.04 -39.91 -15.90
N MET A 49 20.73 -39.88 -16.09
CA MET A 49 19.88 -38.86 -15.47
C MET A 49 18.81 -39.52 -14.58
N VAL A 50 18.87 -39.23 -13.28
CA VAL A 50 17.92 -39.76 -12.33
C VAL A 50 17.13 -38.58 -11.75
N THR A 51 15.82 -38.75 -11.67
CA THR A 51 14.94 -37.70 -11.16
C THR A 51 13.66 -38.26 -10.56
N SER A 52 12.91 -37.37 -9.91
CA SER A 52 11.64 -37.74 -9.30
C SER A 52 11.08 -36.55 -8.55
N GLY A 53 9.89 -36.75 -7.97
CA GLY A 53 9.27 -35.71 -7.20
C GLY A 53 10.17 -35.30 -6.05
N SER A 54 9.79 -34.24 -5.33
CA SER A 54 10.62 -33.78 -4.23
C SER A 54 10.58 -34.70 -3.01
N GLY A 55 11.73 -35.29 -2.67
CA GLY A 55 11.79 -36.17 -1.52
C GLY A 55 11.19 -37.55 -1.75
N MET A 56 11.44 -38.13 -2.91
CA MET A 56 10.90 -39.46 -3.18
C MET A 56 11.98 -40.53 -3.28
N GLY A 57 13.24 -40.11 -3.14
CA GLY A 57 14.35 -41.05 -3.20
C GLY A 57 15.34 -40.93 -4.34
N LYS A 58 15.53 -39.71 -4.85
CA LYS A 58 16.45 -39.49 -5.95
C LYS A 58 17.85 -39.73 -5.42
N SER A 59 18.24 -38.93 -4.43
CA SER A 59 19.56 -39.05 -3.83
C SER A 59 19.79 -40.45 -3.27
N THR A 60 18.76 -41.01 -2.66
CA THR A 60 18.86 -42.34 -2.09
C THR A 60 19.28 -43.34 -3.16
N PHE A 61 18.52 -43.38 -4.24
CA PHE A 61 18.80 -44.29 -5.35
C PHE A 61 20.26 -44.13 -5.82
N VAL A 62 20.62 -42.89 -6.15
CA VAL A 62 21.95 -42.59 -6.62
C VAL A 62 23.03 -43.03 -5.65
N ARG A 63 22.79 -42.82 -4.36
CA ARG A 63 23.75 -43.21 -3.32
C ARG A 63 23.98 -44.72 -3.31
N GLN A 64 22.88 -45.47 -3.38
CA GLN A 64 22.96 -46.92 -3.39
C GLN A 64 23.85 -47.36 -4.54
N GLN A 65 23.73 -46.68 -5.67
CA GLN A 65 24.56 -46.99 -6.84
C GLN A 65 26.03 -46.74 -6.49
N ALA A 66 26.31 -45.56 -5.95
CA ALA A 66 27.66 -45.20 -5.55
C ALA A 66 28.29 -46.28 -4.69
N LEU A 67 27.54 -46.69 -3.67
CA LEU A 67 28.01 -47.70 -2.73
C LEU A 67 28.27 -49.08 -3.35
N GLN A 68 27.38 -49.54 -4.23
CA GLN A 68 27.62 -50.84 -4.82
C GLN A 68 28.80 -50.74 -5.77
N TRP A 69 28.83 -49.70 -6.59
CA TRP A 69 29.93 -49.56 -7.53
C TRP A 69 31.27 -49.39 -6.84
N GLY A 70 31.30 -48.64 -5.75
CA GLY A 70 32.56 -48.42 -5.03
C GLY A 70 32.95 -49.50 -4.05
N THR A 71 32.15 -50.56 -3.99
CA THR A 71 32.38 -51.67 -3.08
C THR A 71 32.46 -52.99 -3.84
N ALA A 72 31.30 -53.57 -4.13
CA ALA A 72 31.18 -54.83 -4.86
C ALA A 72 32.02 -54.85 -6.14
N MET A 73 31.85 -53.82 -6.97
CA MET A 73 32.57 -53.71 -8.24
C MET A 73 33.82 -52.81 -8.23
N GLY A 74 34.50 -52.76 -7.09
CA GLY A 74 35.70 -51.96 -6.93
C GLY A 74 36.00 -50.77 -7.84
N LYS A 75 35.05 -49.87 -7.99
CA LYS A 75 35.25 -48.71 -8.84
C LYS A 75 35.50 -47.45 -8.02
N LYS A 76 36.26 -46.50 -8.58
CA LYS A 76 36.53 -45.24 -7.89
C LYS A 76 35.37 -44.27 -8.14
N VAL A 77 34.63 -43.94 -7.08
CA VAL A 77 33.49 -43.06 -7.21
C VAL A 77 33.74 -41.63 -6.73
N GLY A 78 33.27 -40.68 -7.55
CA GLY A 78 33.37 -39.27 -7.21
C GLY A 78 31.97 -38.85 -6.81
N LEU A 79 31.84 -38.27 -5.63
CA LEU A 79 30.55 -37.83 -5.13
C LEU A 79 30.55 -36.33 -5.00
N ALA A 80 29.54 -35.68 -5.56
CA ALA A 80 29.41 -34.24 -5.48
C ALA A 80 27.98 -33.89 -5.08
N MET A 81 27.68 -34.01 -3.80
CA MET A 81 26.35 -33.70 -3.31
C MET A 81 26.36 -32.25 -2.83
N LEU A 82 26.02 -31.34 -3.73
CA LEU A 82 26.00 -29.91 -3.43
C LEU A 82 25.01 -29.47 -2.37
N GLU A 83 24.18 -30.38 -1.88
CA GLU A 83 23.19 -30.03 -0.88
C GLU A 83 23.37 -30.70 0.47
N GLU A 84 24.55 -31.25 0.73
CA GLU A 84 24.78 -31.93 1.99
C GLU A 84 26.26 -31.97 2.32
N SER A 85 26.59 -31.93 3.61
CA SER A 85 27.97 -31.98 4.04
C SER A 85 28.61 -33.33 3.69
N VAL A 86 29.91 -33.32 3.44
CA VAL A 86 30.64 -34.54 3.11
C VAL A 86 30.34 -35.58 4.19
N GLU A 87 30.42 -35.14 5.44
CA GLU A 87 30.18 -36.00 6.59
C GLU A 87 28.79 -36.62 6.50
N GLU A 88 27.83 -35.82 6.07
CA GLU A 88 26.48 -36.29 5.90
C GLU A 88 26.46 -37.42 4.87
N THR A 89 26.88 -37.13 3.65
CA THR A 89 26.87 -38.17 2.64
C THR A 89 27.68 -39.37 3.13
N ALA A 90 28.78 -39.11 3.85
CA ALA A 90 29.61 -40.18 4.38
C ALA A 90 28.80 -41.06 5.34
N GLU A 91 28.00 -40.41 6.17
CA GLU A 91 27.16 -41.09 7.15
C GLU A 91 26.23 -42.07 6.42
N ASP A 92 25.56 -41.57 5.37
CA ASP A 92 24.63 -42.37 4.56
C ASP A 92 25.31 -43.61 4.00
N LEU A 93 26.47 -43.44 3.40
CA LEU A 93 27.25 -44.52 2.83
C LEU A 93 27.61 -45.53 3.91
N ILE A 94 28.18 -45.04 5.01
CA ILE A 94 28.57 -45.88 6.12
C ILE A 94 27.40 -46.66 6.65
N GLY A 95 26.26 -45.99 6.79
CA GLY A 95 25.08 -46.65 7.30
C GLY A 95 24.53 -47.68 6.33
N LEU A 96 24.38 -47.28 5.08
CA LEU A 96 23.87 -48.15 4.06
C LEU A 96 24.72 -49.42 4.02
N HIS A 97 26.03 -49.22 3.91
CA HIS A 97 26.96 -50.33 3.88
C HIS A 97 26.72 -51.34 5.01
N ASN A 98 26.23 -50.87 6.15
CA ASN A 98 25.97 -51.76 7.28
C ASN A 98 24.49 -52.07 7.54
N ARG A 99 23.64 -51.72 6.58
CA ARG A 99 22.19 -51.98 6.68
C ARG A 99 21.50 -51.30 7.86
N VAL A 100 21.82 -50.04 8.10
CA VAL A 100 21.20 -49.32 9.19
C VAL A 100 20.99 -47.86 8.82
N ARG A 101 19.89 -47.28 9.31
CA ARG A 101 19.59 -45.88 9.03
C ARG A 101 20.22 -45.04 10.14
N LEU A 102 21.53 -44.92 10.02
CA LEU A 102 22.35 -44.19 10.97
C LEU A 102 21.75 -42.82 11.27
N ARG A 103 21.24 -42.14 10.25
CA ARG A 103 20.70 -40.82 10.49
C ARG A 103 19.45 -40.79 11.34
N GLN A 104 18.57 -41.76 11.17
CA GLN A 104 17.33 -41.76 11.94
C GLN A 104 17.51 -42.34 13.33
N SER A 105 18.74 -42.41 13.83
CA SER A 105 19.00 -43.00 15.13
C SER A 105 20.11 -42.32 15.94
N ASP A 106 19.72 -41.57 16.97
CA ASP A 106 20.71 -40.89 17.77
C ASP A 106 21.31 -41.89 18.73
N SER A 107 20.60 -42.98 18.95
CA SER A 107 21.08 -44.01 19.85
C SER A 107 22.19 -44.79 19.17
N LEU A 108 21.91 -45.24 17.95
CA LEU A 108 22.86 -46.01 17.16
C LEU A 108 24.14 -45.22 16.89
N LYS A 109 23.99 -43.95 16.57
CA LYS A 109 25.16 -43.13 16.34
C LYS A 109 26.00 -43.15 17.62
N ARG A 110 25.38 -42.79 18.75
CA ARG A 110 26.06 -42.77 20.05
C ARG A 110 26.73 -44.13 20.25
N GLU A 111 25.94 -45.19 20.06
CA GLU A 111 26.42 -46.56 20.19
C GLU A 111 27.71 -46.80 19.47
N ILE A 112 27.65 -46.87 18.14
CA ILE A 112 28.84 -47.13 17.33
C ILE A 112 30.03 -46.28 17.67
N ILE A 113 29.83 -45.05 18.15
CA ILE A 113 30.98 -44.23 18.51
C ILE A 113 31.60 -44.67 19.84
N GLU A 114 30.76 -45.06 20.79
CA GLU A 114 31.23 -45.47 22.11
C GLU A 114 31.74 -46.91 22.14
N ASN A 115 30.98 -47.84 21.57
CA ASN A 115 31.41 -49.24 21.55
C ASN A 115 32.55 -49.46 20.56
N GLY A 116 32.98 -48.38 19.90
CA GLY A 116 34.08 -48.47 18.95
C GLY A 116 33.81 -48.93 17.52
N LYS A 117 32.59 -49.39 17.24
CA LYS A 117 32.26 -49.87 15.90
C LYS A 117 32.43 -48.88 14.75
N PHE A 118 32.27 -47.58 15.01
CA PHE A 118 32.44 -46.59 13.96
C PHE A 118 33.72 -46.79 13.18
N ASP A 119 34.86 -46.83 13.88
CA ASP A 119 36.16 -47.03 13.21
C ASP A 119 36.21 -48.30 12.37
N GLN A 120 35.68 -49.37 12.91
CA GLN A 120 35.62 -50.65 12.22
C GLN A 120 34.89 -50.42 10.89
N TRP A 121 33.64 -49.97 10.99
CA TRP A 121 32.80 -49.71 9.83
C TRP A 121 33.47 -48.73 8.87
N PHE A 122 34.05 -47.66 9.42
CA PHE A 122 34.70 -46.66 8.62
C PHE A 122 35.79 -47.22 7.74
N ASP A 123 36.63 -48.09 8.30
CA ASP A 123 37.71 -48.69 7.51
C ASP A 123 37.15 -49.76 6.59
N GLU A 124 36.31 -50.63 7.14
CA GLU A 124 35.73 -51.68 6.35
C GLU A 124 35.14 -51.15 5.04
N LEU A 125 34.80 -49.87 5.02
CA LEU A 125 34.20 -49.23 3.84
C LEU A 125 35.15 -48.32 3.08
N PHE A 126 35.64 -47.29 3.74
CA PHE A 126 36.57 -46.35 3.12
C PHE A 126 38.00 -46.86 3.12
N GLY A 127 38.18 -48.15 3.37
CA GLY A 127 39.51 -48.72 3.38
C GLY A 127 40.20 -48.67 2.02
N ASN A 128 39.60 -49.30 1.02
CA ASN A 128 40.16 -49.33 -0.32
C ASN A 128 40.34 -47.99 -1.04
N ASP A 129 40.04 -46.89 -0.36
CA ASP A 129 40.18 -45.56 -0.94
C ASP A 129 39.48 -45.36 -2.29
N THR A 130 38.23 -45.82 -2.37
CA THR A 130 37.46 -45.70 -3.60
C THR A 130 36.51 -44.51 -3.65
N PHE A 131 36.24 -43.90 -2.50
CA PHE A 131 35.32 -42.76 -2.44
C PHE A 131 36.02 -41.43 -2.23
N HIS A 132 35.55 -40.41 -2.93
CA HIS A 132 36.11 -39.06 -2.84
C HIS A 132 34.94 -38.12 -3.07
N LEU A 133 34.97 -36.97 -2.40
CA LEU A 133 33.86 -36.02 -2.49
C LEU A 133 34.24 -34.57 -2.70
N TYR A 134 33.28 -33.81 -3.25
CA TYR A 134 33.47 -32.38 -3.43
C TYR A 134 33.17 -31.92 -2.01
N ASP A 135 33.54 -30.69 -1.65
CA ASP A 135 33.32 -30.22 -0.29
C ASP A 135 33.02 -28.74 -0.18
N SER A 136 31.89 -28.40 0.44
CA SER A 136 31.56 -26.98 0.62
C SER A 136 30.17 -26.71 1.19
N PHE A 137 29.22 -26.50 0.28
CA PHE A 137 27.82 -26.15 0.54
C PHE A 137 27.77 -24.69 0.13
N ALA A 138 28.96 -24.12 -0.06
CA ALA A 138 29.14 -22.72 -0.48
C ALA A 138 29.10 -22.70 -2.01
N GLU A 139 27.92 -22.33 -2.54
CA GLU A 139 27.62 -22.25 -3.97
C GLU A 139 28.79 -22.40 -4.93
N ALA A 140 28.72 -23.45 -5.76
CA ALA A 140 29.75 -23.77 -6.74
C ALA A 140 29.40 -23.30 -8.15
N GLU A 141 30.36 -22.68 -8.82
CA GLU A 141 30.18 -22.18 -10.18
C GLU A 141 30.39 -23.29 -11.22
N THR A 142 29.74 -23.16 -12.37
CA THR A 142 29.81 -24.16 -13.45
C THR A 142 31.23 -24.65 -13.73
N ASP A 143 32.04 -23.80 -14.37
CA ASP A 143 33.41 -24.19 -14.68
C ASP A 143 34.13 -24.64 -13.39
N ARG A 144 33.89 -23.88 -12.32
CA ARG A 144 34.46 -24.14 -10.99
C ARG A 144 34.22 -25.61 -10.68
N LEU A 145 32.95 -25.99 -10.64
CA LEU A 145 32.54 -27.36 -10.35
C LEU A 145 33.13 -28.34 -11.36
N LEU A 146 32.97 -28.06 -12.65
CA LEU A 146 33.47 -28.95 -13.68
C LEU A 146 34.94 -29.31 -13.54
N ALA A 147 35.78 -28.31 -13.30
CA ALA A 147 37.21 -28.56 -13.14
C ALA A 147 37.34 -29.62 -12.06
N LYS A 148 36.71 -29.33 -10.92
CA LYS A 148 36.72 -30.24 -9.78
C LYS A 148 36.28 -31.63 -10.18
N LEU A 149 35.22 -31.73 -10.98
CA LEU A 149 34.76 -33.05 -11.42
C LEU A 149 35.83 -33.64 -12.33
N ALA A 150 36.44 -32.75 -13.12
CA ALA A 150 37.51 -33.13 -14.07
C ALA A 150 38.72 -33.67 -13.31
N TYR A 151 38.99 -33.06 -12.15
CA TYR A 151 40.11 -33.50 -11.31
C TYR A 151 39.82 -34.86 -10.71
N MET A 152 38.57 -35.08 -10.31
CA MET A 152 38.22 -36.36 -9.73
C MET A 152 38.46 -37.47 -10.76
N ARG A 153 38.12 -37.19 -12.01
CA ARG A 153 38.28 -38.16 -13.08
C ARG A 153 39.72 -38.36 -13.50
N SER A 154 40.39 -37.24 -13.77
CA SER A 154 41.77 -37.29 -14.20
C SER A 154 42.76 -37.35 -13.04
N GLY A 155 42.56 -36.48 -12.06
CA GLY A 155 43.44 -36.45 -10.91
C GLY A 155 43.36 -37.68 -10.02
N LEU A 156 42.18 -38.00 -9.52
CA LEU A 156 41.99 -39.13 -8.62
C LEU A 156 41.60 -40.40 -9.38
N GLY A 157 41.30 -40.22 -10.66
CA GLY A 157 40.94 -41.34 -11.52
C GLY A 157 39.65 -42.08 -11.22
N CYS A 158 38.55 -41.35 -11.08
CA CYS A 158 37.27 -41.98 -10.78
C CYS A 158 36.65 -42.60 -12.03
N ASP A 159 35.88 -43.66 -11.82
CA ASP A 159 35.18 -44.38 -12.89
C ASP A 159 33.76 -43.81 -13.05
N VAL A 160 33.17 -43.44 -11.91
CA VAL A 160 31.83 -42.87 -11.83
C VAL A 160 31.92 -41.50 -11.18
N ILE A 161 30.99 -40.62 -11.49
CA ILE A 161 30.93 -39.30 -10.88
C ILE A 161 29.46 -38.97 -10.66
N ILE A 162 29.11 -38.72 -9.40
CA ILE A 162 27.73 -38.41 -9.05
C ILE A 162 27.60 -36.93 -8.75
N LEU A 163 26.80 -36.23 -9.53
CA LEU A 163 26.57 -34.82 -9.28
C LEU A 163 25.12 -34.68 -8.88
N ASP A 164 24.88 -34.63 -7.57
CA ASP A 164 23.52 -34.53 -7.04
C ASP A 164 22.92 -33.14 -7.12
N HIS A 165 21.91 -33.03 -7.98
CA HIS A 165 21.14 -31.81 -8.18
C HIS A 165 21.78 -30.83 -9.18
N ILE A 166 21.24 -30.78 -10.39
CA ILE A 166 21.75 -29.88 -11.42
C ILE A 166 20.84 -28.68 -11.61
N SER A 167 20.58 -27.96 -10.53
CA SER A 167 19.74 -26.77 -10.60
C SER A 167 20.50 -25.77 -9.77
N ILE A 168 21.38 -26.31 -8.94
CA ILE A 168 22.24 -25.49 -8.11
C ILE A 168 23.32 -25.12 -9.13
N VAL A 169 23.02 -24.08 -9.89
CA VAL A 169 23.92 -23.62 -10.93
C VAL A 169 25.01 -22.71 -10.37
N VAL A 170 24.63 -21.52 -9.92
CA VAL A 170 25.56 -20.55 -9.36
C VAL A 170 26.63 -20.15 -10.38
N SER A 171 26.25 -19.36 -11.39
CA SER A 171 27.19 -18.95 -12.42
C SER A 171 26.74 -17.76 -13.25
N ALA A 172 27.72 -17.03 -13.79
CA ALA A 172 27.50 -15.86 -14.64
C ALA A 172 26.08 -15.28 -14.58
N SER A 173 25.72 -14.70 -13.44
CA SER A 173 24.40 -14.11 -13.26
C SER A 173 24.23 -12.78 -14.00
N GLY A 174 23.09 -12.65 -14.69
CA GLY A 174 22.79 -11.44 -15.44
C GLY A 174 22.09 -11.77 -16.74
N GLU A 175 21.98 -13.07 -17.03
CA GLU A 175 21.32 -13.56 -18.24
C GLU A 175 20.03 -14.26 -17.84
N SER A 176 18.90 -13.64 -18.21
CA SER A 176 17.55 -14.12 -17.88
C SER A 176 17.34 -15.63 -17.88
N ASP A 177 16.16 -16.03 -17.42
CA ASP A 177 15.77 -17.43 -17.34
C ASP A 177 16.93 -18.39 -17.30
N GLU A 178 17.23 -18.88 -16.11
CA GLU A 178 18.31 -19.81 -15.90
C GLU A 178 18.06 -21.07 -16.74
N ARG A 179 17.04 -21.01 -17.60
CA ARG A 179 16.70 -22.13 -18.47
C ARG A 179 17.84 -22.48 -19.41
N LYS A 180 18.69 -21.51 -19.69
CA LYS A 180 19.83 -21.75 -20.57
C LYS A 180 20.98 -22.28 -19.73
N MET A 181 21.10 -21.78 -18.51
CA MET A 181 22.17 -22.23 -17.62
C MET A 181 22.11 -23.75 -17.63
N ILE A 182 20.95 -24.28 -17.25
CA ILE A 182 20.73 -25.72 -17.20
C ILE A 182 21.13 -26.37 -18.51
N ASP A 183 20.86 -25.70 -19.62
CA ASP A 183 21.17 -26.23 -20.94
C ASP A 183 22.66 -26.17 -21.25
N ASN A 184 23.29 -25.05 -20.93
CA ASN A 184 24.72 -24.88 -21.19
C ASN A 184 25.50 -25.88 -20.36
N LEU A 185 25.25 -25.87 -19.06
CA LEU A 185 25.92 -26.77 -18.14
C LEU A 185 25.84 -28.21 -18.64
N MET A 186 24.63 -28.62 -19.04
CA MET A 186 24.40 -29.97 -19.55
C MET A 186 25.30 -30.34 -20.73
N THR A 187 25.57 -29.37 -21.60
CA THR A 187 26.42 -29.61 -22.76
C THR A 187 27.85 -29.82 -22.25
N LYS A 188 28.24 -28.99 -21.29
CA LYS A 188 29.57 -29.07 -20.69
C LYS A 188 29.72 -30.39 -19.96
N LEU A 189 28.63 -30.86 -19.37
CA LEU A 189 28.64 -32.13 -18.66
C LEU A 189 28.69 -33.30 -19.64
N LYS A 190 27.81 -33.28 -20.64
CA LYS A 190 27.77 -34.34 -21.65
C LYS A 190 29.11 -34.39 -22.37
N GLY A 191 29.65 -33.22 -22.69
CA GLY A 191 30.94 -33.16 -23.36
C GLY A 191 32.06 -33.77 -22.53
N PHE A 192 32.18 -33.31 -21.29
CA PHE A 192 33.19 -33.80 -20.37
C PHE A 192 33.10 -35.33 -20.23
N ALA A 193 31.88 -35.83 -20.09
CA ALA A 193 31.66 -37.28 -19.94
C ALA A 193 32.16 -38.08 -21.13
N LYS A 194 31.80 -37.60 -22.33
CA LYS A 194 32.17 -38.22 -23.58
C LYS A 194 33.69 -38.26 -23.82
N SER A 195 34.36 -37.13 -23.58
CA SER A 195 35.80 -37.06 -23.77
C SER A 195 36.57 -37.97 -22.81
N THR A 196 36.45 -37.73 -21.51
CA THR A 196 37.15 -38.52 -20.49
C THR A 196 36.67 -39.96 -20.39
N GLY A 197 35.41 -40.19 -20.75
CA GLY A 197 34.88 -41.54 -20.70
C GLY A 197 34.44 -42.01 -19.32
N VAL A 198 34.24 -41.05 -18.41
CA VAL A 198 33.80 -41.37 -17.06
C VAL A 198 32.28 -41.53 -17.06
N VAL A 199 31.76 -42.42 -16.22
CA VAL A 199 30.31 -42.61 -16.11
C VAL A 199 29.79 -41.43 -15.27
N LEU A 200 28.85 -40.69 -15.81
CA LEU A 200 28.32 -39.53 -15.09
C LEU A 200 26.84 -39.70 -14.74
N VAL A 201 26.53 -39.70 -13.45
CA VAL A 201 25.14 -39.82 -13.03
C VAL A 201 24.80 -38.45 -12.48
N VAL A 202 23.73 -37.85 -13.02
CA VAL A 202 23.28 -36.53 -12.61
C VAL A 202 21.83 -36.57 -12.19
N ILE A 203 21.49 -35.70 -11.26
CA ILE A 203 20.13 -35.63 -10.75
C ILE A 203 19.55 -34.24 -11.06
N CYS A 204 18.28 -34.21 -11.47
CA CYS A 204 17.61 -32.96 -11.76
C CYS A 204 16.18 -33.10 -11.25
N HIS A 205 15.57 -31.97 -10.92
CA HIS A 205 14.21 -31.96 -10.43
C HIS A 205 13.18 -32.01 -11.55
N LEU A 206 11.90 -31.98 -11.17
CA LEU A 206 10.80 -31.99 -12.12
C LEU A 206 10.00 -30.71 -11.95
N LYS A 207 9.26 -30.34 -12.98
CA LYS A 207 8.43 -29.15 -12.93
C LYS A 207 7.22 -29.53 -12.09
N ASN A 208 6.63 -28.56 -11.42
CA ASN A 208 5.47 -28.87 -10.62
C ASN A 208 4.25 -28.76 -11.53
N PRO A 209 3.73 -29.91 -11.99
CA PRO A 209 2.58 -29.97 -12.90
C PRO A 209 1.37 -29.12 -12.52
N ASP A 210 1.10 -29.02 -11.23
CA ASP A 210 -0.04 -28.25 -10.74
C ASP A 210 -1.10 -28.13 -11.84
N LYS A 211 -1.59 -29.29 -12.25
CA LYS A 211 -2.59 -29.41 -13.28
C LYS A 211 -2.94 -30.90 -13.28
N GLY A 212 -3.62 -31.30 -12.22
CA GLY A 212 -4.01 -32.69 -12.04
C GLY A 212 -3.62 -33.13 -10.64
N LYS A 213 -3.36 -34.43 -10.49
CA LYS A 213 -2.95 -34.99 -9.20
C LYS A 213 -1.51 -35.40 -9.45
N ALA A 214 -0.58 -34.78 -8.72
CA ALA A 214 0.82 -35.03 -8.97
C ALA A 214 1.79 -35.79 -8.09
N HIS A 215 2.91 -36.09 -8.74
CA HIS A 215 4.09 -36.79 -8.25
C HIS A 215 4.10 -37.46 -6.90
N GLU A 216 4.16 -36.67 -5.83
CA GLU A 216 4.16 -37.26 -4.52
C GLU A 216 2.92 -38.15 -4.32
N GLU A 217 2.01 -38.12 -5.28
CA GLU A 217 0.79 -38.93 -5.17
C GLU A 217 0.66 -39.94 -6.30
N GLY A 218 1.80 -40.40 -6.80
CA GLY A 218 1.77 -41.33 -7.91
C GLY A 218 1.96 -40.47 -9.16
N ARG A 219 1.27 -40.79 -10.23
CA ARG A 219 1.41 -39.99 -11.44
C ARG A 219 2.73 -40.24 -12.10
N PRO A 220 2.70 -40.97 -13.22
CA PRO A 220 3.96 -41.23 -13.90
C PRO A 220 4.57 -39.92 -14.37
N VAL A 221 5.90 -39.87 -14.37
CA VAL A 221 6.59 -38.69 -14.81
C VAL A 221 6.91 -38.94 -16.29
N SER A 222 6.80 -37.89 -17.10
CA SER A 222 7.09 -37.97 -18.54
C SER A 222 8.28 -37.08 -18.90
N ILE A 223 8.92 -37.33 -20.05
CA ILE A 223 10.07 -36.54 -20.45
C ILE A 223 9.82 -35.04 -20.40
N THR A 224 8.60 -34.64 -20.67
CA THR A 224 8.23 -33.23 -20.66
C THR A 224 8.36 -32.61 -19.26
N ASP A 225 7.99 -33.39 -18.23
CA ASP A 225 8.03 -32.92 -16.84
C ASP A 225 9.41 -32.49 -16.37
N LEU A 226 10.46 -33.06 -16.95
CA LEU A 226 11.81 -32.70 -16.52
C LEU A 226 12.07 -31.20 -16.44
N ARG A 227 12.53 -30.77 -15.27
CA ARG A 227 12.86 -29.37 -15.03
C ARG A 227 13.90 -29.01 -16.06
N GLY A 228 14.21 -27.73 -16.17
CA GLY A 228 15.21 -27.34 -17.16
C GLY A 228 14.67 -27.62 -18.56
N SER A 229 14.64 -26.59 -19.38
CA SER A 229 14.14 -26.70 -20.74
C SER A 229 14.80 -27.85 -21.53
N GLY A 230 14.13 -28.99 -21.52
CA GLY A 230 14.59 -30.18 -22.20
C GLY A 230 15.87 -30.16 -23.02
N ALA A 231 16.96 -29.71 -22.42
CA ALA A 231 18.23 -29.71 -23.11
C ALA A 231 18.90 -30.96 -22.60
N LEU A 232 18.50 -31.35 -21.39
CA LEU A 232 19.00 -32.53 -20.73
C LEU A 232 18.28 -33.79 -21.19
N ARG A 233 17.00 -33.68 -21.52
CA ARG A 233 16.26 -34.85 -22.01
C ARG A 233 16.96 -35.22 -23.31
N GLN A 234 17.95 -34.41 -23.65
CA GLN A 234 18.71 -34.57 -24.87
C GLN A 234 20.15 -35.01 -24.67
N LEU A 235 20.97 -34.15 -24.06
CA LEU A 235 22.36 -34.50 -23.81
C LEU A 235 22.55 -35.76 -22.98
N SER A 236 21.61 -36.04 -22.07
CA SER A 236 21.72 -37.22 -21.24
C SER A 236 21.36 -38.47 -22.05
N ASP A 237 22.17 -39.51 -21.92
CA ASP A 237 21.95 -40.75 -22.64
C ASP A 237 20.84 -41.60 -22.05
N THR A 238 20.86 -41.76 -20.73
CA THR A 238 19.83 -42.57 -20.09
C THR A 238 19.07 -41.75 -19.05
N ILE A 239 17.78 -42.02 -18.92
CA ILE A 239 16.98 -41.30 -17.97
C ILE A 239 16.08 -42.22 -17.15
N ILE A 240 16.36 -42.30 -15.85
CA ILE A 240 15.58 -43.12 -14.93
C ILE A 240 14.61 -42.22 -14.19
N ALA A 241 13.43 -42.73 -13.87
CA ALA A 241 12.46 -41.92 -13.14
C ALA A 241 11.86 -42.74 -12.00
N LEU A 242 11.88 -42.15 -10.81
CA LEU A 242 11.35 -42.82 -9.64
C LEU A 242 10.02 -42.25 -9.25
N GLU A 243 9.04 -43.14 -9.12
CA GLU A 243 7.69 -42.73 -8.77
C GLU A 243 7.16 -43.53 -7.62
N ARG A 244 6.37 -42.88 -6.77
CA ARG A 244 5.73 -43.54 -5.67
C ARG A 244 4.58 -42.69 -5.18
N ASN A 245 3.64 -43.29 -4.46
CA ASN A 245 2.49 -42.58 -3.93
C ASN A 245 2.58 -42.62 -2.42
N GLN A 246 3.21 -41.59 -1.83
CA GLN A 246 3.39 -41.57 -0.39
C GLN A 246 2.11 -41.45 0.42
N GLN A 247 1.02 -41.10 -0.24
CA GLN A 247 -0.25 -40.99 0.47
C GLN A 247 -1.06 -42.23 0.14
N GLY A 248 -0.39 -43.30 -0.25
CA GLY A 248 -1.12 -44.52 -0.58
C GLY A 248 -0.88 -45.67 0.38
N ASP A 249 -1.25 -46.87 -0.05
CA ASP A 249 -1.07 -48.07 0.77
C ASP A 249 0.38 -48.56 0.78
N MET A 250 1.07 -48.45 -0.36
CA MET A 250 2.46 -48.87 -0.47
C MET A 250 3.36 -47.66 -0.78
N PRO A 251 3.57 -46.79 0.22
CA PRO A 251 4.39 -45.58 0.12
C PRO A 251 5.84 -45.87 -0.19
N ASN A 252 6.32 -46.99 0.34
CA ASN A 252 7.71 -47.40 0.13
C ASN A 252 7.91 -48.10 -1.19
N LEU A 253 6.81 -48.51 -1.84
CA LEU A 253 6.85 -49.17 -3.13
C LEU A 253 7.09 -48.11 -4.23
N VAL A 254 8.21 -48.26 -4.94
CA VAL A 254 8.56 -47.31 -5.98
C VAL A 254 8.65 -47.94 -7.36
N LEU A 255 8.10 -47.24 -8.36
CA LEU A 255 8.11 -47.70 -9.74
C LEU A 255 9.24 -47.01 -10.50
N VAL A 256 10.15 -47.81 -11.05
CA VAL A 256 11.27 -47.25 -11.80
C VAL A 256 10.83 -47.21 -13.24
N ARG A 257 11.06 -46.08 -13.90
CA ARG A 257 10.65 -45.93 -15.30
C ARG A 257 11.78 -45.40 -16.14
N ILE A 258 12.16 -46.15 -17.18
CA ILE A 258 13.21 -45.70 -18.08
C ILE A 258 12.55 -44.79 -19.08
N LEU A 259 12.84 -43.50 -18.97
CA LEU A 259 12.28 -42.50 -19.85
C LEU A 259 13.14 -42.42 -21.11
N LYS A 260 14.37 -42.91 -21.01
CA LYS A 260 15.28 -42.87 -22.15
C LYS A 260 16.52 -43.74 -21.99
N CYS A 261 16.91 -44.39 -23.07
CA CYS A 261 18.12 -45.23 -23.09
C CYS A 261 18.63 -45.20 -24.54
N ARG A 262 19.42 -44.17 -24.85
CA ARG A 262 19.97 -43.99 -26.20
C ARG A 262 20.53 -45.30 -26.75
N PHE A 263 21.28 -46.01 -25.92
CA PHE A 263 21.91 -47.27 -26.31
C PHE A 263 20.90 -48.36 -26.70
N THR A 264 20.07 -48.79 -25.77
CA THR A 264 19.11 -49.85 -26.07
C THR A 264 17.77 -49.35 -26.61
N GLY A 265 17.50 -48.06 -26.49
CA GLY A 265 16.24 -47.52 -26.99
C GLY A 265 15.04 -48.19 -26.33
N ASP A 266 15.35 -49.14 -25.46
CA ASP A 266 14.33 -49.89 -24.74
C ASP A 266 13.90 -49.06 -23.54
N THR A 267 12.67 -48.55 -23.57
CA THR A 267 12.15 -47.72 -22.48
C THR A 267 10.98 -48.35 -21.76
N GLY A 268 10.23 -47.52 -21.02
CA GLY A 268 9.07 -48.00 -20.29
C GLY A 268 9.38 -48.30 -18.84
N ILE A 269 8.53 -49.13 -18.22
CA ILE A 269 8.71 -49.51 -16.82
C ILE A 269 9.74 -50.61 -16.60
N ALA A 270 10.78 -50.28 -15.86
CA ALA A 270 11.85 -51.23 -15.55
C ALA A 270 11.35 -52.31 -14.59
N GLY A 271 10.79 -51.90 -13.47
CA GLY A 271 10.28 -52.83 -12.49
C GLY A 271 9.98 -52.12 -11.18
N TYR A 272 9.75 -52.89 -10.12
CA TYR A 272 9.43 -52.30 -8.83
C TYR A 272 10.45 -52.58 -7.73
N MET A 273 10.49 -51.69 -6.74
CA MET A 273 11.39 -51.82 -5.61
C MET A 273 10.64 -51.32 -4.37
N GLU A 274 11.07 -51.78 -3.20
CA GLU A 274 10.48 -51.33 -1.94
C GLU A 274 11.62 -50.79 -1.09
N TYR A 275 11.37 -49.68 -0.40
CA TYR A 275 12.38 -49.09 0.46
C TYR A 275 12.24 -49.77 1.82
N ASN A 276 13.37 -50.23 2.34
CA ASN A 276 13.39 -50.93 3.62
C ASN A 276 13.61 -49.93 4.73
N LYS A 277 12.51 -49.51 5.36
CA LYS A 277 12.55 -48.55 6.47
C LYS A 277 13.58 -48.94 7.53
N GLU A 278 13.92 -50.22 7.56
CA GLU A 278 14.89 -50.76 8.51
C GLU A 278 16.31 -50.62 8.04
N THR A 279 16.64 -51.31 6.95
CA THR A 279 17.99 -51.26 6.42
C THR A 279 18.26 -50.02 5.58
N GLY A 280 17.18 -49.41 5.09
CA GLY A 280 17.32 -48.22 4.28
C GLY A 280 17.82 -48.52 2.88
N TRP A 281 17.61 -49.76 2.45
CA TRP A 281 18.01 -50.18 1.11
C TRP A 281 16.81 -50.21 0.18
N LEU A 282 17.09 -50.05 -1.11
CA LEU A 282 16.04 -50.10 -2.12
C LEU A 282 16.07 -51.53 -2.65
N GLU A 283 15.26 -52.40 -2.05
CA GLU A 283 15.20 -53.82 -2.44
C GLU A 283 14.24 -54.09 -3.60
N PRO A 284 14.64 -54.97 -4.53
CA PRO A 284 13.74 -55.26 -5.65
C PRO A 284 12.45 -55.86 -5.13
N SER A 285 11.34 -55.43 -5.68
CA SER A 285 10.05 -55.93 -5.24
C SER A 285 9.36 -56.82 -6.26
N SER A 286 8.31 -57.46 -5.78
CA SER A 286 7.50 -58.34 -6.59
C SER A 286 6.16 -57.64 -6.69
N TYR A 287 5.82 -57.17 -7.89
CA TYR A 287 4.57 -56.43 -8.04
C TYR A 287 4.14 -56.26 -9.51
N SER A 288 2.88 -55.85 -9.68
CA SER A 288 2.29 -55.61 -10.99
C SER A 288 0.90 -54.98 -10.83
N GLY A 289 0.65 -53.89 -11.54
CA GLY A 289 -0.64 -53.22 -11.43
C GLY A 289 -1.49 -53.25 -12.69
N PRO B 2 42.91 -26.55 -9.09
CA PRO B 2 41.74 -26.20 -8.24
C PRO B 2 41.39 -27.41 -7.39
N ASP B 3 41.79 -27.42 -6.12
CA ASP B 3 41.52 -28.57 -5.27
C ASP B 3 40.71 -28.29 -4.00
N GLY B 4 39.51 -28.87 -3.97
CA GLY B 4 38.61 -28.72 -2.83
C GLY B 4 37.91 -30.06 -2.72
N VAL B 5 38.55 -31.07 -3.31
CA VAL B 5 38.02 -32.43 -3.32
C VAL B 5 38.68 -33.28 -2.23
N VAL B 6 37.87 -33.63 -1.24
CA VAL B 6 38.33 -34.42 -0.12
C VAL B 6 38.18 -35.90 -0.40
N SER B 7 38.93 -36.71 0.33
CA SER B 7 38.81 -38.14 0.19
C SER B 7 38.08 -38.63 1.43
N ALA B 8 37.19 -39.59 1.25
CA ALA B 8 36.44 -40.14 2.37
C ALA B 8 37.38 -40.44 3.54
N LEU B 9 38.47 -41.17 3.27
CA LEU B 9 39.42 -41.53 4.32
C LEU B 9 39.84 -40.34 5.18
N SER B 10 40.30 -39.28 4.53
CA SER B 10 40.74 -38.10 5.26
C SER B 10 39.66 -37.45 6.10
N LEU B 11 38.42 -37.92 6.00
CA LEU B 11 37.35 -37.28 6.75
C LEU B 11 37.01 -37.93 8.07
N ARG B 12 37.58 -39.11 8.32
CA ARG B 12 37.34 -39.87 9.54
C ARG B 12 37.04 -39.06 10.80
N GLU B 13 37.94 -38.14 11.14
CA GLU B 13 37.73 -37.33 12.32
C GLU B 13 36.54 -36.39 12.22
N ARG B 14 36.35 -35.78 11.07
CA ARG B 14 35.24 -34.86 10.84
C ARG B 14 33.93 -35.61 10.94
N ILE B 15 33.91 -36.83 10.42
CA ILE B 15 32.73 -37.69 10.48
C ILE B 15 32.52 -38.12 11.93
N ARG B 16 33.59 -38.57 12.60
CA ARG B 16 33.45 -38.98 13.98
C ARG B 16 32.83 -37.85 14.79
N GLU B 17 33.37 -36.66 14.62
CA GLU B 17 32.89 -35.49 15.33
C GLU B 17 31.41 -35.29 15.00
N HIS B 18 31.06 -35.55 13.75
CA HIS B 18 29.70 -35.40 13.29
C HIS B 18 28.75 -36.41 13.93
N LEU B 19 29.05 -37.69 13.82
CA LEU B 19 28.18 -38.71 14.40
C LEU B 19 27.79 -38.52 15.86
N SER B 20 28.61 -37.82 16.64
CA SER B 20 28.24 -37.56 18.02
C SER B 20 27.83 -36.09 18.07
N SER B 21 26.93 -35.78 18.99
CA SER B 21 26.45 -34.40 19.11
C SER B 21 26.02 -33.80 17.77
N GLU B 22 25.23 -34.60 17.03
CA GLU B 22 24.65 -34.25 15.75
C GLU B 22 23.20 -34.61 15.99
N GLU B 23 22.33 -33.63 16.17
CA GLU B 23 20.95 -33.97 16.46
C GLU B 23 19.97 -34.14 15.34
N SER B 24 19.47 -35.37 15.31
CA SER B 24 18.53 -35.88 14.33
C SER B 24 17.11 -35.94 14.86
N VAL B 25 16.99 -36.10 16.18
CA VAL B 25 15.70 -36.16 16.85
C VAL B 25 15.61 -34.87 17.64
N GLY B 26 14.47 -34.19 17.57
CA GLY B 26 14.38 -32.99 18.37
C GLY B 26 13.02 -32.36 18.49
N LEU B 27 12.67 -31.92 19.68
CA LEU B 27 11.40 -31.25 19.90
C LEU B 27 10.26 -32.06 19.31
N LEU B 28 9.74 -33.01 20.10
CA LEU B 28 8.65 -33.85 19.64
C LEU B 28 7.32 -33.10 19.69
N PHE B 29 6.48 -33.34 18.70
CA PHE B 29 5.18 -32.69 18.65
C PHE B 29 4.26 -33.32 19.70
N SER B 30 3.45 -32.51 20.35
CA SER B 30 2.52 -32.97 21.36
C SER B 30 1.14 -33.08 20.77
N GLY B 31 0.47 -34.19 21.01
CA GLY B 31 -0.87 -34.36 20.49
C GLY B 31 -1.09 -35.72 19.92
N CYS B 32 -0.02 -36.34 19.45
CA CYS B 32 -0.14 -37.63 18.85
C CYS B 32 1.22 -38.20 18.53
N THR B 33 1.53 -39.33 19.14
CA THR B 33 2.80 -39.97 18.87
C THR B 33 2.52 -40.46 17.47
N GLY B 34 3.48 -40.40 16.58
CA GLY B 34 3.19 -40.81 15.21
C GLY B 34 3.64 -39.67 14.34
N ILE B 35 3.30 -38.45 14.75
CA ILE B 35 3.79 -37.30 14.01
C ILE B 35 5.28 -37.50 14.23
N ASN B 36 5.62 -37.90 15.45
CA ASN B 36 7.01 -38.13 15.84
C ASN B 36 7.63 -39.38 15.24
N ASP B 37 6.82 -40.42 15.05
CA ASP B 37 7.32 -41.65 14.48
C ASP B 37 7.70 -41.40 13.04
N LYS B 38 6.94 -40.55 12.37
CA LYS B 38 7.23 -40.26 10.97
C LYS B 38 8.20 -39.09 10.75
N THR B 39 8.31 -38.20 11.72
CA THR B 39 9.16 -37.03 11.53
C THR B 39 10.33 -36.92 12.47
N LEU B 40 10.30 -37.65 13.57
CA LEU B 40 11.38 -37.61 14.54
C LEU B 40 11.47 -36.24 15.20
N GLY B 41 10.34 -35.52 15.19
CA GLY B 41 10.31 -34.20 15.79
C GLY B 41 10.70 -33.10 14.84
N ALA B 42 10.96 -31.91 15.38
CA ALA B 42 11.35 -30.73 14.61
C ALA B 42 12.81 -30.33 14.84
N ARG B 43 13.62 -30.43 13.79
CA ARG B 43 15.05 -30.08 13.83
C ARG B 43 15.25 -28.55 13.67
N GLY B 44 16.25 -28.01 14.36
CA GLY B 44 16.54 -26.59 14.20
C GLY B 44 16.95 -26.41 12.76
N GLY B 45 16.73 -25.23 12.19
CA GLY B 45 17.09 -25.05 10.79
C GLY B 45 16.07 -25.61 9.84
N GLU B 46 15.01 -26.21 10.38
CA GLU B 46 13.97 -26.77 9.53
C GLU B 46 12.73 -25.87 9.48
N VAL B 47 11.96 -26.01 8.41
CA VAL B 47 10.74 -25.23 8.26
C VAL B 47 9.52 -26.18 8.29
N ILE B 48 8.78 -26.12 9.39
CA ILE B 48 7.59 -26.94 9.58
C ILE B 48 6.39 -26.17 9.03
N MET B 49 5.59 -26.80 8.17
CA MET B 49 4.43 -26.15 7.59
C MET B 49 3.19 -26.83 8.12
N VAL B 50 2.31 -26.07 8.77
CA VAL B 50 1.10 -26.64 9.33
C VAL B 50 -0.13 -26.03 8.64
N THR B 51 -1.09 -26.88 8.29
CA THR B 51 -2.26 -26.41 7.58
C THR B 51 -3.48 -27.28 7.80
N SER B 52 -4.61 -26.79 7.29
CA SER B 52 -5.89 -27.49 7.35
C SER B 52 -6.99 -26.60 6.78
N GLY B 53 -8.22 -27.09 6.82
CA GLY B 53 -9.35 -26.28 6.37
C GLY B 53 -9.51 -25.06 7.28
N SER B 54 -10.52 -24.23 7.02
CA SER B 54 -10.70 -23.03 7.83
C SER B 54 -11.36 -23.27 9.17
N GLY B 55 -10.74 -22.72 10.21
CA GLY B 55 -11.23 -22.87 11.56
C GLY B 55 -11.28 -24.34 11.95
N MET B 56 -10.32 -25.14 11.51
CA MET B 56 -10.35 -26.54 11.85
C MET B 56 -9.36 -26.97 12.94
N GLY B 57 -8.44 -26.08 13.31
CA GLY B 57 -7.51 -26.44 14.35
C GLY B 57 -6.06 -26.07 14.17
N LYS B 58 -5.70 -25.50 13.02
CA LYS B 58 -4.32 -25.11 12.78
C LYS B 58 -3.72 -24.35 13.97
N SER B 59 -4.21 -23.14 14.19
CA SER B 59 -3.70 -22.31 15.26
C SER B 59 -3.61 -23.02 16.61
N THR B 60 -4.64 -23.79 16.93
CA THR B 60 -4.61 -24.50 18.19
C THR B 60 -3.49 -25.53 18.19
N PHE B 61 -3.38 -26.33 17.13
CA PHE B 61 -2.33 -27.34 17.05
C PHE B 61 -0.98 -26.71 17.32
N VAL B 62 -0.68 -25.67 16.53
CA VAL B 62 0.56 -24.91 16.64
C VAL B 62 0.78 -24.30 18.04
N ARG B 63 -0.27 -23.73 18.60
CA ARG B 63 -0.17 -23.12 19.92
C ARG B 63 0.10 -24.18 21.01
N GLN B 64 -0.32 -25.43 20.79
CA GLN B 64 -0.06 -26.48 21.77
C GLN B 64 1.44 -26.76 21.73
N GLN B 65 1.99 -26.92 20.54
CA GLN B 65 3.41 -27.17 20.37
C GLN B 65 4.21 -26.07 21.09
N ALA B 66 3.69 -24.84 21.05
CA ALA B 66 4.35 -23.73 21.72
C ALA B 66 4.34 -23.88 23.23
N LEU B 67 3.18 -24.23 23.79
CA LEU B 67 3.05 -24.39 25.23
C LEU B 67 3.88 -25.52 25.78
N GLN B 68 3.91 -26.64 25.08
CA GLN B 68 4.68 -27.75 25.58
C GLN B 68 6.17 -27.46 25.43
N TRP B 69 6.57 -26.88 24.31
CA TRP B 69 8.00 -26.58 24.14
C TRP B 69 8.42 -25.48 25.09
N GLY B 70 7.53 -24.51 25.33
CA GLY B 70 7.85 -23.41 26.23
C GLY B 70 7.87 -23.79 27.71
N THR B 71 7.20 -24.89 28.02
CA THR B 71 7.10 -25.38 29.38
C THR B 71 7.93 -26.64 29.54
N ALA B 72 7.25 -27.78 29.63
CA ALA B 72 7.89 -29.08 29.81
C ALA B 72 9.33 -29.24 29.27
N MET B 73 9.55 -28.82 28.04
CA MET B 73 10.87 -28.93 27.45
C MET B 73 11.58 -27.59 27.46
N GLY B 74 11.07 -26.70 28.30
CA GLY B 74 11.61 -25.37 28.49
C GLY B 74 12.51 -24.73 27.44
N LYS B 75 11.92 -24.26 26.36
CA LYS B 75 12.67 -23.63 25.29
C LYS B 75 12.11 -22.23 25.09
N LYS B 76 12.90 -21.35 24.49
CA LYS B 76 12.42 -20.00 24.21
C LYS B 76 11.56 -20.02 22.95
N VAL B 77 10.30 -19.66 23.14
CA VAL B 77 9.36 -19.67 22.04
C VAL B 77 9.00 -18.27 21.65
N GLY B 78 9.09 -18.00 20.35
CA GLY B 78 8.76 -16.69 19.86
C GLY B 78 7.48 -16.85 19.10
N LEU B 79 6.45 -16.11 19.51
CA LEU B 79 5.17 -16.19 18.85
C LEU B 79 4.87 -14.97 18.00
N ALA B 80 4.37 -15.20 16.80
CA ALA B 80 4.01 -14.15 15.86
C ALA B 80 2.63 -14.46 15.32
N MET B 81 1.63 -14.31 16.18
CA MET B 81 0.26 -14.58 15.79
C MET B 81 -0.27 -13.28 15.20
N LEU B 82 -0.23 -13.19 13.87
CA LEU B 82 -0.65 -11.99 13.18
C LEU B 82 -2.16 -11.74 13.11
N GLU B 83 -2.97 -12.71 13.53
CA GLU B 83 -4.42 -12.52 13.49
C GLU B 83 -5.04 -12.44 14.88
N GLU B 84 -4.22 -12.22 15.91
CA GLU B 84 -4.75 -12.14 17.26
C GLU B 84 -3.86 -11.32 18.19
N SER B 85 -4.47 -10.63 19.16
CA SER B 85 -3.73 -9.78 20.10
C SER B 85 -2.88 -10.59 21.08
N VAL B 86 -1.72 -10.06 21.44
CA VAL B 86 -0.85 -10.79 22.36
C VAL B 86 -1.60 -11.23 23.61
N GLU B 87 -2.43 -10.34 24.16
CA GLU B 87 -3.20 -10.67 25.35
C GLU B 87 -4.15 -11.83 25.05
N GLU B 88 -4.54 -11.95 23.78
CA GLU B 88 -5.43 -13.02 23.37
C GLU B 88 -4.65 -14.32 23.28
N THR B 89 -3.47 -14.28 22.70
CA THR B 89 -2.68 -15.50 22.60
C THR B 89 -2.20 -15.76 24.01
N ALA B 90 -1.96 -14.70 24.74
CA ALA B 90 -1.51 -14.83 26.12
C ALA B 90 -2.62 -15.56 26.86
N GLU B 91 -3.85 -15.15 26.57
CA GLU B 91 -5.01 -15.75 27.18
C GLU B 91 -5.15 -17.26 26.88
N ASP B 92 -4.93 -17.66 25.63
CA ASP B 92 -5.05 -19.07 25.27
C ASP B 92 -4.00 -19.92 25.96
N LEU B 93 -2.78 -19.42 26.03
CA LEU B 93 -1.70 -20.15 26.67
C LEU B 93 -2.02 -20.40 28.15
N ILE B 94 -2.53 -19.39 28.84
CA ILE B 94 -2.86 -19.56 30.25
C ILE B 94 -3.92 -20.63 30.35
N GLY B 95 -5.05 -20.41 29.67
CA GLY B 95 -6.12 -21.37 29.70
C GLY B 95 -5.60 -22.78 29.46
N LEU B 96 -4.91 -22.94 28.34
CA LEU B 96 -4.35 -24.24 27.96
C LEU B 96 -3.48 -24.82 29.05
N HIS B 97 -2.58 -24.01 29.61
CA HIS B 97 -1.68 -24.49 30.65
C HIS B 97 -2.40 -25.03 31.87
N ASN B 98 -3.55 -24.46 32.20
CA ASN B 98 -4.33 -24.90 33.35
C ASN B 98 -5.52 -25.75 32.93
N ARG B 99 -5.44 -26.31 31.72
CA ARG B 99 -6.46 -27.18 31.14
C ARG B 99 -7.88 -26.68 31.16
N VAL B 100 -8.07 -25.38 30.93
CA VAL B 100 -9.40 -24.82 30.89
C VAL B 100 -9.57 -23.90 29.69
N ARG B 101 -10.72 -23.94 29.04
CA ARG B 101 -10.97 -23.08 27.90
C ARG B 101 -11.33 -21.72 28.44
N LEU B 102 -10.35 -21.05 29.02
CA LEU B 102 -10.53 -19.75 29.61
C LEU B 102 -11.39 -18.81 28.75
N ARG B 103 -11.09 -18.73 27.46
CA ARG B 103 -11.85 -17.84 26.59
C ARG B 103 -13.35 -18.15 26.45
N GLN B 104 -13.74 -19.43 26.46
CA GLN B 104 -15.15 -19.79 26.33
C GLN B 104 -15.92 -19.69 27.63
N SER B 105 -15.36 -18.98 28.61
CA SER B 105 -16.02 -18.84 29.90
C SER B 105 -15.87 -17.48 30.56
N ASP B 106 -16.96 -16.73 30.65
CA ASP B 106 -16.95 -15.41 31.28
C ASP B 106 -16.87 -15.59 32.78
N SER B 107 -17.46 -16.69 33.26
CA SER B 107 -17.47 -17.00 34.69
C SER B 107 -16.10 -17.38 35.22
N LEU B 108 -15.32 -18.10 34.43
CA LEU B 108 -14.00 -18.49 34.87
C LEU B 108 -13.06 -17.30 34.87
N LYS B 109 -13.18 -16.43 33.87
CA LYS B 109 -12.33 -15.25 33.77
C LYS B 109 -12.58 -14.37 34.97
N ARG B 110 -13.84 -13.97 35.16
CA ARG B 110 -14.20 -13.11 36.28
C ARG B 110 -13.62 -13.73 37.55
N GLU B 111 -13.71 -15.05 37.63
CA GLU B 111 -13.18 -15.77 38.78
C GLU B 111 -11.69 -15.55 38.97
N ILE B 112 -10.88 -16.19 38.13
CA ILE B 112 -9.42 -16.08 38.25
C ILE B 112 -8.90 -14.67 38.48
N ILE B 113 -9.69 -13.67 38.10
CA ILE B 113 -9.27 -12.30 38.28
C ILE B 113 -9.48 -11.79 39.70
N GLU B 114 -10.61 -12.15 40.30
CA GLU B 114 -10.91 -11.70 41.65
C GLU B 114 -10.41 -12.63 42.75
N ASN B 115 -10.30 -13.93 42.49
CA ASN B 115 -9.82 -14.84 43.51
C ASN B 115 -8.29 -14.86 43.54
N GLY B 116 -7.67 -14.06 42.67
CA GLY B 116 -6.22 -14.01 42.63
C GLY B 116 -5.52 -15.14 41.89
N LYS B 117 -6.26 -16.07 41.33
CA LYS B 117 -5.64 -17.17 40.60
C LYS B 117 -4.95 -16.70 39.32
N PHE B 118 -5.38 -15.58 38.76
CA PHE B 118 -4.77 -15.06 37.55
C PHE B 118 -3.29 -14.82 37.69
N ASP B 119 -2.90 -14.18 38.77
CA ASP B 119 -1.49 -13.91 39.00
C ASP B 119 -0.71 -15.19 39.21
N GLN B 120 -1.34 -16.14 39.88
CA GLN B 120 -0.69 -17.41 40.12
C GLN B 120 -0.34 -18.06 38.79
N TRP B 121 -1.38 -18.33 37.99
CA TRP B 121 -1.23 -18.95 36.68
C TRP B 121 -0.25 -18.16 35.82
N PHE B 122 -0.38 -16.83 35.85
CA PHE B 122 0.48 -15.96 35.07
C PHE B 122 1.94 -16.24 35.41
N ASP B 123 2.24 -16.35 36.70
CA ASP B 123 3.60 -16.61 37.11
C ASP B 123 3.96 -18.05 36.77
N GLU B 124 3.17 -18.98 37.32
CA GLU B 124 3.40 -20.40 37.11
C GLU B 124 3.64 -20.79 35.65
N LEU B 125 3.40 -19.87 34.73
CA LEU B 125 3.59 -20.13 33.30
C LEU B 125 4.65 -19.25 32.68
N PHE B 126 4.31 -17.99 32.51
CA PHE B 126 5.21 -17.01 31.92
C PHE B 126 6.44 -16.71 32.74
N GLY B 127 6.44 -17.18 33.99
CA GLY B 127 7.56 -16.96 34.89
C GLY B 127 8.94 -17.12 34.27
N ASN B 128 9.32 -18.32 33.86
CA ASN B 128 10.64 -18.58 33.27
C ASN B 128 11.01 -17.76 32.03
N ASP B 129 10.18 -16.79 31.69
CA ASP B 129 10.46 -15.93 30.56
C ASP B 129 10.83 -16.71 29.30
N THR B 130 10.01 -17.69 28.93
CA THR B 130 10.29 -18.47 27.74
C THR B 130 9.40 -18.04 26.60
N PHE B 131 8.40 -17.23 26.91
CA PHE B 131 7.45 -16.75 25.91
C PHE B 131 7.64 -15.28 25.53
N HIS B 132 7.59 -15.02 24.22
CA HIS B 132 7.77 -13.68 23.68
C HIS B 132 6.91 -13.57 22.44
N LEU B 133 6.37 -12.38 22.19
CA LEU B 133 5.48 -12.22 21.06
C LEU B 133 5.63 -10.96 20.23
N TYR B 134 5.34 -11.09 18.94
CA TYR B 134 5.36 -9.96 18.01
C TYR B 134 4.11 -9.22 18.44
N ASP B 135 4.02 -7.92 18.19
CA ASP B 135 2.84 -7.18 18.63
C ASP B 135 2.33 -6.17 17.61
N SER B 136 1.02 -6.18 17.38
CA SER B 136 0.42 -5.24 16.44
C SER B 136 -1.03 -5.51 16.06
N PHE B 137 -1.19 -6.18 14.92
CA PHE B 137 -2.46 -6.51 14.27
C PHE B 137 -2.46 -5.57 13.07
N ALA B 138 -1.65 -4.51 13.20
CA ALA B 138 -1.48 -3.51 12.15
C ALA B 138 -0.50 -4.08 11.12
N GLU B 139 -1.06 -4.65 10.05
CA GLU B 139 -0.32 -5.27 8.96
C GLU B 139 1.19 -5.11 9.00
N ALA B 140 1.90 -6.23 9.02
CA ALA B 140 3.36 -6.21 9.06
C ALA B 140 3.94 -6.51 7.68
N GLU B 141 5.07 -5.89 7.37
CA GLU B 141 5.74 -6.09 6.08
C GLU B 141 6.72 -7.27 6.18
N THR B 142 7.04 -7.88 5.04
CA THR B 142 7.95 -9.01 4.99
C THR B 142 9.26 -8.77 5.74
N ASP B 143 10.13 -7.93 5.17
CA ASP B 143 11.41 -7.61 5.81
C ASP B 143 11.16 -7.13 7.23
N ARG B 144 10.16 -6.26 7.36
CA ARG B 144 9.76 -5.70 8.64
C ARG B 144 9.59 -6.86 9.63
N LEU B 145 8.72 -7.79 9.25
CA LEU B 145 8.44 -8.98 10.05
C LEU B 145 9.72 -9.74 10.30
N LEU B 146 10.29 -10.29 9.23
CA LEU B 146 11.53 -11.05 9.35
C LEU B 146 12.46 -10.41 10.35
N ALA B 147 12.72 -9.11 10.16
CA ALA B 147 13.61 -8.38 11.04
C ALA B 147 13.24 -8.69 12.48
N LYS B 148 11.95 -8.57 12.76
CA LYS B 148 11.43 -8.84 14.09
C LYS B 148 11.71 -10.28 14.47
N LEU B 149 11.37 -11.20 13.56
CA LEU B 149 11.60 -12.61 13.79
C LEU B 149 13.05 -12.79 14.17
N ALA B 150 13.93 -12.39 13.26
CA ALA B 150 15.37 -12.49 13.45
C ALA B 150 15.80 -11.97 14.83
N TYR B 151 15.12 -10.92 15.29
CA TYR B 151 15.43 -10.37 16.60
C TYR B 151 15.13 -11.42 17.67
N MET B 152 13.98 -12.08 17.54
CA MET B 152 13.57 -13.10 18.49
C MET B 152 14.63 -14.21 18.50
N ARG B 153 15.00 -14.67 17.33
CA ARG B 153 15.99 -15.73 17.24
C ARG B 153 17.34 -15.30 17.79
N SER B 154 17.91 -14.27 17.17
CA SER B 154 19.23 -13.75 17.54
C SER B 154 19.28 -12.85 18.79
N GLY B 155 18.36 -11.90 18.86
CA GLY B 155 18.31 -11.02 20.02
C GLY B 155 17.94 -11.75 21.29
N LEU B 156 16.71 -12.28 21.35
CA LEU B 156 16.22 -12.98 22.54
C LEU B 156 16.64 -14.44 22.68
N GLY B 157 17.14 -15.03 21.60
CA GLY B 157 17.57 -16.42 21.65
C GLY B 157 16.46 -17.45 21.68
N CYS B 158 15.52 -17.33 20.75
CA CYS B 158 14.42 -18.26 20.68
C CYS B 158 14.83 -19.50 19.91
N ASP B 159 14.39 -20.66 20.40
CA ASP B 159 14.69 -21.94 19.75
C ASP B 159 13.66 -22.19 18.69
N VAL B 160 12.44 -21.74 18.96
CA VAL B 160 11.34 -21.92 18.04
C VAL B 160 10.63 -20.60 17.74
N ILE B 161 10.20 -20.44 16.49
CA ILE B 161 9.48 -19.25 16.07
C ILE B 161 8.21 -19.72 15.38
N ILE B 162 7.07 -19.38 15.96
CA ILE B 162 5.80 -19.75 15.37
C ILE B 162 5.32 -18.55 14.58
N LEU B 163 4.96 -18.76 13.32
CA LEU B 163 4.45 -17.66 12.52
C LEU B 163 3.09 -18.11 12.00
N ASP B 164 2.05 -17.70 12.70
CA ASP B 164 0.70 -18.09 12.34
C ASP B 164 0.16 -17.30 11.19
N HIS B 165 -0.01 -18.03 10.08
CA HIS B 165 -0.56 -17.50 8.86
C HIS B 165 0.45 -16.79 7.98
N ILE B 166 0.70 -17.33 6.79
CA ILE B 166 1.66 -16.72 5.89
C ILE B 166 0.98 -16.24 4.61
N SER B 167 -0.23 -15.71 4.74
CA SER B 167 -0.93 -15.19 3.57
C SER B 167 -1.14 -13.72 3.86
N ILE B 168 -0.91 -13.37 5.12
CA ILE B 168 -0.98 -12.00 5.58
C ILE B 168 0.43 -11.51 5.26
N VAL B 169 0.59 -11.03 4.04
CA VAL B 169 1.88 -10.55 3.56
C VAL B 169 2.11 -9.06 3.85
N VAL B 170 1.33 -8.18 3.23
CA VAL B 170 1.49 -6.74 3.42
C VAL B 170 2.89 -6.30 3.01
N SER B 171 3.13 -6.24 1.70
CA SER B 171 4.46 -5.84 1.20
C SER B 171 4.49 -5.39 -0.26
N ALA B 172 5.48 -4.56 -0.56
CA ALA B 172 5.72 -3.99 -1.89
C ALA B 172 4.59 -4.20 -2.90
N SER B 173 3.45 -3.58 -2.63
CA SER B 173 2.30 -3.68 -3.52
C SER B 173 2.56 -2.91 -4.82
N GLY B 174 2.33 -3.58 -5.94
CA GLY B 174 2.54 -2.96 -7.25
C GLY B 174 3.10 -4.02 -8.19
N GLU B 175 2.82 -5.27 -7.86
CA GLU B 175 3.29 -6.42 -8.64
C GLU B 175 2.22 -7.52 -8.59
N SER B 176 1.60 -7.75 -9.75
CA SER B 176 0.53 -8.73 -9.94
C SER B 176 0.56 -9.98 -9.05
N ASP B 177 -0.60 -10.64 -8.99
CA ASP B 177 -0.80 -11.86 -8.19
C ASP B 177 0.18 -12.05 -7.04
N GLU B 178 -0.33 -11.96 -5.83
CA GLU B 178 0.48 -12.14 -4.63
C GLU B 178 1.04 -13.56 -4.54
N ARG B 179 0.96 -14.30 -5.64
CA ARG B 179 1.47 -15.67 -5.70
C ARG B 179 2.98 -15.61 -5.59
N LYS B 180 3.56 -14.54 -6.13
CA LYS B 180 5.01 -14.36 -6.11
C LYS B 180 5.44 -13.93 -4.71
N MET B 181 4.57 -13.20 -4.02
CA MET B 181 4.87 -12.72 -2.66
C MET B 181 5.08 -13.88 -1.70
N ILE B 182 4.13 -14.80 -1.69
CA ILE B 182 4.19 -15.99 -0.84
C ILE B 182 5.47 -16.77 -1.09
N ASP B 183 5.81 -16.93 -2.37
CA ASP B 183 6.99 -17.67 -2.77
C ASP B 183 8.28 -16.98 -2.34
N ASN B 184 8.36 -15.67 -2.54
CA ASN B 184 9.57 -14.96 -2.15
C ASN B 184 9.70 -14.92 -0.63
N LEU B 185 8.56 -14.93 0.06
CA LEU B 185 8.53 -14.92 1.52
C LEU B 185 9.04 -16.24 2.05
N MET B 186 8.60 -17.32 1.40
CA MET B 186 9.03 -18.64 1.79
C MET B 186 10.55 -18.67 1.77
N THR B 187 11.11 -18.40 0.60
CA THR B 187 12.56 -18.39 0.41
C THR B 187 13.28 -17.67 1.53
N LYS B 188 12.75 -16.52 1.94
CA LYS B 188 13.38 -15.77 3.01
C LYS B 188 13.27 -16.55 4.33
N LEU B 189 12.10 -17.12 4.58
CA LEU B 189 11.86 -17.88 5.81
C LEU B 189 12.80 -19.08 5.89
N LYS B 190 12.78 -19.88 4.84
CA LYS B 190 13.63 -21.07 4.77
C LYS B 190 15.07 -20.66 4.99
N GLY B 191 15.47 -19.61 4.28
CA GLY B 191 16.83 -19.10 4.38
C GLY B 191 17.10 -18.70 5.79
N PHE B 192 16.20 -17.87 6.33
CA PHE B 192 16.32 -17.38 7.70
C PHE B 192 16.52 -18.55 8.66
N ALA B 193 15.63 -19.53 8.56
CA ALA B 193 15.68 -20.71 9.41
C ALA B 193 16.99 -21.49 9.26
N LYS B 194 17.31 -21.87 8.04
CA LYS B 194 18.50 -22.65 7.75
C LYS B 194 19.80 -22.02 8.27
N SER B 195 19.91 -20.70 8.13
CA SER B 195 21.10 -19.99 8.56
C SER B 195 21.22 -19.79 10.06
N THR B 196 20.15 -19.36 10.72
CA THR B 196 20.19 -19.13 12.16
C THR B 196 20.08 -20.40 12.99
N GLY B 197 19.45 -21.43 12.42
CA GLY B 197 19.30 -22.69 13.14
C GLY B 197 18.05 -22.83 14.01
N VAL B 198 17.19 -21.82 13.94
CA VAL B 198 15.97 -21.82 14.73
C VAL B 198 14.94 -22.80 14.14
N VAL B 199 14.00 -23.23 14.97
CA VAL B 199 12.94 -24.12 14.53
C VAL B 199 11.84 -23.19 14.03
N LEU B 200 11.48 -23.31 12.75
CA LEU B 200 10.45 -22.44 12.20
C LEU B 200 9.15 -23.17 11.87
N VAL B 201 8.11 -22.91 12.65
CA VAL B 201 6.80 -23.51 12.43
C VAL B 201 5.88 -22.46 11.78
N VAL B 202 5.44 -22.74 10.56
CA VAL B 202 4.59 -21.81 9.84
C VAL B 202 3.26 -22.42 9.43
N ILE B 203 2.20 -21.62 9.48
CA ILE B 203 0.88 -22.07 9.08
C ILE B 203 0.52 -21.42 7.75
N CYS B 204 -0.33 -22.09 6.98
CA CYS B 204 -0.78 -21.58 5.69
C CYS B 204 -2.14 -22.17 5.36
N HIS B 205 -2.89 -21.47 4.53
CA HIS B 205 -4.23 -21.90 4.16
C HIS B 205 -4.26 -22.86 2.99
N LEU B 206 -5.46 -23.33 2.68
CA LEU B 206 -5.69 -24.27 1.58
C LEU B 206 -6.53 -23.62 0.49
N LYS B 207 -6.35 -24.07 -0.74
CA LYS B 207 -7.13 -23.55 -1.84
C LYS B 207 -8.51 -24.15 -1.67
N ASN B 208 -9.53 -23.35 -1.95
CA ASN B 208 -10.89 -23.82 -1.83
C ASN B 208 -11.13 -24.76 -2.99
N PRO B 209 -11.19 -26.06 -2.72
CA PRO B 209 -11.41 -27.08 -3.75
C PRO B 209 -12.62 -26.85 -4.63
N ASP B 210 -13.73 -26.43 -4.00
CA ASP B 210 -14.98 -26.16 -4.72
C ASP B 210 -15.06 -26.96 -6.00
N LYS B 211 -14.91 -28.27 -5.84
CA LYS B 211 -14.93 -29.22 -6.94
C LYS B 211 -14.99 -30.60 -6.28
N GLY B 212 -16.10 -30.84 -5.59
CA GLY B 212 -16.32 -32.09 -4.87
C GLY B 212 -16.85 -31.76 -3.49
N LYS B 213 -16.56 -32.62 -2.50
CA LYS B 213 -16.98 -32.37 -1.13
C LYS B 213 -15.68 -32.03 -0.44
N ALA B 214 -15.67 -31.08 0.49
CA ALA B 214 -14.37 -30.72 1.04
C ALA B 214 -14.07 -30.49 2.51
N HIS B 215 -12.76 -30.43 2.74
CA HIS B 215 -12.08 -30.22 4.01
C HIS B 215 -12.86 -30.19 5.31
N GLU B 216 -13.68 -29.16 5.54
CA GLU B 216 -14.44 -29.12 6.77
C GLU B 216 -15.30 -30.37 6.88
N GLU B 217 -15.58 -30.99 5.73
CA GLU B 217 -16.39 -32.21 5.67
C GLU B 217 -15.51 -33.46 5.51
N GLY B 218 -14.29 -33.41 6.01
CA GLY B 218 -13.39 -34.53 5.83
C GLY B 218 -12.75 -34.23 4.50
N ARG B 219 -12.18 -35.23 3.83
CA ARG B 219 -11.54 -35.02 2.53
C ARG B 219 -10.10 -34.71 2.77
N PRO B 220 -9.26 -35.70 2.54
CA PRO B 220 -7.83 -35.54 2.74
C PRO B 220 -7.28 -34.42 1.89
N VAL B 221 -6.49 -33.57 2.53
CA VAL B 221 -5.85 -32.45 1.84
C VAL B 221 -4.68 -33.06 1.07
N SER B 222 -4.25 -32.42 -0.01
CA SER B 222 -3.12 -32.92 -0.81
C SER B 222 -2.14 -31.78 -1.06
N ILE B 223 -0.87 -32.10 -1.28
CA ILE B 223 0.12 -31.05 -1.48
C ILE B 223 -0.30 -29.98 -2.50
N THR B 224 -1.16 -30.37 -3.44
CA THR B 224 -1.62 -29.44 -4.45
C THR B 224 -2.54 -28.38 -3.84
N ASP B 225 -3.34 -28.80 -2.86
CA ASP B 225 -4.29 -27.93 -2.18
C ASP B 225 -3.65 -26.75 -1.46
N LEU B 226 -2.41 -26.90 -1.00
CA LEU B 226 -1.80 -25.81 -0.27
C LEU B 226 -1.94 -24.50 -1.01
N ARG B 227 -2.35 -23.45 -0.29
CA ARG B 227 -2.49 -22.14 -0.89
C ARG B 227 -1.09 -21.68 -1.22
N GLY B 228 -0.98 -20.70 -2.09
CA GLY B 228 0.34 -20.23 -2.49
C GLY B 228 0.88 -21.26 -3.46
N SER B 229 1.25 -20.80 -4.66
CA SER B 229 1.78 -21.68 -5.70
C SER B 229 3.00 -22.45 -5.20
N GLY B 230 2.81 -23.76 -5.06
CA GLY B 230 3.85 -24.68 -4.59
C GLY B 230 5.27 -24.23 -4.42
N ALA B 231 5.49 -23.09 -3.76
CA ALA B 231 6.84 -22.61 -3.52
C ALA B 231 7.20 -23.20 -2.18
N LEU B 232 6.20 -23.23 -1.31
CA LEU B 232 6.34 -23.79 0.02
C LEU B 232 6.31 -25.31 -0.02
N ARG B 233 5.62 -25.90 -1.00
CA ARG B 233 5.58 -27.35 -1.07
C ARG B 233 6.99 -27.88 -1.33
N GLN B 234 7.94 -26.97 -1.52
CA GLN B 234 9.33 -27.33 -1.77
C GLN B 234 10.26 -26.79 -0.70
N LEU B 235 10.23 -25.48 -0.49
CA LEU B 235 11.09 -24.87 0.50
C LEU B 235 10.89 -25.40 1.92
N SER B 236 9.66 -25.73 2.30
CA SER B 236 9.42 -26.22 3.66
C SER B 236 9.84 -27.68 3.77
N ASP B 237 10.37 -28.04 4.93
CA ASP B 237 10.87 -29.38 5.23
C ASP B 237 9.82 -30.42 5.65
N THR B 238 8.88 -30.01 6.48
CA THR B 238 7.83 -30.92 6.93
C THR B 238 6.48 -30.25 6.77
N ILE B 239 5.50 -31.00 6.25
CA ILE B 239 4.17 -30.48 6.02
C ILE B 239 3.15 -31.32 6.79
N ILE B 240 2.58 -30.75 7.85
CA ILE B 240 1.59 -31.42 8.68
C ILE B 240 0.19 -30.94 8.29
N ALA B 241 -0.67 -31.88 7.87
CA ALA B 241 -2.02 -31.52 7.50
C ALA B 241 -3.03 -32.07 8.50
N LEU B 242 -3.90 -31.22 9.00
CA LEU B 242 -4.90 -31.65 9.95
C LEU B 242 -6.24 -31.79 9.25
N GLU B 243 -6.83 -32.99 9.37
CA GLU B 243 -8.11 -33.28 8.73
C GLU B 243 -9.15 -33.74 9.73
N ARG B 244 -10.40 -33.38 9.46
CA ARG B 244 -11.50 -33.78 10.30
C ARG B 244 -12.78 -33.42 9.58
N ASN B 245 -13.88 -34.08 9.96
CA ASN B 245 -15.18 -33.83 9.36
C ASN B 245 -16.17 -33.25 10.38
N GLN B 246 -16.21 -31.92 10.46
CA GLN B 246 -17.07 -31.25 11.42
C GLN B 246 -18.55 -31.53 11.34
N GLN B 247 -19.01 -32.01 10.20
CA GLN B 247 -20.42 -32.34 10.07
C GLN B 247 -20.67 -33.85 10.18
N GLY B 248 -19.78 -34.53 10.90
CA GLY B 248 -19.91 -35.96 11.08
C GLY B 248 -20.26 -36.36 12.51
N ASP B 249 -20.07 -37.64 12.82
CA ASP B 249 -20.37 -38.19 14.14
C ASP B 249 -19.32 -37.82 15.19
N MET B 250 -18.06 -37.69 14.76
CA MET B 250 -16.97 -37.35 15.66
C MET B 250 -16.24 -36.14 15.09
N PRO B 251 -16.84 -34.96 15.21
CA PRO B 251 -16.29 -33.70 14.72
C PRO B 251 -14.90 -33.37 15.24
N ASN B 252 -14.69 -33.64 16.53
CA ASN B 252 -13.42 -33.36 17.19
C ASN B 252 -12.32 -34.37 16.86
N LEU B 253 -12.68 -35.48 16.20
CA LEU B 253 -11.69 -36.48 15.83
C LEU B 253 -10.93 -35.90 14.64
N VAL B 254 -9.59 -35.88 14.72
CA VAL B 254 -8.78 -35.32 13.67
C VAL B 254 -7.65 -36.25 13.21
N LEU B 255 -7.52 -36.38 11.89
CA LEU B 255 -6.52 -37.21 11.22
C LEU B 255 -5.33 -36.32 10.91
N VAL B 256 -4.14 -36.81 11.27
CA VAL B 256 -2.91 -36.08 11.05
C VAL B 256 -2.19 -36.72 9.89
N ARG B 257 -1.88 -35.92 8.89
CA ARG B 257 -1.23 -36.45 7.70
C ARG B 257 0.11 -35.77 7.42
N ILE B 258 1.16 -36.57 7.24
CA ILE B 258 2.44 -35.98 6.92
C ILE B 258 2.42 -35.94 5.39
N LEU B 259 2.44 -34.72 4.88
CA LEU B 259 2.41 -34.44 3.44
C LEU B 259 3.80 -34.53 2.87
N LYS B 260 4.79 -34.39 3.75
CA LYS B 260 6.17 -34.42 3.33
C LYS B 260 7.09 -34.26 4.51
N CYS B 261 8.15 -35.07 4.55
CA CYS B 261 9.15 -34.99 5.61
C CYS B 261 10.49 -35.21 4.94
N ARG B 262 11.19 -34.12 4.68
CA ARG B 262 12.48 -34.21 4.02
C ARG B 262 13.41 -35.17 4.74
N PHE B 263 13.63 -34.90 6.03
CA PHE B 263 14.52 -35.70 6.85
C PHE B 263 14.30 -37.21 6.78
N THR B 264 13.09 -37.66 7.06
CA THR B 264 12.84 -39.10 7.05
C THR B 264 12.31 -39.67 5.74
N GLY B 265 11.59 -38.88 4.97
CA GLY B 265 11.04 -39.37 3.72
C GLY B 265 9.92 -40.33 4.04
N ASP B 266 9.54 -40.34 5.31
CA ASP B 266 8.48 -41.21 5.82
C ASP B 266 7.17 -40.40 5.86
N THR B 267 6.35 -40.57 4.84
CA THR B 267 5.11 -39.84 4.73
C THR B 267 3.85 -40.68 4.98
N GLY B 268 2.69 -40.05 4.86
CA GLY B 268 1.44 -40.74 5.08
C GLY B 268 0.67 -40.35 6.33
N ILE B 269 -0.33 -41.14 6.70
CA ILE B 269 -1.11 -40.82 7.89
C ILE B 269 -0.29 -41.13 9.12
N ALA B 270 -0.14 -40.11 9.96
CA ALA B 270 0.61 -40.23 11.22
C ALA B 270 -0.21 -40.95 12.26
N GLY B 271 -1.45 -40.49 12.45
CA GLY B 271 -2.34 -41.10 13.42
C GLY B 271 -3.48 -40.15 13.69
N TYR B 272 -4.28 -40.44 14.71
CA TYR B 272 -5.42 -39.59 15.04
C TYR B 272 -5.32 -38.88 16.39
N MET B 273 -6.13 -37.84 16.54
CA MET B 273 -6.19 -37.06 17.77
C MET B 273 -7.64 -36.68 17.98
N GLU B 274 -7.98 -36.37 19.23
CA GLU B 274 -9.33 -35.94 19.60
C GLU B 274 -9.27 -34.65 20.41
N TYR B 275 -10.17 -33.73 20.12
CA TYR B 275 -10.17 -32.48 20.82
C TYR B 275 -11.07 -32.60 22.02
N ASN B 276 -10.49 -32.32 23.17
CA ASN B 276 -11.17 -32.38 24.43
C ASN B 276 -11.87 -31.04 24.63
N LYS B 277 -13.17 -31.00 24.39
CA LYS B 277 -13.93 -29.76 24.54
C LYS B 277 -13.86 -29.19 25.95
N GLU B 278 -13.47 -30.04 26.91
CA GLU B 278 -13.37 -29.62 28.31
C GLU B 278 -12.04 -28.99 28.67
N THR B 279 -10.93 -29.63 28.29
CA THR B 279 -9.61 -29.06 28.59
C THR B 279 -9.02 -28.26 27.42
N GLY B 280 -9.60 -28.43 26.24
CA GLY B 280 -9.13 -27.71 25.07
C GLY B 280 -7.83 -28.24 24.54
N TRP B 281 -7.45 -29.42 25.01
CA TRP B 281 -6.21 -30.04 24.58
C TRP B 281 -6.40 -31.04 23.46
N LEU B 282 -5.40 -31.11 22.59
CA LEU B 282 -5.44 -32.02 21.48
C LEU B 282 -4.77 -33.29 22.01
N GLU B 283 -5.61 -34.21 22.49
CA GLU B 283 -5.16 -35.48 23.04
C GLU B 283 -5.07 -36.55 21.97
N PRO B 284 -4.12 -37.51 22.13
CA PRO B 284 -3.96 -38.58 21.14
C PRO B 284 -5.20 -39.47 21.15
N SER B 285 -5.46 -40.15 20.04
CA SER B 285 -6.64 -41.00 19.94
C SER B 285 -6.33 -42.35 19.35
N SER B 286 -7.14 -43.33 19.74
CA SER B 286 -7.02 -44.71 19.29
C SER B 286 -8.13 -44.92 18.28
N TYR B 287 -7.80 -44.99 16.99
CA TYR B 287 -8.86 -45.14 16.02
C TYR B 287 -8.28 -45.69 14.72
N SER B 288 -9.17 -46.12 13.82
CA SER B 288 -8.77 -46.66 12.53
C SER B 288 -9.95 -46.77 11.56
N GLY B 289 -9.81 -46.16 10.38
CA GLY B 289 -10.87 -46.22 9.40
C GLY B 289 -10.61 -47.23 8.31
N PRO C 2 15.01 -3.14 15.36
CA PRO C 2 13.55 -3.17 15.08
C PRO C 2 12.77 -3.93 16.15
N ASP C 3 12.49 -3.27 17.28
CA ASP C 3 11.78 -3.92 18.37
C ASP C 3 10.30 -3.57 18.60
N GLY C 4 9.45 -4.57 18.43
CA GLY C 4 8.02 -4.44 18.66
C GLY C 4 7.70 -5.82 19.23
N VAL C 5 8.76 -6.44 19.71
CA VAL C 5 8.76 -7.78 20.27
C VAL C 5 8.62 -7.74 21.78
N VAL C 6 7.39 -7.94 22.24
CA VAL C 6 7.08 -7.91 23.66
C VAL C 6 7.20 -9.30 24.30
N SER C 7 7.76 -9.35 25.52
CA SER C 7 7.91 -10.62 26.22
C SER C 7 6.65 -10.83 27.03
N ALA C 8 6.12 -12.05 27.03
CA ALA C 8 4.89 -12.34 27.77
C ALA C 8 4.88 -11.80 29.21
N LEU C 9 6.02 -11.82 29.88
CA LEU C 9 6.04 -11.34 31.25
C LEU C 9 5.54 -9.90 31.38
N SER C 10 5.97 -9.04 30.47
CA SER C 10 5.57 -7.65 30.51
C SER C 10 4.13 -7.35 30.04
N LEU C 11 3.32 -8.38 29.89
CA LEU C 11 1.94 -8.17 29.44
C LEU C 11 0.90 -8.43 30.55
N ARG C 12 1.39 -8.66 31.77
CA ARG C 12 0.56 -8.95 32.93
C ARG C 12 -0.67 -8.07 33.09
N GLU C 13 -0.45 -6.77 33.17
CA GLU C 13 -1.57 -5.84 33.32
C GLU C 13 -2.43 -5.88 32.08
N ARG C 14 -1.80 -5.62 30.94
CA ARG C 14 -2.51 -5.66 29.67
C ARG C 14 -3.41 -6.89 29.63
N ILE C 15 -2.84 -8.05 29.96
CA ILE C 15 -3.61 -9.30 29.95
C ILE C 15 -4.75 -9.26 30.97
N ARG C 16 -4.43 -8.87 32.22
CA ARG C 16 -5.46 -8.76 33.25
C ARG C 16 -6.59 -7.89 32.71
N GLU C 17 -6.24 -6.67 32.34
CA GLU C 17 -7.19 -5.73 31.79
C GLU C 17 -8.01 -6.44 30.71
N HIS C 18 -7.38 -7.36 30.00
CA HIS C 18 -8.04 -8.11 28.93
C HIS C 18 -9.13 -9.02 29.46
N LEU C 19 -8.75 -10.01 30.28
CA LEU C 19 -9.67 -10.97 30.85
C LEU C 19 -10.93 -10.39 31.48
N SER C 20 -10.80 -9.24 32.13
CA SER C 20 -11.94 -8.58 32.74
C SER C 20 -12.58 -7.69 31.68
N SER C 21 -13.87 -7.87 31.49
CA SER C 21 -14.61 -7.10 30.49
C SER C 21 -14.13 -7.41 29.08
N GLU C 22 -13.94 -8.70 28.84
CA GLU C 22 -13.56 -9.25 27.54
C GLU C 22 -14.67 -10.27 27.34
N GLU C 23 -15.74 -9.87 26.67
CA GLU C 23 -16.87 -10.77 26.50
C GLU C 23 -16.77 -11.89 25.47
N SER C 24 -17.05 -13.09 25.95
CA SER C 24 -17.02 -14.29 25.13
C SER C 24 -18.45 -14.74 24.81
N VAL C 25 -19.40 -14.27 25.60
CA VAL C 25 -20.80 -14.61 25.40
C VAL C 25 -21.56 -13.29 25.26
N GLY C 26 -22.02 -13.01 24.05
CA GLY C 26 -22.75 -11.79 23.83
C GLY C 26 -23.80 -12.02 22.77
N LEU C 27 -24.93 -11.33 22.90
CA LEU C 27 -26.02 -11.45 21.94
C LEU C 27 -26.33 -12.88 21.60
N LEU C 28 -27.22 -13.51 22.36
CA LEU C 28 -27.60 -14.89 22.10
C LEU C 28 -28.72 -14.87 21.07
N PHE C 29 -28.79 -15.92 20.25
CA PHE C 29 -29.86 -16.00 19.26
C PHE C 29 -31.17 -16.41 19.94
N SER C 30 -32.27 -16.04 19.31
CA SER C 30 -33.59 -16.35 19.84
C SER C 30 -34.33 -17.26 18.92
N GLY C 31 -34.89 -18.32 19.49
CA GLY C 31 -35.69 -19.23 18.68
C GLY C 31 -35.16 -20.63 18.63
N CYS C 32 -34.04 -20.86 19.28
CA CYS C 32 -33.46 -22.19 19.28
C CYS C 32 -32.17 -22.25 20.07
N THR C 33 -32.26 -22.57 21.36
CA THR C 33 -31.05 -22.70 22.18
C THR C 33 -30.29 -23.73 21.39
N GLY C 34 -29.01 -23.93 21.64
CA GLY C 34 -28.35 -24.92 20.81
C GLY C 34 -27.52 -24.17 19.78
N ILE C 35 -28.12 -23.19 19.11
CA ILE C 35 -27.35 -22.37 18.18
C ILE C 35 -26.37 -21.76 19.17
N ASN C 36 -26.93 -21.36 20.31
CA ASN C 36 -26.14 -20.76 21.39
C ASN C 36 -25.22 -21.77 22.05
N ASP C 37 -25.61 -23.05 22.05
CA ASP C 37 -24.78 -24.08 22.66
C ASP C 37 -23.49 -24.23 21.90
N LYS C 38 -23.61 -24.31 20.58
CA LYS C 38 -22.43 -24.48 19.74
C LYS C 38 -21.70 -23.19 19.38
N THR C 39 -22.29 -22.02 19.65
CA THR C 39 -21.62 -20.79 19.27
C THR C 39 -21.41 -19.79 20.39
N LEU C 40 -22.17 -19.92 21.46
CA LEU C 40 -22.03 -18.99 22.57
C LEU C 40 -22.42 -17.59 22.12
N GLY C 41 -23.38 -17.51 21.19
CA GLY C 41 -23.84 -16.24 20.69
C GLY C 41 -23.00 -15.54 19.64
N ALA C 42 -23.29 -14.27 19.42
CA ALA C 42 -22.56 -13.47 18.44
C ALA C 42 -21.67 -12.44 19.16
N ARG C 43 -20.36 -12.58 19.04
CA ARG C 43 -19.40 -11.64 19.66
C ARG C 43 -19.25 -10.39 18.77
N GLY C 44 -18.92 -9.27 19.39
CA GLY C 44 -18.74 -8.05 18.62
C GLY C 44 -17.48 -8.19 17.78
N GLY C 45 -17.48 -7.57 16.61
CA GLY C 45 -16.34 -7.66 15.73
C GLY C 45 -16.37 -8.94 14.91
N GLU C 46 -17.41 -9.75 15.13
CA GLU C 46 -17.57 -11.00 14.41
C GLU C 46 -18.48 -10.88 13.15
N VAL C 47 -18.20 -11.65 12.12
CA VAL C 47 -19.04 -11.59 10.93
C VAL C 47 -19.87 -12.88 10.89
N ILE C 48 -21.18 -12.75 11.09
CA ILE C 48 -22.12 -13.86 11.11
C ILE C 48 -22.84 -14.06 9.79
N MET C 49 -22.69 -15.25 9.22
CA MET C 49 -23.29 -15.59 7.94
C MET C 49 -24.47 -16.51 8.12
N VAL C 50 -25.59 -16.18 7.47
CA VAL C 50 -26.80 -17.00 7.53
C VAL C 50 -27.27 -17.26 6.11
N THR C 51 -27.53 -18.52 5.79
CA THR C 51 -27.94 -18.90 4.45
C THR C 51 -28.89 -20.07 4.46
N SER C 52 -29.51 -20.30 3.30
CA SER C 52 -30.44 -21.39 3.14
C SER C 52 -30.97 -21.39 1.69
N GLY C 53 -31.83 -22.37 1.36
CA GLY C 53 -32.38 -22.39 0.03
C GLY C 53 -33.22 -21.14 -0.11
N SER C 54 -33.40 -20.67 -1.34
CA SER C 54 -34.18 -19.47 -1.54
C SER C 54 -35.56 -19.60 -0.92
N GLY C 55 -35.84 -18.71 0.03
CA GLY C 55 -37.13 -18.71 0.71
C GLY C 55 -37.36 -19.79 1.76
N MET C 56 -36.33 -20.14 2.52
CA MET C 56 -36.50 -21.19 3.51
C MET C 56 -36.30 -20.84 4.97
N GLY C 57 -35.82 -19.63 5.26
CA GLY C 57 -35.63 -19.27 6.64
C GLY C 57 -34.67 -18.13 6.87
N LYS C 58 -33.65 -17.99 6.02
CA LYS C 58 -32.67 -16.93 6.19
C LYS C 58 -33.31 -15.65 6.67
N SER C 59 -34.05 -15.03 5.77
CA SER C 59 -34.71 -13.77 6.04
C SER C 59 -35.49 -13.72 7.34
N THR C 60 -36.43 -14.66 7.50
CA THR C 60 -37.23 -14.69 8.72
C THR C 60 -36.37 -14.82 9.95
N PHE C 61 -35.47 -15.78 9.93
CA PHE C 61 -34.59 -16.02 11.06
C PHE C 61 -33.89 -14.73 11.47
N VAL C 62 -33.10 -14.17 10.55
CA VAL C 62 -32.35 -12.94 10.76
C VAL C 62 -33.24 -11.81 11.26
N ARG C 63 -34.35 -11.60 10.56
CA ARG C 63 -35.34 -10.60 10.90
C ARG C 63 -35.83 -10.77 12.37
N GLN C 64 -35.84 -12.01 12.84
CA GLN C 64 -36.27 -12.31 14.20
C GLN C 64 -35.18 -11.96 15.19
N GLN C 65 -33.93 -12.14 14.80
CA GLN C 65 -32.81 -11.84 15.67
C GLN C 65 -32.70 -10.33 15.84
N ALA C 66 -32.94 -9.62 14.75
CA ALA C 66 -32.88 -8.16 14.79
C ALA C 66 -33.95 -7.68 15.76
N LEU C 67 -35.09 -8.37 15.72
CA LEU C 67 -36.22 -8.05 16.57
C LEU C 67 -35.96 -8.29 18.03
N GLN C 68 -35.48 -9.47 18.39
CA GLN C 68 -35.19 -9.76 19.79
C GLN C 68 -34.09 -8.85 20.32
N TRP C 69 -33.00 -8.76 19.58
CA TRP C 69 -31.90 -7.92 19.99
C TRP C 69 -32.34 -6.47 20.16
N GLY C 70 -33.26 -6.02 19.31
CA GLY C 70 -33.71 -4.64 19.37
C GLY C 70 -34.80 -4.34 20.37
N THR C 71 -35.34 -5.39 20.97
CA THR C 71 -36.40 -5.25 21.93
C THR C 71 -35.97 -5.72 23.30
N ALA C 72 -36.40 -6.92 23.68
CA ALA C 72 -36.08 -7.49 24.97
C ALA C 72 -34.67 -7.19 25.47
N MET C 73 -33.71 -7.17 24.55
CA MET C 73 -32.37 -6.91 24.99
C MET C 73 -31.79 -5.55 24.61
N GLY C 74 -32.67 -4.57 24.46
CA GLY C 74 -32.28 -3.21 24.10
C GLY C 74 -30.94 -2.91 23.47
N LYS C 75 -30.69 -3.44 22.26
CA LYS C 75 -29.44 -3.18 21.56
C LYS C 75 -29.79 -2.27 20.40
N LYS C 76 -28.82 -1.56 19.87
CA LYS C 76 -29.12 -0.71 18.75
C LYS C 76 -28.92 -1.53 17.49
N VAL C 77 -30.02 -1.76 16.77
CA VAL C 77 -29.98 -2.55 15.56
C VAL C 77 -30.00 -1.73 14.27
N GLY C 78 -29.02 -1.98 13.41
CA GLY C 78 -28.95 -1.29 12.14
C GLY C 78 -29.44 -2.24 11.08
N LEU C 79 -30.34 -1.79 10.21
CA LEU C 79 -30.87 -2.65 9.17
C LEU C 79 -30.53 -2.12 7.79
N ALA C 80 -30.06 -3.02 6.93
CA ALA C 80 -29.71 -2.69 5.55
C ALA C 80 -30.38 -3.74 4.65
N MET C 81 -31.68 -3.61 4.47
CA MET C 81 -32.42 -4.55 3.64
C MET C 81 -32.43 -4.02 2.21
N LEU C 82 -31.37 -4.33 1.48
CA LEU C 82 -31.20 -3.88 0.11
C LEU C 82 -32.29 -4.25 -0.90
N GLU C 83 -32.97 -5.37 -0.72
CA GLU C 83 -34.01 -5.75 -1.67
C GLU C 83 -35.41 -5.25 -1.35
N GLU C 84 -35.55 -4.41 -0.31
CA GLU C 84 -36.85 -3.88 0.08
C GLU C 84 -36.79 -2.46 0.64
N SER C 85 -37.93 -1.77 0.64
CA SER C 85 -38.02 -0.39 1.13
C SER C 85 -38.17 -0.34 2.64
N VAL C 86 -37.71 0.76 3.23
CA VAL C 86 -37.78 0.95 4.67
C VAL C 86 -39.17 0.68 5.25
N GLU C 87 -40.21 1.22 4.62
CA GLU C 87 -41.57 1.03 5.13
C GLU C 87 -41.95 -0.42 5.04
N GLU C 88 -41.44 -1.06 4.01
CA GLU C 88 -41.72 -2.45 3.81
C GLU C 88 -41.13 -3.29 4.95
N THR C 89 -39.84 -3.13 5.22
CA THR C 89 -39.22 -3.89 6.31
C THR C 89 -39.80 -3.39 7.62
N ALA C 90 -40.15 -2.11 7.66
CA ALA C 90 -40.74 -1.55 8.87
C ALA C 90 -42.03 -2.33 9.10
N GLU C 91 -42.80 -2.52 8.04
CA GLU C 91 -44.04 -3.27 8.10
C GLU C 91 -43.84 -4.71 8.63
N ASP C 92 -42.85 -5.43 8.08
CA ASP C 92 -42.57 -6.79 8.51
C ASP C 92 -42.35 -6.88 10.01
N LEU C 93 -41.45 -6.06 10.51
CA LEU C 93 -41.11 -6.05 11.90
C LEU C 93 -42.35 -5.88 12.79
N ILE C 94 -43.17 -4.91 12.43
CA ILE C 94 -44.38 -4.63 13.18
C ILE C 94 -45.25 -5.87 13.25
N GLY C 95 -45.58 -6.41 12.09
CA GLY C 95 -46.42 -7.59 12.05
C GLY C 95 -45.80 -8.72 12.85
N LEU C 96 -44.52 -8.95 12.61
CA LEU C 96 -43.78 -10.00 13.28
C LEU C 96 -43.82 -9.76 14.77
N HIS C 97 -43.38 -8.59 15.21
CA HIS C 97 -43.39 -8.26 16.63
C HIS C 97 -44.77 -8.62 17.21
N ASN C 98 -45.83 -8.26 16.49
CA ASN C 98 -47.18 -8.51 16.95
C ASN C 98 -47.76 -9.85 16.51
N ARG C 99 -46.88 -10.76 16.10
CA ARG C 99 -47.27 -12.11 15.66
C ARG C 99 -48.46 -12.16 14.69
N VAL C 100 -48.47 -11.29 13.70
CA VAL C 100 -49.55 -11.33 12.72
C VAL C 100 -49.00 -11.06 11.34
N ARG C 101 -49.49 -11.81 10.37
CA ARG C 101 -49.06 -11.66 8.98
C ARG C 101 -49.69 -10.38 8.44
N LEU C 102 -49.20 -9.26 8.96
CA LEU C 102 -49.69 -7.94 8.59
C LEU C 102 -49.69 -7.70 7.09
N ARG C 103 -48.64 -8.12 6.41
CA ARG C 103 -48.56 -7.91 4.96
C ARG C 103 -49.56 -8.79 4.20
N GLN C 104 -49.57 -10.08 4.55
CA GLN C 104 -50.47 -11.07 3.93
C GLN C 104 -51.93 -10.89 4.30
N SER C 105 -52.32 -9.67 4.70
CA SER C 105 -53.71 -9.44 5.10
C SER C 105 -54.16 -7.99 5.02
N ASP C 106 -54.86 -7.65 3.94
CA ASP C 106 -55.36 -6.30 3.73
C ASP C 106 -56.36 -5.92 4.80
N SER C 107 -57.16 -6.88 5.23
CA SER C 107 -58.15 -6.63 6.25
C SER C 107 -57.48 -6.00 7.47
N LEU C 108 -56.45 -6.68 7.98
CA LEU C 108 -55.72 -6.21 9.15
C LEU C 108 -55.06 -4.84 8.98
N LYS C 109 -54.31 -4.64 7.91
CA LYS C 109 -53.66 -3.34 7.69
C LYS C 109 -54.75 -2.28 7.80
N ARG C 110 -55.90 -2.56 7.20
CA ARG C 110 -57.03 -1.64 7.19
C ARG C 110 -57.45 -1.33 8.61
N GLU C 111 -57.69 -2.39 9.39
CA GLU C 111 -58.12 -2.27 10.78
C GLU C 111 -57.22 -1.37 11.61
N ILE C 112 -56.04 -1.89 11.97
CA ILE C 112 -55.09 -1.15 12.81
C ILE C 112 -54.92 0.33 12.44
N ILE C 113 -54.98 0.66 11.15
CA ILE C 113 -54.85 2.05 10.76
C ILE C 113 -56.07 2.85 11.19
N GLU C 114 -57.24 2.24 11.06
CA GLU C 114 -58.49 2.90 11.42
C GLU C 114 -58.81 2.82 12.91
N ASN C 115 -58.70 1.62 13.51
CA ASN C 115 -58.99 1.48 14.93
C ASN C 115 -57.88 2.07 15.80
N GLY C 116 -56.83 2.56 15.14
CA GLY C 116 -55.73 3.18 15.86
C GLY C 116 -54.65 2.28 16.44
N LYS C 117 -54.77 0.96 16.33
CA LYS C 117 -53.75 0.10 16.87
C LYS C 117 -52.37 0.28 16.24
N PHE C 118 -52.33 0.79 15.01
CA PHE C 118 -51.06 1.02 14.35
C PHE C 118 -50.14 1.84 15.24
N ASP C 119 -50.54 3.08 15.52
CA ASP C 119 -49.75 3.96 16.37
C ASP C 119 -49.32 3.29 17.67
N GLN C 120 -50.18 2.44 18.20
CA GLN C 120 -49.86 1.75 19.43
C GLN C 120 -48.68 0.83 19.16
N TRP C 121 -48.82 -0.01 18.14
CA TRP C 121 -47.80 -0.97 17.76
C TRP C 121 -46.47 -0.36 17.36
N PHE C 122 -46.54 0.77 16.66
CA PHE C 122 -45.36 1.48 16.19
C PHE C 122 -44.51 1.96 17.35
N ASP C 123 -45.15 2.60 18.33
CA ASP C 123 -44.44 3.11 19.50
C ASP C 123 -43.99 1.99 20.40
N GLU C 124 -44.78 0.93 20.46
CA GLU C 124 -44.42 -0.17 21.32
C GLU C 124 -43.16 -0.86 20.79
N LEU C 125 -42.83 -0.64 19.51
CA LEU C 125 -41.68 -1.29 18.91
C LEU C 125 -40.55 -0.35 18.57
N PHE C 126 -40.87 0.79 17.98
CA PHE C 126 -39.82 1.73 17.62
C PHE C 126 -39.74 2.82 18.70
N GLY C 127 -40.37 2.54 19.83
CA GLY C 127 -40.38 3.48 20.92
C GLY C 127 -39.02 3.88 21.44
N ASN C 128 -38.21 2.90 21.80
CA ASN C 128 -36.90 3.19 22.34
C ASN C 128 -35.84 3.50 21.31
N ASP C 129 -36.27 3.95 20.13
CA ASP C 129 -35.31 4.32 19.09
C ASP C 129 -34.11 3.37 19.04
N THR C 130 -34.33 2.09 18.72
CA THR C 130 -33.26 1.09 18.62
C THR C 130 -33.05 0.61 17.20
N PHE C 131 -33.94 1.02 16.30
CA PHE C 131 -33.87 0.59 14.91
C PHE C 131 -33.53 1.72 13.98
N HIS C 132 -32.59 1.44 13.07
CA HIS C 132 -32.13 2.41 12.08
C HIS C 132 -31.90 1.63 10.81
N LEU C 133 -32.38 2.16 9.69
CA LEU C 133 -32.27 1.48 8.42
C LEU C 133 -31.59 2.28 7.33
N TYR C 134 -31.12 1.55 6.33
CA TYR C 134 -30.46 2.12 5.17
C TYR C 134 -31.61 2.35 4.22
N ASP C 135 -31.63 3.51 3.60
CA ASP C 135 -32.73 3.85 2.71
C ASP C 135 -32.29 4.06 1.26
N SER C 136 -33.02 3.47 0.32
CA SER C 136 -32.70 3.65 -1.09
C SER C 136 -33.39 2.69 -2.04
N PHE C 137 -32.89 1.45 -2.04
CA PHE C 137 -33.38 0.40 -2.92
C PHE C 137 -32.44 0.50 -4.14
N ALA C 138 -32.25 1.74 -4.60
CA ALA C 138 -31.38 2.05 -5.74
C ALA C 138 -29.95 1.58 -5.52
N GLU C 139 -29.54 0.59 -6.29
CA GLU C 139 -28.22 -0.02 -6.22
C GLU C 139 -27.17 0.75 -5.45
N ALA C 140 -26.67 0.12 -4.39
CA ALA C 140 -25.65 0.74 -3.56
C ALA C 140 -24.28 0.18 -3.91
N GLU C 141 -23.28 1.03 -3.95
CA GLU C 141 -21.92 0.61 -4.27
C GLU C 141 -21.20 0.17 -2.99
N THR C 142 -20.23 -0.72 -3.14
CA THR C 142 -19.48 -1.23 -1.99
C THR C 142 -19.10 -0.15 -0.98
N ASP C 143 -18.14 0.71 -1.34
CA ASP C 143 -17.70 1.78 -0.44
C ASP C 143 -18.84 2.71 -0.04
N ARG C 144 -19.77 2.90 -0.98
CA ARG C 144 -20.93 3.72 -0.76
C ARG C 144 -21.67 3.16 0.45
N LEU C 145 -21.99 1.85 0.35
CA LEU C 145 -22.68 1.11 1.40
C LEU C 145 -21.87 1.08 2.69
N LEU C 146 -20.64 0.63 2.60
CA LEU C 146 -19.77 0.54 3.76
C LEU C 146 -19.75 1.85 4.53
N ALA C 147 -19.74 2.94 3.79
CA ALA C 147 -19.71 4.25 4.41
C ALA C 147 -20.92 4.42 5.32
N LYS C 148 -22.09 3.99 4.82
CA LYS C 148 -23.34 4.10 5.57
C LYS C 148 -23.40 3.14 6.76
N LEU C 149 -22.91 1.92 6.57
CA LEU C 149 -22.89 0.98 7.66
C LEU C 149 -21.95 1.60 8.69
N ALA C 150 -20.84 2.13 8.18
CA ALA C 150 -19.85 2.79 9.00
C ALA C 150 -20.56 3.82 9.87
N TYR C 151 -21.41 4.61 9.24
CA TYR C 151 -22.14 5.62 9.97
C TYR C 151 -23.02 4.98 11.02
N MET C 152 -23.74 3.94 10.64
CA MET C 152 -24.63 3.28 11.60
C MET C 152 -23.89 2.83 12.85
N ARG C 153 -22.72 2.25 12.67
CA ARG C 153 -21.95 1.77 13.80
C ARG C 153 -21.43 2.91 14.66
N SER C 154 -20.50 3.68 14.11
CA SER C 154 -19.87 4.78 14.83
C SER C 154 -20.69 6.05 15.00
N GLY C 155 -21.72 6.23 14.19
CA GLY C 155 -22.53 7.42 14.30
C GLY C 155 -23.70 7.23 15.24
N LEU C 156 -24.63 6.37 14.85
CA LEU C 156 -25.81 6.11 15.67
C LEU C 156 -25.50 5.09 16.76
N GLY C 157 -24.29 4.53 16.72
CA GLY C 157 -23.89 3.58 17.74
C GLY C 157 -24.65 2.26 17.79
N CYS C 158 -24.83 1.65 16.62
CA CYS C 158 -25.53 0.38 16.54
C CYS C 158 -24.65 -0.75 17.06
N ASP C 159 -25.28 -1.70 17.73
CA ASP C 159 -24.58 -2.87 18.25
C ASP C 159 -24.53 -3.95 17.18
N VAL C 160 -25.57 -3.98 16.36
CA VAL C 160 -25.68 -4.97 15.30
C VAL C 160 -26.11 -4.33 13.99
N ILE C 161 -25.63 -4.85 12.88
CA ILE C 161 -26.01 -4.36 11.57
C ILE C 161 -26.44 -5.60 10.80
N ILE C 162 -27.63 -5.59 10.23
CA ILE C 162 -28.08 -6.73 9.47
C ILE C 162 -28.03 -6.37 8.00
N LEU C 163 -27.12 -6.96 7.24
CA LEU C 163 -27.05 -6.69 5.80
C LEU C 163 -27.74 -7.84 5.12
N ASP C 164 -28.94 -7.58 4.60
CA ASP C 164 -29.69 -8.63 3.93
C ASP C 164 -29.39 -8.71 2.45
N HIS C 165 -28.65 -9.77 2.10
CA HIS C 165 -28.26 -10.11 0.74
C HIS C 165 -26.95 -9.52 0.26
N ILE C 166 -25.90 -10.33 0.23
CA ILE C 166 -24.61 -9.87 -0.25
C ILE C 166 -24.32 -10.40 -1.65
N SER C 167 -25.22 -10.12 -2.57
CA SER C 167 -25.02 -10.52 -3.96
C SER C 167 -25.31 -9.25 -4.71
N ILE C 168 -26.03 -8.35 -4.03
CA ILE C 168 -26.36 -7.05 -4.57
C ILE C 168 -25.11 -6.23 -4.26
N VAL C 169 -24.16 -6.29 -5.20
CA VAL C 169 -22.89 -5.61 -5.07
C VAL C 169 -22.92 -4.17 -5.58
N VAL C 170 -23.08 -4.00 -6.89
CA VAL C 170 -23.12 -2.68 -7.52
C VAL C 170 -21.82 -1.91 -7.25
N SER C 171 -20.73 -2.33 -7.90
CA SER C 171 -19.45 -1.66 -7.69
C SER C 171 -18.41 -1.87 -8.78
N ALA C 172 -17.55 -0.86 -8.94
CA ALA C 172 -16.46 -0.86 -9.92
C ALA C 172 -16.63 -1.85 -11.07
N SER C 173 -17.58 -1.59 -11.96
CA SER C 173 -17.84 -2.47 -13.10
C SER C 173 -16.76 -2.31 -14.17
N GLY C 174 -16.04 -3.40 -14.42
CA GLY C 174 -14.97 -3.39 -15.40
C GLY C 174 -13.88 -4.36 -15.00
N GLU C 175 -14.28 -5.40 -14.26
CA GLU C 175 -13.36 -6.43 -13.79
C GLU C 175 -14.11 -7.77 -13.73
N SER C 176 -13.76 -8.65 -14.67
CA SER C 176 -14.36 -9.98 -14.82
C SER C 176 -14.85 -10.68 -13.56
N ASP C 177 -15.71 -11.69 -13.77
CA ASP C 177 -16.31 -12.49 -12.71
C ASP C 177 -16.46 -11.76 -11.38
N GLU C 178 -17.69 -11.42 -11.05
CA GLU C 178 -17.98 -10.72 -9.81
C GLU C 178 -17.48 -11.51 -8.61
N ARG C 179 -16.98 -12.72 -8.85
CA ARG C 179 -16.44 -13.55 -7.78
C ARG C 179 -15.47 -12.71 -6.98
N LYS C 180 -14.63 -11.94 -7.68
CA LYS C 180 -13.66 -11.09 -7.00
C LYS C 180 -14.41 -10.06 -6.15
N MET C 181 -15.56 -9.63 -6.64
CA MET C 181 -16.36 -8.65 -5.92
C MET C 181 -16.80 -9.18 -4.56
N ILE C 182 -17.57 -10.26 -4.59
CA ILE C 182 -18.07 -10.88 -3.37
C ILE C 182 -16.93 -11.03 -2.37
N ASP C 183 -15.73 -11.32 -2.87
CA ASP C 183 -14.57 -11.50 -2.00
C ASP C 183 -14.02 -10.19 -1.45
N ASN C 184 -13.78 -9.22 -2.32
CA ASN C 184 -13.24 -7.96 -1.84
C ASN C 184 -14.21 -7.32 -0.87
N LEU C 185 -15.50 -7.38 -1.22
CA LEU C 185 -16.52 -6.82 -0.36
C LEU C 185 -16.40 -7.49 1.01
N MET C 186 -16.38 -8.82 1.00
CA MET C 186 -16.26 -9.58 2.22
C MET C 186 -15.11 -9.02 3.03
N THR C 187 -13.93 -9.01 2.42
CA THR C 187 -12.75 -8.51 3.12
C THR C 187 -13.01 -7.15 3.76
N LYS C 188 -13.68 -6.26 3.04
CA LYS C 188 -13.96 -4.94 3.58
C LYS C 188 -14.96 -4.98 4.75
N LEU C 189 -15.87 -5.95 4.69
CA LEU C 189 -16.87 -6.13 5.75
C LEU C 189 -16.23 -6.63 7.02
N LYS C 190 -15.48 -7.73 6.91
CA LYS C 190 -14.78 -8.33 8.05
C LYS C 190 -13.80 -7.33 8.64
N GLY C 191 -13.17 -6.57 7.77
CA GLY C 191 -12.23 -5.57 8.22
C GLY C 191 -12.99 -4.49 8.97
N PHE C 192 -14.14 -4.09 8.42
CA PHE C 192 -14.97 -3.06 9.05
C PHE C 192 -15.47 -3.56 10.40
N ALA C 193 -15.84 -4.83 10.42
CA ALA C 193 -16.35 -5.44 11.63
C ALA C 193 -15.29 -5.53 12.71
N LYS C 194 -14.19 -6.17 12.38
CA LYS C 194 -13.14 -6.36 13.36
C LYS C 194 -12.70 -5.08 14.06
N SER C 195 -12.55 -4.00 13.30
CA SER C 195 -12.09 -2.74 13.87
C SER C 195 -13.10 -1.93 14.68
N THR C 196 -14.35 -1.89 14.24
CA THR C 196 -15.34 -1.14 14.98
C THR C 196 -15.87 -1.92 16.16
N GLY C 197 -15.87 -3.24 16.05
CA GLY C 197 -16.37 -4.05 17.14
C GLY C 197 -17.86 -4.36 17.04
N VAL C 198 -18.47 -3.97 15.92
CA VAL C 198 -19.89 -4.21 15.68
C VAL C 198 -20.15 -5.65 15.27
N VAL C 199 -21.28 -6.19 15.70
CA VAL C 199 -21.67 -7.54 15.31
C VAL C 199 -22.25 -7.35 13.89
N LEU C 200 -21.80 -8.16 12.96
CA LEU C 200 -22.29 -8.04 11.60
C LEU C 200 -22.93 -9.33 11.10
N VAL C 201 -24.24 -9.30 10.87
CA VAL C 201 -24.97 -10.45 10.39
C VAL C 201 -25.22 -10.24 8.90
N VAL C 202 -24.63 -11.11 8.08
CA VAL C 202 -24.75 -11.03 6.63
C VAL C 202 -25.47 -12.23 6.06
N ILE C 203 -26.38 -11.97 5.13
CA ILE C 203 -27.13 -13.03 4.48
C ILE C 203 -26.55 -13.26 3.08
N CYS C 204 -26.55 -14.50 2.61
CA CYS C 204 -26.06 -14.81 1.27
C CYS C 204 -26.87 -16.00 0.79
N HIS C 205 -26.92 -16.20 -0.53
CA HIS C 205 -27.68 -17.30 -1.09
C HIS C 205 -26.83 -18.52 -1.44
N LEU C 206 -27.48 -19.60 -1.86
CA LEU C 206 -26.77 -20.83 -2.20
C LEU C 206 -26.60 -21.10 -3.68
N LYS C 207 -25.52 -21.80 -4.03
CA LYS C 207 -25.29 -22.17 -5.41
C LYS C 207 -26.38 -23.16 -5.72
N ASN C 208 -26.83 -23.17 -6.96
CA ASN C 208 -27.87 -24.10 -7.36
C ASN C 208 -27.14 -25.38 -7.75
N PRO C 209 -27.17 -26.38 -6.85
CA PRO C 209 -26.52 -27.68 -7.03
C PRO C 209 -26.80 -28.37 -8.36
N ASP C 210 -28.06 -28.34 -8.79
CA ASP C 210 -28.46 -28.96 -10.05
C ASP C 210 -27.60 -30.18 -10.33
N LYS C 211 -27.50 -31.05 -9.32
CA LYS C 211 -26.72 -32.27 -9.41
C LYS C 211 -27.08 -33.07 -8.16
N GLY C 212 -28.29 -33.61 -8.19
CA GLY C 212 -28.83 -34.38 -7.08
C GLY C 212 -30.27 -33.94 -6.91
N LYS C 213 -30.71 -33.80 -5.66
CA LYS C 213 -32.07 -33.32 -5.35
C LYS C 213 -31.72 -32.23 -4.37
N ALA C 214 -32.23 -31.02 -4.57
CA ALA C 214 -31.78 -29.96 -3.68
C ALA C 214 -32.64 -28.90 -2.97
N HIS C 215 -32.00 -28.35 -1.94
CA HIS C 215 -32.48 -27.30 -1.05
C HIS C 215 -33.97 -27.18 -0.82
N GLU C 216 -34.71 -26.68 -1.80
CA GLU C 216 -36.15 -26.53 -1.65
C GLU C 216 -36.76 -27.86 -1.21
N GLU C 217 -35.98 -28.94 -1.35
CA GLU C 217 -36.44 -30.28 -1.00
C GLU C 217 -35.66 -30.91 0.13
N GLY C 218 -35.00 -30.09 0.95
CA GLY C 218 -34.22 -30.62 2.04
C GLY C 218 -32.77 -30.59 1.60
N ARG C 219 -32.07 -31.70 1.72
CA ARG C 219 -30.68 -31.74 1.30
C ARG C 219 -29.85 -30.79 2.12
N PRO C 220 -28.97 -31.31 2.96
CA PRO C 220 -28.14 -30.43 3.78
C PRO C 220 -27.27 -29.52 2.93
N VAL C 221 -27.10 -28.29 3.39
CA VAL C 221 -26.27 -27.32 2.68
C VAL C 221 -24.86 -27.51 3.19
N SER C 222 -23.90 -27.57 2.28
CA SER C 222 -22.49 -27.75 2.65
C SER C 222 -21.69 -26.46 2.44
N ILE C 223 -20.62 -26.28 3.21
CA ILE C 223 -19.82 -25.07 3.08
C ILE C 223 -19.43 -24.77 1.64
N THR C 224 -19.30 -25.80 0.82
CA THR C 224 -18.95 -25.56 -0.57
C THR C 224 -20.10 -24.87 -1.33
N ASP C 225 -21.35 -25.26 -1.02
CA ASP C 225 -22.54 -24.72 -1.65
C ASP C 225 -22.67 -23.19 -1.65
N LEU C 226 -22.09 -22.54 -0.66
CA LEU C 226 -22.19 -21.09 -0.55
C LEU C 226 -21.82 -20.28 -1.79
N ARG C 227 -22.71 -19.39 -2.18
CA ARG C 227 -22.48 -18.51 -3.33
C ARG C 227 -21.19 -17.72 -3.07
N GLY C 228 -20.61 -17.17 -4.12
CA GLY C 228 -19.38 -16.43 -3.96
C GLY C 228 -18.26 -17.38 -3.61
N SER C 229 -17.16 -17.31 -4.36
CA SER C 229 -16.01 -18.18 -4.14
C SER C 229 -15.46 -18.09 -2.72
N GLY C 230 -15.69 -19.17 -1.96
CA GLY C 230 -15.24 -19.28 -0.58
C GLY C 230 -14.31 -18.23 -0.02
N ALA C 231 -14.70 -16.97 -0.09
CA ALA C 231 -13.88 -15.91 0.46
C ALA C 231 -14.58 -15.62 1.76
N LEU C 232 -15.90 -15.80 1.73
CA LEU C 232 -16.72 -15.59 2.90
C LEU C 232 -16.61 -16.85 3.75
N ARG C 233 -16.36 -17.98 3.12
CA ARG C 233 -16.20 -19.20 3.90
C ARG C 233 -14.98 -19.04 4.81
N GLN C 234 -14.15 -18.04 4.53
CA GLN C 234 -12.95 -17.80 5.33
C GLN C 234 -13.01 -16.50 6.10
N LEU C 235 -13.70 -15.52 5.55
CA LEU C 235 -13.81 -14.23 6.23
C LEU C 235 -14.84 -14.20 7.33
N SER C 236 -15.90 -15.00 7.20
CA SER C 236 -16.93 -15.04 8.23
C SER C 236 -16.49 -15.91 9.39
N ASP C 237 -16.85 -15.49 10.59
CA ASP C 237 -16.50 -16.19 11.81
C ASP C 237 -17.48 -17.31 12.16
N THR C 238 -18.76 -17.11 11.89
CA THR C 238 -19.76 -18.14 12.13
C THR C 238 -20.63 -18.29 10.90
N ILE C 239 -21.22 -19.47 10.70
CA ILE C 239 -22.07 -19.68 9.54
C ILE C 239 -23.28 -20.50 9.95
N ILE C 240 -24.44 -19.87 9.91
CA ILE C 240 -25.69 -20.54 10.27
C ILE C 240 -26.40 -20.90 8.98
N ALA C 241 -26.88 -22.13 8.87
CA ALA C 241 -27.60 -22.53 7.67
C ALA C 241 -28.90 -23.17 8.10
N LEU C 242 -29.97 -22.90 7.36
CA LEU C 242 -31.25 -23.48 7.70
C LEU C 242 -31.65 -24.40 6.57
N GLU C 243 -32.17 -25.57 6.91
CA GLU C 243 -32.59 -26.56 5.91
C GLU C 243 -34.02 -27.01 6.16
N ARG C 244 -34.81 -27.13 5.10
CA ARG C 244 -36.16 -27.62 5.23
C ARG C 244 -36.68 -28.12 3.88
N ASN C 245 -37.70 -28.97 3.94
CA ASN C 245 -38.27 -29.55 2.74
C ASN C 245 -39.68 -29.03 2.50
N GLN C 246 -39.81 -27.92 1.79
CA GLN C 246 -41.14 -27.34 1.50
C GLN C 246 -42.02 -28.31 0.73
N GLN C 247 -41.38 -29.23 0.02
CA GLN C 247 -42.09 -30.26 -0.74
C GLN C 247 -41.90 -31.61 -0.05
N GLY C 248 -42.30 -31.69 1.23
CA GLY C 248 -42.16 -32.94 1.96
C GLY C 248 -43.32 -33.12 2.92
N ASP C 249 -43.05 -33.70 4.08
CA ASP C 249 -44.11 -33.90 5.06
C ASP C 249 -44.24 -32.73 6.02
N MET C 250 -43.12 -32.33 6.60
CA MET C 250 -43.08 -31.23 7.55
C MET C 250 -42.36 -30.07 6.90
N PRO C 251 -43.05 -29.33 6.03
CA PRO C 251 -42.48 -28.18 5.32
C PRO C 251 -42.05 -27.08 6.26
N ASN C 252 -42.69 -27.01 7.42
CA ASN C 252 -42.37 -25.99 8.39
C ASN C 252 -41.33 -26.43 9.42
N LEU C 253 -40.83 -27.66 9.28
CA LEU C 253 -39.79 -28.14 10.18
C LEU C 253 -38.48 -27.74 9.52
N VAL C 254 -37.69 -26.93 10.23
CA VAL C 254 -36.42 -26.48 9.70
C VAL C 254 -35.30 -26.81 10.66
N LEU C 255 -34.19 -27.27 10.11
CA LEU C 255 -33.03 -27.68 10.87
C LEU C 255 -31.98 -26.62 10.77
N VAL C 256 -31.35 -26.34 11.91
CA VAL C 256 -30.31 -25.33 11.99
C VAL C 256 -28.98 -26.04 12.09
N ARG C 257 -28.08 -25.71 11.17
CA ARG C 257 -26.75 -26.33 11.13
C ARG C 257 -25.65 -25.29 11.24
N ILE C 258 -24.71 -25.52 12.15
CA ILE C 258 -23.58 -24.60 12.29
C ILE C 258 -22.47 -25.12 11.35
N LEU C 259 -22.42 -24.55 10.17
CA LEU C 259 -21.46 -24.90 9.14
C LEU C 259 -20.08 -24.50 9.58
N LYS C 260 -20.02 -23.43 10.35
CA LYS C 260 -18.74 -22.92 10.82
C LYS C 260 -18.87 -22.03 12.06
N CYS C 261 -17.85 -22.07 12.90
CA CYS C 261 -17.80 -21.25 14.10
C CYS C 261 -16.36 -21.17 14.56
N ARG C 262 -15.72 -20.04 14.29
CA ARG C 262 -14.33 -19.83 14.63
C ARG C 262 -14.16 -19.92 16.14
N PHE C 263 -14.76 -18.97 16.85
CA PHE C 263 -14.69 -18.89 18.30
C PHE C 263 -14.69 -20.23 19.04
N THR C 264 -15.72 -21.04 18.83
CA THR C 264 -15.84 -22.31 19.54
C THR C 264 -15.34 -23.55 18.83
N GLY C 265 -15.39 -23.56 17.49
CA GLY C 265 -14.93 -24.72 16.75
C GLY C 265 -15.94 -25.83 16.79
N ASP C 266 -16.99 -25.58 17.57
CA ASP C 266 -18.07 -26.52 17.75
C ASP C 266 -19.04 -26.42 16.58
N THR C 267 -18.98 -27.38 15.66
CA THR C 267 -19.84 -27.40 14.49
C THR C 267 -20.90 -28.50 14.51
N GLY C 268 -21.66 -28.61 13.42
CA GLY C 268 -22.71 -29.62 13.33
C GLY C 268 -24.13 -29.10 13.54
N ILE C 269 -25.08 -30.02 13.48
CA ILE C 269 -26.49 -29.70 13.66
C ILE C 269 -26.76 -29.11 15.05
N ALA C 270 -27.24 -27.87 15.07
CA ALA C 270 -27.56 -27.19 16.32
C ALA C 270 -28.89 -27.69 16.88
N GLY C 271 -29.95 -27.63 16.08
CA GLY C 271 -31.26 -28.05 16.53
C GLY C 271 -32.31 -27.78 15.47
N TYR C 272 -33.58 -27.66 15.86
CA TYR C 272 -34.62 -27.42 14.89
C TYR C 272 -35.58 -26.31 15.28
N MET C 273 -36.46 -25.96 14.34
CA MET C 273 -37.44 -24.93 14.56
C MET C 273 -38.62 -25.22 13.63
N GLU C 274 -39.81 -24.71 13.98
CA GLU C 274 -40.97 -24.92 13.12
C GLU C 274 -41.59 -23.60 12.72
N TYR C 275 -41.91 -23.47 11.44
CA TYR C 275 -42.52 -22.25 10.97
C TYR C 275 -44.00 -22.29 11.25
N ASN C 276 -44.48 -21.27 11.95
CA ASN C 276 -45.90 -21.16 12.28
C ASN C 276 -46.53 -20.15 11.32
N LYS C 277 -47.29 -20.64 10.35
CA LYS C 277 -47.91 -19.77 9.35
C LYS C 277 -48.80 -18.70 9.93
N GLU C 278 -49.29 -18.95 11.15
CA GLU C 278 -50.14 -17.99 11.84
C GLU C 278 -49.30 -16.80 12.27
N THR C 279 -48.45 -17.03 13.26
CA THR C 279 -47.58 -16.00 13.79
C THR C 279 -46.47 -15.57 12.83
N GLY C 280 -46.22 -16.38 11.80
CA GLY C 280 -45.17 -16.08 10.84
C GLY C 280 -43.77 -16.16 11.44
N TRP C 281 -43.68 -16.75 12.63
CA TRP C 281 -42.42 -16.90 13.35
C TRP C 281 -41.82 -18.29 13.15
N LEU C 282 -40.57 -18.43 13.57
CA LEU C 282 -39.86 -19.68 13.50
C LEU C 282 -39.76 -20.05 14.95
N GLU C 283 -40.73 -20.83 15.43
CA GLU C 283 -40.80 -21.25 16.84
C GLU C 283 -39.88 -22.38 17.20
N PRO C 284 -39.48 -22.47 18.47
CA PRO C 284 -38.57 -23.54 18.88
C PRO C 284 -39.28 -24.88 18.74
N SER C 285 -38.52 -25.93 18.44
CA SER C 285 -39.10 -27.25 18.25
C SER C 285 -38.34 -28.38 18.93
N SER C 286 -38.97 -29.55 18.96
CA SER C 286 -38.40 -30.76 19.54
C SER C 286 -38.52 -31.81 18.44
N TYR C 287 -37.39 -32.32 17.98
CA TYR C 287 -37.40 -33.30 16.91
C TYR C 287 -36.03 -33.94 16.74
N SER C 288 -36.00 -34.99 15.93
CA SER C 288 -34.78 -35.75 15.63
C SER C 288 -35.08 -36.75 14.49
N GLY C 289 -34.34 -36.63 13.40
CA GLY C 289 -34.57 -37.50 12.25
C GLY C 289 -33.60 -38.67 12.16
N ILE D 1 -26.97 2.60 -47.69
CA ILE D 1 -27.53 2.74 -46.32
C ILE D 1 -27.22 4.14 -45.76
N PRO D 2 -27.90 5.16 -46.27
CA PRO D 2 -27.58 6.49 -45.72
C PRO D 2 -28.19 6.69 -44.33
N ASP D 3 -27.57 7.49 -43.47
CA ASP D 3 -28.13 7.71 -42.13
C ASP D 3 -28.57 9.13 -41.81
N GLY D 4 -27.61 10.05 -41.69
CA GLY D 4 -27.93 11.44 -41.39
C GLY D 4 -27.35 12.43 -42.40
N VAL D 5 -27.46 12.09 -43.69
CA VAL D 5 -26.96 12.94 -44.77
C VAL D 5 -28.15 13.38 -45.59
N VAL D 6 -28.41 14.68 -45.55
CA VAL D 6 -29.53 15.27 -46.25
C VAL D 6 -29.08 16.06 -47.47
N SER D 7 -29.98 16.22 -48.44
CA SER D 7 -29.66 16.99 -49.64
C SER D 7 -30.15 18.43 -49.44
N ALA D 8 -29.39 19.39 -49.98
CA ALA D 8 -29.76 20.79 -49.87
C ALA D 8 -31.20 21.07 -50.27
N LEU D 9 -31.66 20.41 -51.33
CA LEU D 9 -33.02 20.61 -51.82
C LEU D 9 -34.12 20.24 -50.84
N SER D 10 -33.90 19.18 -50.07
CA SER D 10 -34.89 18.76 -49.10
C SER D 10 -34.99 19.70 -47.90
N LEU D 11 -34.11 20.69 -47.82
CA LEU D 11 -34.11 21.61 -46.67
C LEU D 11 -34.92 22.88 -46.88
N ARG D 12 -35.53 23.02 -48.05
CA ARG D 12 -36.32 24.23 -48.34
C ARG D 12 -37.14 24.79 -47.18
N GLU D 13 -38.07 24.00 -46.65
CA GLU D 13 -38.90 24.47 -45.55
C GLU D 13 -38.13 24.69 -44.26
N ARG D 14 -37.34 23.70 -43.87
CA ARG D 14 -36.53 23.82 -42.66
C ARG D 14 -35.72 25.10 -42.75
N ILE D 15 -35.38 25.50 -43.98
CA ILE D 15 -34.63 26.72 -44.17
C ILE D 15 -35.52 27.94 -44.03
N ARG D 16 -36.69 27.93 -44.69
CA ARG D 16 -37.63 29.06 -44.60
C ARG D 16 -38.06 29.31 -43.16
N GLU D 17 -38.24 28.24 -42.40
CA GLU D 17 -38.61 28.37 -41.00
C GLU D 17 -37.50 29.15 -40.29
N HIS D 18 -36.27 28.63 -40.39
CA HIS D 18 -35.06 29.22 -39.80
C HIS D 18 -34.94 30.72 -40.13
N LEU D 19 -35.08 31.04 -41.43
CA LEU D 19 -34.97 32.42 -41.93
C LEU D 19 -35.92 33.44 -41.34
N SER D 20 -37.07 32.99 -40.85
CA SER D 20 -38.01 33.93 -40.23
C SER D 20 -37.80 33.87 -38.71
N SER D 21 -37.30 34.99 -38.15
CA SER D 21 -37.01 35.07 -36.71
C SER D 21 -35.76 34.27 -36.34
N SER D 24 -37.25 40.10 -33.80
CA SER D 24 -36.11 40.34 -34.69
C SER D 24 -34.94 40.97 -33.92
N VAL D 25 -35.23 41.52 -32.74
CA VAL D 25 -34.23 42.13 -31.86
C VAL D 25 -34.86 42.23 -30.49
N GLY D 26 -34.29 41.53 -29.51
CA GLY D 26 -34.86 41.58 -28.17
C GLY D 26 -33.84 41.45 -27.07
N LEU D 27 -34.07 42.18 -25.98
CA LEU D 27 -33.18 42.17 -24.81
C LEU D 27 -31.71 42.35 -25.17
N LEU D 28 -31.27 43.60 -25.19
CA LEU D 28 -29.88 43.89 -25.52
C LEU D 28 -29.04 43.83 -24.27
N PHE D 29 -27.89 43.18 -24.38
CA PHE D 29 -27.00 43.04 -23.25
C PHE D 29 -26.47 44.39 -22.77
N SER D 30 -26.07 44.44 -21.51
CA SER D 30 -25.52 45.66 -20.91
C SER D 30 -24.09 45.41 -20.49
N GLY D 31 -23.25 46.43 -20.69
CA GLY D 31 -21.86 46.31 -20.31
C GLY D 31 -20.92 46.52 -21.48
N CYS D 32 -21.42 46.27 -22.68
CA CYS D 32 -20.62 46.44 -23.88
C CYS D 32 -21.43 46.32 -25.14
N THR D 33 -21.65 47.46 -25.80
CA THR D 33 -22.38 47.43 -27.06
C THR D 33 -21.45 46.60 -27.93
N GLY D 34 -21.94 46.07 -29.02
CA GLY D 34 -21.04 45.25 -29.81
C GLY D 34 -21.47 43.84 -29.54
N ILE D 35 -21.70 43.48 -28.28
CA ILE D 35 -22.18 42.13 -28.04
C ILE D 35 -23.47 42.11 -28.86
N ASN D 36 -24.20 43.23 -28.79
CA ASN D 36 -25.46 43.38 -29.52
C ASN D 36 -25.18 43.52 -31.01
N ASP D 37 -24.17 44.30 -31.35
CA ASP D 37 -23.80 44.47 -32.75
C ASP D 37 -23.64 43.10 -33.37
N LYS D 38 -22.90 42.25 -32.69
CA LYS D 38 -22.65 40.92 -33.18
C LYS D 38 -23.72 39.88 -32.88
N THR D 39 -24.73 40.23 -32.11
CA THR D 39 -25.76 39.24 -31.80
C THR D 39 -27.18 39.77 -31.89
N LEU D 40 -27.32 41.08 -31.83
CA LEU D 40 -28.62 41.72 -31.88
C LEU D 40 -29.43 41.38 -30.64
N GLY D 41 -28.74 41.02 -29.56
CA GLY D 41 -29.41 40.70 -28.32
C GLY D 41 -29.79 39.25 -28.16
N ALA D 42 -30.73 38.98 -27.26
CA ALA D 42 -31.17 37.62 -27.00
C ALA D 42 -32.62 37.39 -27.38
N ARG D 43 -32.86 36.31 -28.12
CA ARG D 43 -34.20 35.93 -28.58
C ARG D 43 -34.88 34.93 -27.63
N GLY D 44 -36.20 35.01 -27.55
CA GLY D 44 -36.93 34.05 -26.73
C GLY D 44 -36.70 32.71 -27.37
N GLY D 45 -36.72 31.63 -26.58
CA GLY D 45 -36.52 30.30 -27.13
C GLY D 45 -35.04 29.99 -27.32
N GLU D 46 -34.25 31.04 -27.45
CA GLU D 46 -32.81 30.92 -27.63
C GLU D 46 -32.13 30.50 -26.32
N VAL D 47 -30.92 29.96 -26.41
CA VAL D 47 -30.17 29.53 -25.24
C VAL D 47 -28.82 30.21 -25.25
N ILE D 48 -28.62 31.19 -24.36
CA ILE D 48 -27.35 31.90 -24.28
C ILE D 48 -26.36 31.19 -23.35
N MET D 49 -25.11 31.10 -23.77
CA MET D 49 -24.06 30.43 -23.00
C MET D 49 -22.92 31.41 -22.67
N VAL D 50 -22.69 31.63 -21.38
CA VAL D 50 -21.62 32.51 -20.93
C VAL D 50 -20.64 31.67 -20.14
N THR D 51 -19.35 31.88 -20.39
CA THR D 51 -18.31 31.11 -19.72
C THR D 51 -16.99 31.88 -19.64
N SER D 52 -16.03 31.31 -18.92
CA SER D 52 -14.71 31.92 -18.77
C SER D 52 -13.92 31.15 -17.74
N GLY D 53 -12.68 31.58 -17.51
CA GLY D 53 -11.85 30.91 -16.52
C GLY D 53 -12.51 30.96 -15.15
N SER D 54 -11.90 30.30 -14.18
CA SER D 54 -12.47 30.29 -12.85
C SER D 54 -12.25 31.61 -12.10
N GLY D 55 -13.36 32.27 -11.76
CA GLY D 55 -13.30 33.52 -11.05
C GLY D 55 -12.87 34.70 -11.91
N MET D 56 -13.38 34.77 -13.13
CA MET D 56 -13.03 35.88 -14.00
C MET D 56 -14.21 36.82 -14.27
N GLY D 57 -15.38 36.46 -13.74
CA GLY D 57 -16.55 37.31 -13.91
C GLY D 57 -17.72 36.73 -14.67
N LYS D 58 -17.86 35.41 -14.63
CA LYS D 58 -18.96 34.78 -15.35
C LYS D 58 -20.27 35.20 -14.68
N SER D 59 -20.41 34.82 -13.42
CA SER D 59 -21.61 35.15 -12.67
C SER D 59 -21.85 36.66 -12.65
N THR D 60 -20.78 37.44 -12.52
CA THR D 60 -20.89 38.88 -12.49
C THR D 60 -21.57 39.38 -13.76
N PHE D 61 -21.05 38.97 -14.90
CA PHE D 61 -21.61 39.37 -16.17
C PHE D 61 -23.10 39.03 -16.25
N VAL D 62 -23.39 37.77 -15.96
CA VAL D 62 -24.77 37.29 -15.99
C VAL D 62 -25.73 38.04 -15.05
N ARG D 63 -25.23 38.43 -13.88
CA ARG D 63 -26.02 39.16 -12.89
C ARG D 63 -26.34 40.57 -13.41
N GLN D 64 -25.34 41.23 -14.00
CA GLN D 64 -25.57 42.57 -14.55
C GLN D 64 -26.69 42.50 -15.59
N GLN D 65 -26.73 41.42 -16.36
CA GLN D 65 -27.77 41.23 -17.36
C GLN D 65 -29.12 41.11 -16.65
N ALA D 66 -29.16 40.29 -15.60
CA ALA D 66 -30.40 40.07 -14.85
C ALA D 66 -30.95 41.38 -14.34
N LEU D 67 -30.07 42.19 -13.78
CA LEU D 67 -30.45 43.49 -13.23
C LEU D 67 -30.94 44.50 -14.26
N GLN D 68 -30.27 44.58 -15.39
CA GLN D 68 -30.73 45.53 -16.38
C GLN D 68 -32.08 45.06 -16.93
N TRP D 69 -32.16 43.77 -17.28
CA TRP D 69 -33.40 43.25 -17.85
C TRP D 69 -34.58 43.33 -16.89
N GLY D 70 -34.34 43.12 -15.60
CA GLY D 70 -35.42 43.16 -14.62
C GLY D 70 -35.71 44.54 -14.06
N THR D 71 -35.01 45.55 -14.59
CA THR D 71 -35.16 46.92 -14.15
C THR D 71 -35.51 47.83 -15.34
N ALA D 72 -34.46 48.26 -16.05
CA ALA D 72 -34.59 49.11 -17.23
C ALA D 72 -35.66 48.63 -18.17
N MET D 73 -35.56 47.37 -18.58
CA MET D 73 -36.49 46.77 -19.52
C MET D 73 -37.64 45.93 -18.91
N GLY D 74 -38.07 46.30 -17.71
CA GLY D 74 -39.16 45.62 -17.02
C GLY D 74 -39.51 44.17 -17.34
N LYS D 75 -38.53 43.28 -17.31
CA LYS D 75 -38.77 41.87 -17.62
C LYS D 75 -38.75 41.05 -16.35
N LYS D 76 -39.50 39.95 -16.35
CA LYS D 76 -39.51 39.06 -15.20
C LYS D 76 -38.32 38.09 -15.28
N VAL D 77 -37.39 38.22 -14.34
CA VAL D 77 -36.21 37.37 -14.33
C VAL D 77 -36.25 36.23 -13.32
N GLY D 78 -35.84 35.06 -13.79
CA GLY D 78 -35.76 33.89 -12.94
C GLY D 78 -34.28 33.66 -12.70
N LEU D 79 -33.88 33.61 -11.44
CA LEU D 79 -32.48 33.39 -11.11
C LEU D 79 -32.31 32.07 -10.40
N ALA D 80 -31.34 31.29 -10.85
CA ALA D 80 -31.07 29.99 -10.26
C ALA D 80 -29.56 29.84 -10.08
N MET D 81 -29.03 30.47 -9.04
CA MET D 81 -27.61 30.38 -8.77
C MET D 81 -27.40 29.24 -7.80
N LEU D 82 -27.14 28.05 -8.32
CA LEU D 82 -26.97 26.86 -7.50
C LEU D 82 -25.77 26.88 -6.56
N GLU D 83 -24.94 27.93 -6.64
CA GLU D 83 -23.76 28.00 -5.80
C GLU D 83 -23.74 29.15 -4.82
N GLU D 84 -24.90 29.73 -4.53
CA GLU D 84 -24.98 30.86 -3.61
C GLU D 84 -26.39 31.05 -3.05
N SER D 85 -26.46 31.46 -1.78
CA SER D 85 -27.74 31.67 -1.14
C SER D 85 -28.54 32.75 -1.85
N VAL D 86 -29.86 32.63 -1.80
CA VAL D 86 -30.75 33.61 -2.41
C VAL D 86 -30.39 34.99 -1.89
N GLU D 87 -30.17 35.09 -0.57
CA GLU D 87 -29.79 36.34 0.08
C GLU D 87 -28.47 36.87 -0.51
N GLU D 88 -27.56 35.96 -0.80
CA GLU D 88 -26.29 36.35 -1.40
C GLU D 88 -26.56 37.01 -2.75
N THR D 89 -27.16 36.27 -3.67
CA THR D 89 -27.43 36.83 -4.98
C THR D 89 -28.23 38.14 -4.83
N ALA D 90 -29.18 38.17 -3.90
CA ALA D 90 -30.00 39.37 -3.65
C ALA D 90 -29.12 40.55 -3.21
N GLU D 91 -28.10 40.26 -2.42
CA GLU D 91 -27.16 41.26 -1.94
C GLU D 91 -26.49 41.89 -3.16
N ASP D 92 -26.00 41.04 -4.06
CA ASP D 92 -25.31 41.48 -5.27
C ASP D 92 -26.18 42.40 -6.12
N LEU D 93 -27.41 41.95 -6.37
CA LEU D 93 -28.38 42.73 -7.15
C LEU D 93 -28.63 44.10 -6.48
N ILE D 94 -28.94 44.06 -5.19
CA ILE D 94 -29.19 45.28 -4.42
C ILE D 94 -28.00 46.23 -4.48
N GLY D 95 -26.81 45.68 -4.31
CA GLY D 95 -25.61 46.51 -4.35
C GLY D 95 -25.37 47.05 -5.73
N LEU D 96 -25.42 46.17 -6.72
CA LEU D 96 -25.18 46.58 -8.09
C LEU D 96 -26.13 47.73 -8.44
N HIS D 97 -27.41 47.50 -8.18
CA HIS D 97 -28.44 48.50 -8.46
C HIS D 97 -28.07 49.87 -7.91
N ASN D 98 -27.34 49.89 -6.80
CA ASN D 98 -26.96 51.15 -6.16
C ASN D 98 -25.49 51.55 -6.32
N ARG D 99 -24.79 50.89 -7.24
CA ARG D 99 -23.40 51.20 -7.55
C ARG D 99 -22.43 51.04 -6.37
N VAL D 100 -22.59 49.96 -5.61
CA VAL D 100 -21.72 49.70 -4.47
C VAL D 100 -21.45 48.22 -4.30
N ARG D 101 -20.23 47.91 -3.86
CA ARG D 101 -19.84 46.51 -3.63
C ARG D 101 -20.18 46.20 -2.19
N LEU D 102 -21.47 46.00 -1.97
CA LEU D 102 -22.02 45.69 -0.68
C LEU D 102 -21.28 44.53 -0.01
N ARG D 103 -20.90 43.51 -0.77
CA ARG D 103 -20.21 42.39 -0.16
C ARG D 103 -18.83 42.70 0.39
N GLN D 104 -18.06 43.50 -0.34
CA GLN D 104 -16.70 43.85 0.09
C GLN D 104 -16.67 44.92 1.16
N SER D 105 -17.81 45.20 1.80
CA SER D 105 -17.88 46.25 2.82
C SER D 105 -18.74 45.91 4.04
N ASP D 106 -18.11 45.65 5.18
CA ASP D 106 -18.86 45.32 6.38
C ASP D 106 -19.37 46.60 7.01
N SER D 107 -18.74 47.72 6.64
CA SER D 107 -19.14 49.02 7.16
C SER D 107 -20.44 49.44 6.46
N LEU D 108 -20.42 49.38 5.13
CA LEU D 108 -21.55 49.77 4.33
C LEU D 108 -22.76 48.94 4.69
N LYS D 109 -22.57 47.63 4.84
CA LYS D 109 -23.70 46.76 5.17
C LYS D 109 -24.31 47.25 6.49
N ARG D 110 -23.46 47.40 7.50
CA ARG D 110 -23.89 47.87 8.81
C ARG D 110 -24.62 49.19 8.60
N GLU D 111 -23.97 50.09 7.89
CA GLU D 111 -24.53 51.40 7.58
C GLU D 111 -25.96 51.30 7.09
N ILE D 112 -26.12 50.84 5.86
CA ILE D 112 -27.45 50.77 5.26
C ILE D 112 -28.52 50.12 6.12
N ILE D 113 -28.13 49.18 6.99
CA ILE D 113 -29.12 48.56 7.86
C ILE D 113 -29.52 49.48 9.01
N GLU D 114 -28.56 50.21 9.56
CA GLU D 114 -28.84 51.08 10.67
C GLU D 114 -29.45 52.40 10.24
N ASN D 115 -28.87 53.05 9.24
CA ASN D 115 -29.40 54.33 8.77
C ASN D 115 -30.73 54.16 8.02
N GLY D 116 -31.19 52.91 7.92
CA GLY D 116 -32.45 52.64 7.26
C GLY D 116 -32.48 52.50 5.74
N LYS D 117 -31.37 52.81 5.08
CA LYS D 117 -31.32 52.72 3.61
C LYS D 117 -31.64 51.37 2.99
N PHE D 118 -31.27 50.27 3.64
CA PHE D 118 -31.56 48.93 3.12
C PHE D 118 -33.00 48.80 2.62
N ASP D 119 -33.98 49.11 3.48
CA ASP D 119 -35.38 49.01 3.08
C ASP D 119 -35.70 49.82 1.86
N GLN D 120 -35.18 51.03 1.83
CA GLN D 120 -35.38 51.94 0.70
C GLN D 120 -34.90 51.23 -0.57
N TRP D 121 -33.61 50.85 -0.56
CA TRP D 121 -33.00 50.15 -1.67
C TRP D 121 -33.75 48.88 -1.99
N PHE D 122 -34.09 48.12 -0.96
CA PHE D 122 -34.81 46.87 -1.17
C PHE D 122 -36.07 47.05 -2.00
N ASP D 123 -36.91 48.03 -1.62
CA ASP D 123 -38.15 48.28 -2.36
C ASP D 123 -37.87 48.91 -3.72
N GLU D 124 -37.04 49.94 -3.74
CA GLU D 124 -36.70 50.61 -4.97
C GLU D 124 -36.30 49.62 -6.05
N LEU D 125 -35.86 48.43 -5.65
CA LEU D 125 -35.41 47.39 -6.59
C LEU D 125 -36.41 46.24 -6.74
N PHE D 126 -36.68 45.54 -5.64
CA PHE D 126 -37.60 44.41 -5.68
C PHE D 126 -39.07 44.85 -5.61
N GLY D 127 -39.30 46.14 -5.80
CA GLY D 127 -40.65 46.67 -5.74
C GLY D 127 -41.57 46.09 -6.79
N ASN D 128 -41.21 46.24 -8.05
CA ASN D 128 -42.02 45.74 -9.16
C ASN D 128 -42.20 44.22 -9.25
N ASP D 129 -41.68 43.48 -8.28
CA ASP D 129 -41.82 42.03 -8.26
C ASP D 129 -41.37 41.34 -9.55
N THR D 130 -40.20 41.71 -10.05
CA THR D 130 -39.67 41.15 -11.28
C THR D 130 -38.63 40.05 -11.06
N PHE D 131 -38.09 39.95 -9.85
CA PHE D 131 -37.08 38.94 -9.56
C PHE D 131 -37.61 37.79 -8.72
N HIS D 132 -37.16 36.58 -9.09
CA HIS D 132 -37.58 35.35 -8.39
C HIS D 132 -36.40 34.40 -8.45
N LEU D 133 -36.19 33.63 -7.39
CA LEU D 133 -35.04 32.75 -7.36
C LEU D 133 -35.32 31.33 -6.90
N TYR D 134 -34.44 30.41 -7.30
CA TYR D 134 -34.51 29.02 -6.88
C TYR D 134 -33.89 29.15 -5.49
N ASP D 135 -34.10 28.16 -4.62
CA ASP D 135 -33.58 28.27 -3.26
C ASP D 135 -33.14 26.95 -2.65
N SER D 136 -31.89 26.90 -2.19
CA SER D 136 -31.40 25.67 -1.55
C SER D 136 -29.91 25.67 -1.22
N PHE D 137 -29.14 25.12 -2.16
CA PHE D 137 -27.69 24.92 -2.08
C PHE D 137 -27.57 23.40 -1.92
N ALA D 138 -28.72 22.78 -1.61
CA ALA D 138 -28.84 21.34 -1.43
C ALA D 138 -29.07 20.72 -2.81
N GLU D 139 -27.99 20.19 -3.38
CA GLU D 139 -27.95 19.56 -4.71
C GLU D 139 -29.29 19.31 -5.40
N ALA D 140 -29.48 19.95 -6.56
CA ALA D 140 -30.70 19.84 -7.34
C ALA D 140 -30.57 18.87 -8.50
N GLU D 141 -31.58 18.02 -8.68
CA GLU D 141 -31.61 17.03 -9.75
C GLU D 141 -32.10 17.65 -11.06
N THR D 142 -31.66 17.09 -12.19
CA THR D 142 -32.03 17.58 -13.52
C THR D 142 -33.53 17.91 -13.68
N ASP D 143 -34.36 16.88 -13.77
CA ASP D 143 -35.80 17.08 -13.90
C ASP D 143 -36.29 17.98 -12.76
N ARG D 144 -35.80 17.70 -11.56
CA ARG D 144 -36.14 18.45 -10.36
C ARG D 144 -35.98 19.94 -10.69
N LEU D 145 -34.76 20.31 -11.07
CA LEU D 145 -34.43 21.69 -11.42
C LEU D 145 -35.28 22.21 -12.58
N LEU D 146 -35.34 21.44 -13.66
CA LEU D 146 -36.11 21.83 -14.82
C LEU D 146 -37.55 22.21 -14.53
N ALA D 147 -38.24 21.38 -13.75
CA ALA D 147 -39.62 21.65 -13.38
C ALA D 147 -39.64 23.05 -12.78
N LYS D 148 -38.79 23.23 -11.78
CA LYS D 148 -38.68 24.51 -11.10
C LYS D 148 -38.46 25.64 -12.10
N LEU D 149 -37.59 25.44 -13.08
CA LEU D 149 -37.35 26.49 -14.06
C LEU D 149 -38.62 26.64 -14.88
N ALA D 150 -39.31 25.52 -15.09
CA ALA D 150 -40.54 25.47 -15.86
C ALA D 150 -41.64 26.24 -15.17
N TYR D 151 -41.63 26.18 -13.85
CA TYR D 151 -42.60 26.87 -13.03
C TYR D 151 -42.33 28.37 -13.08
N MET D 152 -41.06 28.75 -13.04
CA MET D 152 -40.71 30.16 -13.09
C MET D 152 -41.22 30.77 -14.38
N ARG D 153 -41.11 30.03 -15.47
CA ARG D 153 -41.55 30.49 -16.79
C ARG D 153 -43.06 30.48 -16.93
N SER D 154 -43.66 29.34 -16.62
CA SER D 154 -45.10 29.19 -16.74
C SER D 154 -45.85 29.68 -15.51
N GLY D 155 -45.40 29.27 -14.33
CA GLY D 155 -46.05 29.70 -13.10
C GLY D 155 -45.90 31.18 -12.79
N LEU D 156 -44.67 31.67 -12.67
CA LEU D 156 -44.42 33.08 -12.36
C LEU D 156 -44.32 33.96 -13.60
N GLY D 157 -44.21 33.31 -14.76
CA GLY D 157 -44.14 34.02 -16.04
C GLY D 157 -42.88 34.83 -16.30
N CYS D 158 -41.71 34.21 -16.11
CA CYS D 158 -40.48 34.92 -16.34
C CYS D 158 -40.18 35.02 -17.83
N ASP D 159 -39.46 36.07 -18.22
CA ASP D 159 -39.06 36.31 -19.61
C ASP D 159 -37.66 35.73 -19.81
N VAL D 160 -36.83 35.87 -18.77
CA VAL D 160 -35.45 35.38 -18.78
C VAL D 160 -35.28 34.38 -17.65
N ILE D 161 -34.33 33.47 -17.78
CA ILE D 161 -34.05 32.50 -16.74
C ILE D 161 -32.55 32.29 -16.73
N ILE D 162 -31.95 32.56 -15.58
CA ILE D 162 -30.52 32.43 -15.43
C ILE D 162 -30.19 31.18 -14.63
N LEU D 163 -29.45 30.26 -15.22
CA LEU D 163 -29.05 29.05 -14.51
C LEU D 163 -27.56 29.12 -14.42
N ASP D 164 -27.07 29.58 -13.27
CA ASP D 164 -25.63 29.71 -13.03
C ASP D 164 -24.96 28.40 -12.69
N HIS D 165 -24.09 27.97 -13.61
CA HIS D 165 -23.27 26.78 -13.49
C HIS D 165 -23.98 25.49 -13.90
N ILE D 166 -23.65 24.98 -15.08
CA ILE D 166 -24.28 23.74 -15.55
C ILE D 166 -23.32 22.56 -15.45
N SER D 167 -22.81 22.32 -14.25
CA SER D 167 -21.90 21.21 -14.03
C SER D 167 -22.40 20.61 -12.75
N ILE D 168 -23.16 21.43 -12.03
CA ILE D 168 -23.78 20.99 -10.80
C ILE D 168 -24.98 20.25 -11.36
N VAL D 169 -24.74 18.99 -11.70
CA VAL D 169 -25.78 18.14 -12.27
C VAL D 169 -26.66 17.51 -11.20
N VAL D 170 -26.09 16.59 -10.41
CA VAL D 170 -26.81 15.91 -9.34
C VAL D 170 -28.01 15.12 -9.88
N SER D 171 -27.75 14.02 -10.58
CA SER D 171 -28.83 13.22 -11.15
C SER D 171 -28.43 11.80 -11.55
N ALA D 172 -29.42 10.90 -11.55
CA ALA D 172 -29.24 9.49 -11.91
C ALA D 172 -27.80 9.00 -11.92
N SER D 173 -27.18 8.92 -10.75
CA SER D 173 -25.79 8.47 -10.63
C SER D 173 -25.65 6.95 -10.83
N GLY D 174 -24.67 6.57 -11.64
CA GLY D 174 -24.41 5.17 -11.93
C GLY D 174 -23.99 4.97 -13.37
N GLU D 175 -24.04 6.06 -14.14
CA GLU D 175 -23.66 6.05 -15.55
C GLU D 175 -22.37 6.87 -15.72
N SER D 176 -21.29 6.16 -16.04
CA SER D 176 -19.95 6.74 -16.21
C SER D 176 -19.89 8.13 -16.82
N ASP D 177 -18.68 8.69 -16.81
CA ASP D 177 -18.40 10.01 -17.35
C ASP D 177 -19.63 10.90 -17.44
N GLU D 178 -19.74 11.83 -16.50
CA GLU D 178 -20.86 12.76 -16.45
C GLU D 178 -20.88 13.59 -17.74
N ARG D 179 -20.04 13.22 -18.69
CA ARG D 179 -19.96 13.90 -19.98
C ARG D 179 -21.29 13.84 -20.71
N LYS D 180 -22.08 12.82 -20.41
CA LYS D 180 -23.38 12.68 -21.05
C LYS D 180 -24.41 13.48 -20.27
N MET D 181 -24.25 13.49 -18.95
CA MET D 181 -25.17 14.24 -18.11
C MET D 181 -25.25 15.64 -18.71
N ILE D 182 -24.09 16.29 -18.82
CA ILE D 182 -24.00 17.64 -19.37
C ILE D 182 -24.70 17.72 -20.72
N ASP D 183 -24.58 16.66 -21.52
CA ASP D 183 -25.19 16.64 -22.85
C ASP D 183 -26.69 16.43 -22.81
N ASN D 184 -27.14 15.53 -21.95
CA ASN D 184 -28.57 15.26 -21.83
C ASN D 184 -29.28 16.50 -21.29
N LEU D 185 -28.77 17.00 -20.17
CA LEU D 185 -29.34 18.19 -19.54
C LEU D 185 -29.49 19.32 -20.56
N MET D 186 -28.43 19.55 -21.32
CA MET D 186 -28.42 20.59 -22.35
C MET D 186 -29.56 20.46 -23.36
N THR D 187 -29.87 19.22 -23.73
CA THR D 187 -30.95 18.98 -24.69
C THR D 187 -32.29 19.33 -24.01
N LYS D 188 -32.41 18.96 -22.75
CA LYS D 188 -33.62 19.25 -21.99
C LYS D 188 -33.76 20.74 -21.81
N LEU D 189 -32.62 21.42 -21.67
CA LEU D 189 -32.60 22.87 -21.51
C LEU D 189 -32.93 23.56 -22.83
N LYS D 190 -32.23 23.17 -23.89
CA LYS D 190 -32.50 23.75 -25.21
C LYS D 190 -33.95 23.52 -25.59
N GLY D 191 -34.43 22.30 -25.36
CA GLY D 191 -35.81 21.96 -25.67
C GLY D 191 -36.80 22.83 -24.91
N PHE D 192 -36.64 22.88 -23.58
CA PHE D 192 -37.50 23.69 -22.73
C PHE D 192 -37.52 25.15 -23.19
N ALA D 193 -36.35 25.68 -23.53
CA ALA D 193 -36.25 27.06 -23.98
C ALA D 193 -37.06 27.30 -25.26
N LYS D 194 -36.87 26.40 -26.21
CA LYS D 194 -37.54 26.49 -27.49
C LYS D 194 -39.07 26.42 -27.41
N SER D 195 -39.58 25.47 -26.63
CA SER D 195 -41.02 25.31 -26.49
C SER D 195 -41.68 26.50 -25.80
N THR D 196 -41.28 26.80 -24.57
CA THR D 196 -41.84 27.92 -23.82
C THR D 196 -41.49 29.30 -24.37
N GLY D 197 -40.36 29.40 -25.04
CA GLY D 197 -39.97 30.68 -25.61
C GLY D 197 -39.32 31.64 -24.63
N VAL D 198 -38.85 31.09 -23.52
CA VAL D 198 -38.20 31.92 -22.52
C VAL D 198 -36.73 32.09 -22.91
N VAL D 199 -36.14 33.24 -22.58
CA VAL D 199 -34.72 33.46 -22.87
C VAL D 199 -33.97 32.72 -21.76
N LEU D 200 -33.04 31.85 -22.16
CA LEU D 200 -32.29 31.09 -21.18
C LEU D 200 -30.81 31.39 -21.25
N VAL D 201 -30.25 31.91 -20.15
CA VAL D 201 -28.83 32.20 -20.11
C VAL D 201 -28.25 31.16 -19.17
N VAL D 202 -27.25 30.43 -19.65
CA VAL D 202 -26.63 29.38 -18.85
C VAL D 202 -25.12 29.61 -18.78
N ILE D 203 -24.54 29.17 -17.68
CA ILE D 203 -23.10 29.32 -17.46
C ILE D 203 -22.46 27.94 -17.35
N CYS D 204 -21.30 27.78 -17.97
CA CYS D 204 -20.56 26.52 -17.92
C CYS D 204 -19.10 26.84 -17.78
N HIS D 205 -18.35 25.92 -17.19
CA HIS D 205 -16.92 26.13 -17.01
C HIS D 205 -16.15 25.73 -18.24
N LEU D 206 -14.83 25.90 -18.18
CA LEU D 206 -13.93 25.54 -19.27
C LEU D 206 -12.99 24.42 -18.81
N LYS D 207 -12.42 23.70 -19.77
CA LYS D 207 -11.48 22.64 -19.44
C LYS D 207 -10.17 23.33 -19.07
N ASN D 208 -9.38 22.71 -18.20
CA ASN D 208 -8.13 23.32 -17.83
C ASN D 208 -7.11 22.87 -18.85
N PRO D 209 -6.80 23.74 -19.81
CA PRO D 209 -5.85 23.45 -20.89
C PRO D 209 -4.52 22.84 -20.47
N ASP D 210 -3.99 23.26 -19.32
CA ASP D 210 -2.71 22.76 -18.82
C ASP D 210 -1.86 22.23 -19.97
N LYS D 211 -1.56 23.14 -20.89
CA LYS D 211 -0.78 22.85 -22.08
C LYS D 211 -0.58 24.22 -22.72
N GLY D 212 0.25 25.02 -22.06
CA GLY D 212 0.53 26.37 -22.53
C GLY D 212 0.35 27.32 -21.37
N LYS D 213 0.01 28.58 -21.66
CA LYS D 213 -0.22 29.59 -20.63
C LYS D 213 -1.71 29.86 -20.70
N ALA D 214 -2.42 29.59 -19.62
CA ALA D 214 -3.86 29.69 -19.65
C ALA D 214 -4.70 30.72 -18.93
N HIS D 215 -5.95 30.72 -19.40
CA HIS D 215 -7.08 31.55 -19.00
C HIS D 215 -6.87 32.68 -18.04
N GLU D 216 -6.66 32.37 -16.77
CA GLU D 216 -6.48 33.43 -15.79
C GLU D 216 -5.34 34.35 -16.20
N GLU D 217 -4.60 33.96 -17.23
CA GLU D 217 -3.48 34.77 -17.70
C GLU D 217 -3.63 35.28 -19.12
N GLY D 218 -4.88 35.47 -19.53
CA GLY D 218 -5.14 35.91 -20.89
C GLY D 218 -5.49 34.63 -21.62
N ARG D 219 -5.05 34.48 -22.86
CA ARG D 219 -5.36 33.28 -23.63
C ARG D 219 -6.80 33.22 -24.08
N PRO D 220 -7.02 33.47 -25.37
CA PRO D 220 -8.40 33.41 -25.82
C PRO D 220 -8.98 32.02 -25.61
N VAL D 221 -10.27 31.96 -25.31
CA VAL D 221 -10.93 30.68 -25.11
C VAL D 221 -11.55 30.32 -26.46
N SER D 222 -11.46 29.04 -26.83
CA SER D 222 -12.01 28.56 -28.10
C SER D 222 -13.16 27.59 -27.82
N ILE D 223 -13.99 27.33 -28.83
CA ILE D 223 -15.15 26.45 -28.65
C ILE D 223 -14.76 25.10 -28.07
N THR D 224 -13.57 24.63 -28.42
CA THR D 224 -13.09 23.34 -27.94
C THR D 224 -12.91 23.33 -26.42
N ASP D 225 -12.43 24.46 -25.87
CA ASP D 225 -12.18 24.59 -24.43
C ASP D 225 -13.40 24.36 -23.54
N LEU D 226 -14.59 24.60 -24.09
CA LEU D 226 -15.80 24.44 -23.29
C LEU D 226 -15.89 23.09 -22.59
N ARG D 227 -16.08 23.16 -21.27
CA ARG D 227 -16.22 21.96 -20.45
C ARG D 227 -17.41 21.20 -21.02
N GLY D 228 -17.60 19.97 -20.57
CA GLY D 228 -18.71 19.20 -21.10
C GLY D 228 -18.48 18.92 -22.57
N SER D 229 -18.53 17.64 -22.92
CA SER D 229 -18.31 17.22 -24.30
C SER D 229 -19.20 17.96 -25.30
N GLY D 230 -18.64 19.02 -25.87
CA GLY D 230 -19.32 19.86 -26.85
C GLY D 230 -20.73 19.51 -27.31
N ALA D 231 -21.64 19.31 -26.37
CA ALA D 231 -23.03 19.02 -26.74
C ALA D 231 -23.70 20.38 -26.62
N LEU D 232 -23.11 21.21 -25.76
CA LEU D 232 -23.59 22.55 -25.50
C LEU D 232 -23.07 23.54 -26.55
N ARG D 233 -21.87 23.32 -27.08
CA ARG D 233 -21.35 24.21 -28.10
C ARG D 233 -22.31 24.02 -29.28
N GLN D 234 -23.27 23.15 -29.07
CA GLN D 234 -24.27 22.79 -30.08
C GLN D 234 -25.67 23.27 -29.76
N LEU D 235 -26.28 22.70 -28.72
CA LEU D 235 -27.63 23.09 -28.35
C LEU D 235 -27.78 24.57 -28.03
N SER D 236 -26.72 25.20 -27.51
CA SER D 236 -26.78 26.62 -27.19
C SER D 236 -26.71 27.44 -28.46
N ASP D 237 -27.58 28.45 -28.58
CA ASP D 237 -27.60 29.29 -29.77
C ASP D 237 -26.48 30.34 -29.78
N THR D 238 -26.25 31.02 -28.67
CA THR D 238 -25.19 32.02 -28.62
C THR D 238 -24.21 31.70 -27.52
N ILE D 239 -22.93 31.98 -27.77
CA ILE D 239 -21.91 31.71 -26.79
C ILE D 239 -20.95 32.88 -26.58
N ILE D 240 -21.01 33.48 -25.40
CA ILE D 240 -20.14 34.61 -25.04
C ILE D 240 -18.99 34.08 -24.21
N ALA D 241 -17.81 34.66 -24.37
CA ALA D 241 -16.66 34.23 -23.61
C ALA D 241 -15.94 35.43 -23.01
N LEU D 242 -15.67 35.36 -21.71
CA LEU D 242 -15.00 36.45 -21.01
C LEU D 242 -13.57 36.11 -20.73
N GLU D 243 -12.66 36.97 -21.15
CA GLU D 243 -11.24 36.75 -20.97
C GLU D 243 -10.55 37.95 -20.38
N ARG D 244 -9.58 37.70 -19.52
CA ARG D 244 -8.81 38.77 -18.92
C ARG D 244 -7.52 38.17 -18.38
N ASN D 245 -6.53 39.02 -18.13
CA ASN D 245 -5.24 38.58 -17.61
C ASN D 245 -5.04 39.20 -16.24
N GLN D 246 -5.45 38.48 -15.20
CA GLN D 246 -5.36 39.00 -13.85
C GLN D 246 -3.95 39.21 -13.34
N GLN D 247 -2.98 38.67 -14.05
CA GLN D 247 -1.61 38.85 -13.65
C GLN D 247 -0.98 39.89 -14.56
N GLY D 248 -1.80 40.72 -15.20
CA GLY D 248 -1.26 41.73 -16.09
C GLY D 248 -1.42 43.16 -15.61
N ASP D 249 -1.27 44.10 -16.53
CA ASP D 249 -1.39 45.53 -16.21
C ASP D 249 -2.85 45.96 -16.10
N MET D 250 -3.71 45.38 -16.94
CA MET D 250 -5.13 45.72 -16.92
C MET D 250 -5.96 44.49 -16.56
N PRO D 251 -5.89 44.06 -15.29
CA PRO D 251 -6.61 42.88 -14.75
C PRO D 251 -8.12 43.03 -14.83
N ASN D 252 -8.60 44.26 -14.67
CA ASN D 252 -10.02 44.55 -14.72
C ASN D 252 -10.53 44.66 -16.14
N LEU D 253 -9.61 44.77 -17.10
CA LEU D 253 -9.96 44.87 -18.52
C LEU D 253 -10.33 43.48 -19.05
N VAL D 254 -11.57 43.33 -19.51
CA VAL D 254 -12.04 42.04 -20.02
C VAL D 254 -12.43 42.08 -21.50
N LEU D 255 -11.99 41.07 -22.25
CA LEU D 255 -12.31 40.96 -23.66
C LEU D 255 -13.49 40.02 -23.83
N VAL D 256 -14.56 40.52 -24.45
CA VAL D 256 -15.73 39.69 -24.68
C VAL D 256 -15.57 39.08 -26.07
N ARG D 257 -15.80 37.78 -26.19
CA ARG D 257 -15.65 37.10 -27.46
C ARG D 257 -16.88 36.24 -27.81
N ILE D 258 -17.51 36.55 -28.94
CA ILE D 258 -18.67 35.76 -29.35
C ILE D 258 -18.13 34.52 -30.04
N LEU D 259 -18.26 33.39 -29.38
CA LEU D 259 -17.78 32.12 -29.94
C LEU D 259 -18.85 31.54 -30.85
N LYS D 260 -20.07 32.03 -30.69
CA LYS D 260 -21.17 31.53 -31.50
C LYS D 260 -22.46 32.35 -31.41
N CYS D 261 -23.10 32.53 -32.56
CA CYS D 261 -24.36 33.26 -32.65
C CYS D 261 -25.12 32.70 -33.83
N ARG D 262 -25.85 31.62 -33.58
CA ARG D 262 -26.64 30.94 -34.59
C ARG D 262 -27.41 31.90 -35.48
N PHE D 263 -28.05 32.88 -34.85
CA PHE D 263 -28.84 33.88 -35.55
C PHE D 263 -28.03 34.73 -36.53
N THR D 264 -27.08 35.51 -36.02
CA THR D 264 -26.28 36.37 -36.89
C THR D 264 -25.03 35.72 -37.46
N GLY D 265 -24.62 34.59 -36.90
CA GLY D 265 -23.42 33.91 -37.37
C GLY D 265 -22.19 34.79 -37.31
N ASP D 266 -22.40 36.01 -36.85
CA ASP D 266 -21.36 37.00 -36.71
C ASP D 266 -20.64 36.68 -35.40
N THR D 267 -19.39 36.25 -35.49
CA THR D 267 -18.63 35.90 -34.29
C THR D 267 -17.40 36.77 -34.14
N GLY D 268 -16.45 36.31 -33.32
CA GLY D 268 -15.21 37.05 -33.07
C GLY D 268 -15.25 37.91 -31.81
N ILE D 269 -14.40 38.93 -31.76
CA ILE D 269 -14.34 39.82 -30.60
C ILE D 269 -15.43 40.90 -30.61
N ALA D 270 -16.26 40.88 -29.58
CA ALA D 270 -17.35 41.85 -29.44
C ALA D 270 -16.80 43.24 -29.10
N GLY D 271 -15.99 43.30 -28.05
CA GLY D 271 -15.42 44.56 -27.62
C GLY D 271 -14.83 44.42 -26.23
N TYR D 272 -14.43 45.53 -25.63
CA TYR D 272 -13.81 45.49 -24.30
C TYR D 272 -14.64 46.17 -23.21
N MET D 273 -14.42 45.74 -21.97
CA MET D 273 -15.09 46.30 -20.81
C MET D 273 -14.10 46.34 -19.68
N GLU D 274 -14.33 47.21 -18.71
CA GLU D 274 -13.50 47.31 -17.52
C GLU D 274 -14.40 47.14 -16.29
N TYR D 275 -13.92 46.38 -15.32
CA TYR D 275 -14.67 46.18 -14.10
C TYR D 275 -14.35 47.34 -13.18
N ASN D 276 -15.40 47.97 -12.65
CA ASN D 276 -15.28 49.11 -11.76
C ASN D 276 -15.18 48.62 -10.32
N LYS D 277 -13.95 48.52 -9.82
CA LYS D 277 -13.69 48.08 -8.45
C LYS D 277 -14.51 48.83 -7.43
N GLU D 278 -14.99 50.01 -7.83
CA GLU D 278 -15.81 50.86 -6.97
C GLU D 278 -17.29 50.54 -7.04
N THR D 279 -17.87 50.72 -8.21
CA THR D 279 -19.28 50.45 -8.40
C THR D 279 -19.58 48.98 -8.63
N GLY D 280 -18.58 48.25 -9.08
CA GLY D 280 -18.76 46.82 -9.33
C GLY D 280 -19.53 46.56 -10.59
N TRP D 281 -19.53 47.54 -11.49
CA TRP D 281 -20.21 47.41 -12.78
C TRP D 281 -19.22 47.10 -13.87
N LEU D 282 -19.69 46.41 -14.90
CA LEU D 282 -18.86 46.06 -16.05
C LEU D 282 -19.14 47.18 -17.05
N GLU D 283 -18.27 48.19 -17.05
CA GLU D 283 -18.41 49.34 -17.94
C GLU D 283 -17.72 49.15 -19.29
N PRO D 284 -18.38 49.57 -20.38
CA PRO D 284 -17.74 49.41 -21.69
C PRO D 284 -16.43 50.21 -21.72
N SER D 285 -15.40 49.60 -22.27
CA SER D 285 -14.09 50.25 -22.34
C SER D 285 -13.71 50.69 -23.75
N SER D 286 -12.65 51.49 -23.80
CA SER D 286 -12.10 51.98 -25.05
C SER D 286 -10.75 51.29 -25.14
N TYR D 287 -10.59 50.38 -26.09
CA TYR D 287 -9.33 49.66 -26.18
C TYR D 287 -9.15 48.92 -27.51
N SER D 288 -7.92 48.50 -27.78
CA SER D 288 -7.56 47.78 -28.99
C SER D 288 -6.11 47.29 -28.89
N GLY D 289 -5.90 46.01 -29.16
CA GLY D 289 -4.56 45.46 -29.08
C GLY D 289 -3.97 45.02 -30.41
N PRO E 2 -44.15 21.41 -7.95
CA PRO E 2 -42.79 21.48 -7.36
C PRO E 2 -42.44 22.94 -7.09
N ASP E 3 -42.64 23.36 -5.84
CA ASP E 3 -42.38 24.73 -5.46
C ASP E 3 -41.36 24.87 -4.34
N GLY E 4 -40.23 25.45 -4.74
CA GLY E 4 -39.10 25.72 -3.86
C GLY E 4 -38.49 26.97 -4.50
N VAL E 5 -39.37 27.75 -5.13
CA VAL E 5 -39.01 28.99 -5.82
C VAL E 5 -39.38 30.18 -4.94
N VAL E 6 -38.41 31.02 -4.63
CA VAL E 6 -38.68 32.19 -3.80
C VAL E 6 -38.59 33.47 -4.60
N SER E 7 -39.54 34.37 -4.39
CA SER E 7 -39.54 35.64 -5.09
C SER E 7 -38.86 36.72 -4.25
N ALA E 8 -37.91 37.44 -4.87
CA ALA E 8 -37.16 38.47 -4.17
C ALA E 8 -37.97 39.30 -3.19
N LEU E 9 -39.22 39.62 -3.53
CA LEU E 9 -40.02 40.41 -2.60
C LEU E 9 -40.22 39.71 -1.28
N SER E 10 -40.33 38.39 -1.32
CA SER E 10 -40.54 37.63 -0.11
C SER E 10 -39.27 37.42 0.74
N LEU E 11 -38.16 38.00 0.32
CA LEU E 11 -36.90 37.83 1.02
C LEU E 11 -36.39 38.97 1.91
N ARG E 12 -37.09 40.10 1.89
CA ARG E 12 -36.69 41.26 2.68
C ARG E 12 -35.94 41.00 4.00
N GLU E 13 -36.62 40.36 4.95
CA GLU E 13 -36.01 40.06 6.24
C GLU E 13 -34.87 39.08 6.09
N ARG E 14 -35.08 38.08 5.26
CA ARG E 14 -34.08 37.09 5.02
C ARG E 14 -32.79 37.76 4.61
N ILE E 15 -32.91 38.83 3.85
CA ILE E 15 -31.76 39.57 3.36
C ILE E 15 -31.20 40.43 4.47
N ARG E 16 -32.08 41.14 5.15
CA ARG E 16 -31.67 41.99 6.26
C ARG E 16 -30.88 41.17 7.27
N GLU E 17 -31.43 39.99 7.60
CA GLU E 17 -30.82 39.08 8.57
C GLU E 17 -29.41 38.74 8.12
N HIS E 18 -29.26 38.60 6.81
CA HIS E 18 -28.00 38.27 6.16
C HIS E 18 -26.98 39.42 6.23
N LEU E 19 -27.33 40.58 5.68
CA LEU E 19 -26.43 41.74 5.70
C LEU E 19 -25.84 41.98 7.09
N SER E 20 -26.63 41.79 8.13
CA SER E 20 -26.13 41.97 9.48
C SER E 20 -25.45 40.71 9.98
N SER E 21 -24.26 40.88 10.53
CA SER E 21 -23.47 39.76 11.04
C SER E 21 -23.33 38.66 9.99
N GLU E 22 -22.78 39.07 8.86
CA GLU E 22 -22.49 38.20 7.71
C GLU E 22 -21.08 38.70 7.44
N GLU E 23 -20.08 37.94 7.90
CA GLU E 23 -18.70 38.40 7.73
C GLU E 23 -17.94 38.22 6.44
N SER E 24 -17.43 39.36 5.97
CA SER E 24 -16.69 39.52 4.74
C SER E 24 -15.21 39.85 4.97
N VAL E 25 -14.88 40.47 6.10
CA VAL E 25 -13.50 40.81 6.40
C VAL E 25 -13.11 40.08 7.64
N GLY E 26 -12.05 39.27 7.58
CA GLY E 26 -11.66 38.56 8.77
C GLY E 26 -10.31 37.87 8.73
N LEU E 27 -9.59 37.94 9.84
CA LEU E 27 -8.28 37.32 9.94
C LEU E 27 -7.36 37.86 8.87
N LEU E 28 -6.65 38.93 9.23
CA LEU E 28 -5.72 39.57 8.33
C LEU E 28 -4.39 38.85 8.40
N PHE E 29 -3.78 38.62 7.24
CA PHE E 29 -2.49 37.95 7.20
C PHE E 29 -1.43 38.86 7.80
N SER E 30 -0.35 38.25 8.27
CA SER E 30 0.74 39.00 8.84
C SER E 30 1.94 38.79 7.96
N GLY E 31 2.66 39.87 7.67
CA GLY E 31 3.85 39.76 6.84
C GLY E 31 3.89 40.80 5.76
N CYS E 32 2.71 41.26 5.34
CA CYS E 32 2.64 42.24 4.30
C CYS E 32 1.24 42.77 4.08
N THR E 33 1.03 44.06 4.33
CA THR E 33 -0.29 44.64 4.09
C THR E 33 -0.34 44.56 2.57
N GLY E 34 -1.49 44.26 1.99
CA GLY E 34 -1.53 44.13 0.55
C GLY E 34 -2.11 42.78 0.27
N ILE E 35 -1.67 41.76 1.02
CA ILE E 35 -2.23 40.44 0.86
C ILE E 35 -3.65 40.74 1.30
N ASN E 36 -3.72 41.58 2.33
CA ASN E 36 -4.99 42.00 2.89
C ASN E 36 -5.76 42.99 2.02
N ASP E 37 -5.04 43.87 1.33
CA ASP E 37 -5.67 44.83 0.44
C ASP E 37 -6.34 44.09 -0.71
N LYS E 38 -5.70 43.04 -1.20
CA LYS E 38 -6.30 42.28 -2.29
C LYS E 38 -7.27 41.17 -1.86
N THR E 39 -7.11 40.65 -0.65
CA THR E 39 -7.96 39.55 -0.20
C THR E 39 -8.91 39.86 0.94
N LEU E 40 -8.64 40.92 1.68
CA LEU E 40 -9.50 41.28 2.79
C LEU E 40 -9.44 40.24 3.90
N GLY E 41 -8.32 39.52 3.96
CA GLY E 41 -8.14 38.50 4.97
C GLY E 41 -8.69 37.14 4.57
N ALA E 42 -8.78 36.23 5.55
CA ALA E 42 -9.29 34.88 5.33
C ALA E 42 -10.64 34.66 5.99
N ARG E 43 -11.66 34.41 5.15
CA ARG E 43 -13.03 34.17 5.63
C ARG E 43 -13.22 32.72 6.06
N GLY E 44 -14.04 32.50 7.09
CA GLY E 44 -14.29 31.15 7.51
C GLY E 44 -14.99 30.49 6.34
N GLY E 45 -14.88 29.18 6.23
CA GLY E 45 -15.53 28.51 5.11
C GLY E 45 -14.71 28.63 3.83
N GLU E 46 -13.60 29.36 3.89
CA GLU E 46 -12.76 29.52 2.71
C GLU E 46 -11.53 28.61 2.71
N VAL E 47 -11.03 28.27 1.52
CA VAL E 47 -9.85 27.42 1.41
C VAL E 47 -8.68 28.25 0.85
N ILE E 48 -7.73 28.57 1.72
CA ILE E 48 -6.56 29.34 1.35
C ILE E 48 -5.47 28.37 0.91
N MET E 49 -4.92 28.60 -0.29
CA MET E 49 -3.85 27.76 -0.85
C MET E 49 -2.54 28.54 -0.86
N VAL E 50 -1.53 28.02 -0.18
CA VAL E 50 -0.24 28.69 -0.10
C VAL E 50 0.83 27.81 -0.76
N THR E 51 1.66 28.41 -1.61
CA THR E 51 2.69 27.67 -2.32
C THR E 51 3.90 28.51 -2.70
N SER E 52 4.90 27.82 -3.23
CA SER E 52 6.17 28.42 -3.68
C SER E 52 7.13 27.32 -4.09
N GLY E 53 8.34 27.73 -4.47
CA GLY E 53 9.37 26.78 -4.85
C GLY E 53 9.72 25.97 -3.62
N SER E 54 10.67 25.03 -3.75
CA SER E 54 11.05 24.19 -2.62
C SER E 54 11.98 24.89 -1.63
N GLY E 55 11.63 24.76 -0.36
CA GLY E 55 12.39 25.36 0.72
C GLY E 55 12.49 26.87 0.54
N MET E 56 11.43 27.50 0.04
CA MET E 56 11.48 28.94 -0.18
C MET E 56 10.74 29.79 0.85
N GLY E 57 9.94 29.16 1.70
CA GLY E 57 9.22 29.95 2.70
C GLY E 57 7.78 29.59 2.99
N LYS E 58 7.22 28.65 2.23
CA LYS E 58 5.83 28.23 2.44
C LYS E 58 5.50 27.99 3.90
N SER E 59 6.07 26.93 4.46
CA SER E 59 5.82 26.56 5.85
C SER E 59 6.01 27.70 6.83
N THR E 60 7.05 28.48 6.61
CA THR E 60 7.28 29.60 7.49
C THR E 60 6.15 30.61 7.38
N PHE E 61 5.80 31.00 6.15
CA PHE E 61 4.70 31.97 5.97
C PHE E 61 3.46 31.49 6.69
N VAL E 62 3.06 30.26 6.40
CA VAL E 62 1.89 29.67 7.02
C VAL E 62 2.01 29.65 8.53
N ARG E 63 3.17 29.24 9.03
CA ARG E 63 3.38 29.17 10.48
C ARG E 63 3.31 30.55 11.18
N GLN E 64 3.57 31.61 10.43
CA GLN E 64 3.52 32.96 10.98
C GLN E 64 2.05 33.28 11.19
N GLN E 65 1.25 33.02 10.16
CA GLN E 65 -0.20 33.26 10.21
C GLN E 65 -0.77 32.53 11.44
N ALA E 66 -0.24 31.34 11.73
CA ALA E 66 -0.70 30.57 12.88
C ALA E 66 -0.37 31.28 14.19
N LEU E 67 0.88 31.68 14.34
CA LEU E 67 1.30 32.35 15.55
C LEU E 67 0.55 33.64 15.82
N GLN E 68 0.37 34.46 14.79
CA GLN E 68 -0.33 35.72 15.00
C GLN E 68 -1.81 35.46 15.27
N TRP E 69 -2.42 34.54 14.54
CA TRP E 69 -3.82 34.29 14.81
C TRP E 69 -3.99 33.63 16.17
N GLY E 70 -3.05 32.78 16.55
CA GLY E 70 -3.16 32.09 17.82
C GLY E 70 -2.87 32.95 19.03
N THR E 71 -2.19 34.07 18.78
CA THR E 71 -1.83 34.99 19.84
C THR E 71 -2.65 36.27 19.69
N ALA E 72 -1.99 37.34 19.24
CA ALA E 72 -2.62 38.64 19.05
C ALA E 72 -4.13 38.67 18.81
N MET E 73 -4.60 37.86 17.87
CA MET E 73 -6.03 37.81 17.57
C MET E 73 -6.68 36.58 18.21
N GLY E 74 -5.98 36.05 19.21
CA GLY E 74 -6.41 34.89 19.97
C GLY E 74 -7.49 33.97 19.42
N LYS E 75 -7.13 33.12 18.47
CA LYS E 75 -8.10 32.19 17.89
C LYS E 75 -7.54 30.77 18.08
N LYS E 76 -8.42 29.78 18.01
CA LYS E 76 -7.96 28.42 18.17
C LYS E 76 -7.39 27.95 16.85
N VAL E 77 -6.11 27.62 16.86
CA VAL E 77 -5.41 27.17 15.67
C VAL E 77 -5.11 25.67 15.72
N GLY E 78 -5.49 24.97 14.67
CA GLY E 78 -5.25 23.55 14.61
C GLY E 78 -4.16 23.36 13.60
N LEU E 79 -3.03 22.79 14.04
CA LEU E 79 -1.90 22.56 13.17
C LEU E 79 -1.76 21.09 12.77
N ALA E 80 -1.52 20.87 11.49
CA ALA E 80 -1.35 19.52 10.96
C ALA E 80 -0.11 19.56 10.07
N MET E 81 1.06 19.66 10.71
CA MET E 81 2.33 19.69 9.99
C MET E 81 2.76 18.24 9.80
N LEU E 82 2.44 17.68 8.65
CA LEU E 82 2.74 16.28 8.33
C LEU E 82 4.21 15.97 8.03
N GLU E 83 5.06 16.98 7.89
CA GLU E 83 6.47 16.73 7.62
C GLU E 83 7.37 17.12 8.78
N GLU E 84 6.79 17.36 9.96
CA GLU E 84 7.58 17.74 11.13
C GLU E 84 6.93 17.34 12.46
N SER E 85 7.76 17.01 13.45
CA SER E 85 7.26 16.58 14.77
C SER E 85 6.60 17.72 15.53
N VAL E 86 5.58 17.41 16.31
CA VAL E 86 4.89 18.46 17.05
C VAL E 86 5.87 19.31 17.86
N GLU E 87 6.84 18.66 18.51
CA GLU E 87 7.84 19.36 19.32
C GLU E 87 8.67 20.29 18.43
N GLU E 88 8.80 19.90 17.17
CA GLU E 88 9.53 20.70 16.21
C GLU E 88 8.71 21.93 15.82
N THR E 89 7.42 21.74 15.55
CA THR E 89 6.58 22.87 15.18
C THR E 89 6.39 23.65 16.47
N ALA E 90 6.37 22.93 17.58
CA ALA E 90 6.22 23.56 18.89
C ALA E 90 7.44 24.46 19.08
N GLU E 91 8.59 23.93 18.66
CA GLU E 91 9.83 24.64 18.77
C GLU E 91 9.86 25.94 17.94
N ASP E 92 9.38 25.87 16.70
CA ASP E 92 9.37 27.04 15.84
C ASP E 92 8.46 28.14 16.39
N LEU E 93 7.28 27.75 16.89
CA LEU E 93 6.31 28.70 17.45
C LEU E 93 6.92 29.45 18.66
N ILE E 94 7.67 28.74 19.49
CA ILE E 94 8.28 29.39 20.63
C ILE E 94 9.30 30.38 20.12
N GLY E 95 10.27 29.88 19.36
CA GLY E 95 11.29 30.76 18.82
C GLY E 95 10.65 31.99 18.19
N LEU E 96 9.75 31.76 17.25
CA LEU E 96 9.07 32.84 16.55
C LEU E 96 8.45 33.84 17.53
N HIS E 97 7.70 33.33 18.49
CA HIS E 97 7.02 34.18 19.46
C HIS E 97 8.00 35.09 20.25
N ASN E 98 9.22 34.61 20.49
CA ASN E 98 10.18 35.41 21.22
C ASN E 98 11.22 36.00 20.28
N ARG E 99 10.87 36.09 19.00
CA ARG E 99 11.72 36.66 17.95
C ARG E 99 13.14 36.11 17.86
N VAL E 100 13.32 34.81 18.07
CA VAL E 100 14.65 34.21 17.95
C VAL E 100 14.57 32.91 17.18
N ARG E 101 15.57 32.66 16.34
CA ARG E 101 15.60 31.45 15.56
C ARG E 101 16.13 30.35 16.45
N LEU E 102 15.31 29.99 17.42
CA LEU E 102 15.64 28.96 18.40
C LEU E 102 16.32 27.75 17.79
N ARG E 103 15.78 27.25 16.69
CA ARG E 103 16.35 26.06 16.04
C ARG E 103 17.77 26.22 15.49
N GLN E 104 18.10 27.39 14.97
CA GLN E 104 19.44 27.62 14.42
C GLN E 104 20.48 27.93 15.49
N SER E 105 20.15 27.65 16.76
CA SER E 105 21.08 27.94 17.84
C SER E 105 21.09 26.92 18.98
N ASP E 106 22.21 26.20 19.10
CA ASP E 106 22.35 25.21 20.16
C ASP E 106 22.60 25.93 21.48
N SER E 107 23.24 27.09 21.38
CA SER E 107 23.55 27.89 22.56
C SER E 107 22.31 28.50 23.20
N LEU E 108 21.36 28.92 22.38
CA LEU E 108 20.14 29.51 22.92
C LEU E 108 19.27 28.44 23.54
N LYS E 109 19.19 27.27 22.90
CA LYS E 109 18.38 26.17 23.43
C LYS E 109 18.91 25.78 24.79
N ARG E 110 20.18 25.40 24.84
CA ARG E 110 20.81 25.01 26.10
C ARG E 110 20.49 26.06 27.14
N GLU E 111 20.55 27.32 26.74
CA GLU E 111 20.26 28.43 27.63
C GLU E 111 18.84 28.37 28.20
N ILE E 112 17.85 28.72 27.39
CA ILE E 112 16.46 28.74 27.84
C ILE E 112 16.03 27.54 28.68
N ILE E 113 16.72 26.42 28.50
CA ILE E 113 16.41 25.21 29.26
C ILE E 113 16.94 25.24 30.68
N GLU E 114 18.16 25.75 30.85
CA GLU E 114 18.76 25.80 32.18
C GLU E 114 18.49 27.08 32.97
N ASN E 115 18.26 28.19 32.26
CA ASN E 115 17.98 29.45 32.95
C ASN E 115 16.49 29.55 33.28
N GLY E 116 15.73 28.53 32.92
CA GLY E 116 14.32 28.53 33.21
C GLY E 116 13.43 29.34 32.29
N LYS E 117 14.02 29.98 31.28
CA LYS E 117 13.21 30.77 30.36
C LYS E 117 12.30 29.90 29.49
N PHE E 118 12.65 28.63 29.31
CA PHE E 118 11.82 27.74 28.50
C PHE E 118 10.39 27.63 29.03
N ASP E 119 10.26 27.45 30.34
CA ASP E 119 8.93 27.34 30.94
C ASP E 119 8.16 28.64 30.81
N GLN E 120 8.89 29.75 30.96
CA GLN E 120 8.27 31.06 30.85
C GLN E 120 7.63 31.18 29.47
N TRP E 121 8.48 31.11 28.44
CA TRP E 121 8.03 31.23 27.05
C TRP E 121 6.93 30.21 26.77
N PHE E 122 7.11 28.99 27.25
CA PHE E 122 6.13 27.94 27.04
C PHE E 122 4.77 28.39 27.54
N ASP E 123 4.76 28.98 28.73
CA ASP E 123 3.50 29.44 29.29
C ASP E 123 3.04 30.68 28.56
N GLU E 124 3.89 31.69 28.54
CA GLU E 124 3.57 32.96 27.89
C GLU E 124 3.01 32.81 26.46
N LEU E 125 3.10 31.61 25.90
CA LEU E 125 2.61 31.37 24.56
C LEU E 125 1.46 30.38 24.52
N PHE E 126 1.77 29.11 24.77
CA PHE E 126 0.79 28.04 24.74
C PHE E 126 -0.25 28.10 25.85
N GLY E 127 0.04 28.96 26.84
CA GLY E 127 -0.86 29.13 27.95
C GLY E 127 -2.34 29.10 27.60
N ASN E 128 -2.83 30.14 26.93
CA ASN E 128 -4.24 30.22 26.57
C ASN E 128 -4.83 29.03 25.81
N ASP E 129 -4.06 27.96 25.69
CA ASP E 129 -4.56 26.77 25.02
C ASP E 129 -5.22 27.07 23.65
N THR E 130 -4.53 27.82 22.80
CA THR E 130 -5.07 28.14 21.49
C THR E 130 -4.45 27.30 20.41
N PHE E 131 -3.38 26.59 20.77
CA PHE E 131 -2.65 25.73 19.83
C PHE E 131 -2.89 24.24 20.05
N HIS E 132 -3.11 23.53 18.96
CA HIS E 132 -3.36 22.10 18.99
C HIS E 132 -2.77 21.48 17.72
N LEU E 133 -2.24 20.27 17.81
CA LEU E 133 -1.62 19.69 16.64
C LEU E 133 -1.92 18.21 16.37
N TYR E 134 -1.86 17.84 15.10
CA TYR E 134 -2.04 16.47 14.68
C TYR E 134 -0.71 15.87 15.09
N ASP E 135 -0.63 14.57 15.29
CA ASP E 135 0.63 13.98 15.73
C ASP E 135 0.94 12.65 15.07
N SER E 136 2.16 12.51 14.56
CA SER E 136 2.58 11.26 13.94
C SER E 136 3.91 11.29 13.18
N PHE E 137 3.81 11.51 11.88
CA PHE E 137 4.90 11.52 10.90
C PHE E 137 4.68 10.20 10.16
N ALA E 138 3.95 9.30 10.82
CA ALA E 138 3.58 7.99 10.27
C ALA E 138 2.40 8.20 9.33
N GLU E 139 2.71 8.31 8.03
CA GLU E 139 1.71 8.54 6.97
C GLU E 139 0.24 8.49 7.38
N ALA E 140 -0.47 9.59 7.14
CA ALA E 140 -1.88 9.68 7.48
C ALA E 140 -2.74 9.49 6.25
N GLU E 141 -3.90 8.84 6.41
CA GLU E 141 -4.82 8.60 5.31
C GLU E 141 -5.77 9.79 5.18
N THR E 142 -6.37 9.95 3.99
CA THR E 142 -7.30 11.04 3.73
C THR E 142 -8.43 11.14 4.77
N ASP E 143 -9.37 10.19 4.75
CA ASP E 143 -10.47 10.19 5.70
C ASP E 143 -9.91 10.23 7.12
N ARG E 144 -8.90 9.42 7.36
CA ARG E 144 -8.21 9.34 8.64
C ARG E 144 -7.87 10.77 9.08
N LEU E 145 -7.13 11.47 8.22
CA LEU E 145 -6.72 12.84 8.45
C LEU E 145 -7.96 13.72 8.67
N LEU E 146 -8.77 13.87 7.62
CA LEU E 146 -9.97 14.68 7.72
C LEU E 146 -10.65 14.47 9.04
N ALA E 147 -10.89 13.22 9.39
CA ALA E 147 -11.55 12.88 10.64
C ALA E 147 -10.89 13.69 11.74
N LYS E 148 -9.57 13.58 11.79
CA LYS E 148 -8.81 14.28 12.79
C LYS E 148 -9.03 15.78 12.65
N LEU E 149 -8.92 16.30 11.44
CA LEU E 149 -9.13 17.72 11.20
C LEU E 149 -10.49 18.12 11.77
N ALA E 150 -11.53 17.41 11.29
CA ALA E 150 -12.89 17.65 11.71
C ALA E 150 -12.98 17.71 13.23
N TYR E 151 -12.20 16.85 13.89
CA TYR E 151 -12.21 16.84 15.34
C TYR E 151 -11.71 18.18 15.88
N MET E 152 -10.64 18.69 15.28
CA MET E 152 -10.07 19.98 15.71
C MET E 152 -11.12 21.06 15.55
N ARG E 153 -11.77 21.09 14.40
CA ARG E 153 -12.80 22.09 14.12
C ARG E 153 -13.99 21.95 15.05
N SER E 154 -14.65 20.81 14.97
CA SER E 154 -15.83 20.51 15.78
C SER E 154 -15.57 20.12 17.24
N GLY E 155 -14.63 19.20 17.46
CA GLY E 155 -14.31 18.81 18.81
C GLY E 155 -13.70 19.94 19.64
N LEU E 156 -12.50 20.38 19.25
CA LEU E 156 -11.79 21.44 19.98
C LEU E 156 -12.21 22.86 19.65
N GLY E 157 -12.97 23.03 18.57
CA GLY E 157 -13.43 24.37 18.22
C GLY E 157 -12.37 25.29 17.67
N CYS E 158 -11.65 24.81 16.66
CA CYS E 158 -10.61 25.61 16.03
C CYS E 158 -11.21 26.50 14.95
N ASP E 159 -10.73 27.74 14.90
CA ASP E 159 -11.16 28.71 13.91
C ASP E 159 -10.39 28.53 12.61
N VAL E 160 -9.12 28.13 12.74
CA VAL E 160 -8.25 27.92 11.60
C VAL E 160 -7.57 26.57 11.68
N ILE E 161 -7.47 25.92 10.52
CA ILE E 161 -6.80 24.63 10.43
C ILE E 161 -5.71 24.73 9.36
N ILE E 162 -4.46 24.62 9.79
CA ILE E 162 -3.34 24.68 8.87
C ILE E 162 -3.01 23.24 8.46
N LEU E 163 -2.93 22.97 7.16
CA LEU E 163 -2.58 21.63 6.70
C LEU E 163 -1.38 21.78 5.78
N ASP E 164 -0.20 21.61 6.38
CA ASP E 164 1.04 21.76 5.63
C ASP E 164 1.35 20.59 4.74
N HIS E 165 1.27 20.88 3.45
CA HIS E 165 1.57 19.94 2.41
C HIS E 165 0.41 19.00 2.10
N ILE E 166 -0.09 19.07 0.87
CA ILE E 166 -1.21 18.23 0.47
C ILE E 166 -0.81 17.27 -0.64
N SER E 167 0.42 16.79 -0.61
CA SER E 167 0.88 15.84 -1.62
C SER E 167 1.19 14.56 -0.87
N ILE E 168 1.25 14.70 0.45
CA ILE E 168 1.46 13.57 1.33
C ILE E 168 0.04 13.07 1.51
N VAL E 169 -0.37 12.19 0.60
CA VAL E 169 -1.71 11.64 0.62
C VAL E 169 -1.86 10.38 1.48
N VAL E 170 -1.20 9.29 1.06
CA VAL E 170 -1.26 8.03 1.79
C VAL E 170 -2.72 7.55 1.86
N SER E 171 -3.23 7.03 0.74
CA SER E 171 -4.61 6.55 0.70
C SER E 171 -4.93 5.61 -0.45
N ALA E 172 -5.94 4.76 -0.22
CA ALA E 172 -6.43 3.77 -1.18
C ALA E 172 -5.55 3.54 -2.40
N SER E 173 -4.36 3.00 -2.17
CA SER E 173 -3.42 2.72 -3.25
C SER E 173 -3.93 1.55 -4.10
N GLY E 174 -3.98 1.76 -5.41
CA GLY E 174 -4.44 0.73 -6.32
C GLY E 174 -5.22 1.40 -7.45
N GLU E 175 -4.92 2.67 -7.66
CA GLU E 175 -5.55 3.48 -8.69
C GLU E 175 -4.54 4.47 -9.26
N SER E 176 -4.18 4.25 -10.52
CA SER E 176 -3.21 5.04 -11.28
C SER E 176 -3.08 6.53 -10.92
N ASP E 177 -1.97 7.12 -11.33
CA ASP E 177 -1.64 8.52 -11.09
C ASP E 177 -2.36 9.16 -9.92
N GLU E 178 -1.59 9.50 -8.88
CA GLU E 178 -2.14 10.12 -7.69
C GLU E 178 -2.71 11.51 -8.00
N ARG E 179 -2.88 11.79 -9.29
CA ARG E 179 -3.44 13.07 -9.73
C ARG E 179 -4.89 13.13 -9.30
N LYS E 180 -5.54 11.98 -9.29
CA LYS E 180 -6.93 11.88 -8.90
C LYS E 180 -7.06 11.99 -7.38
N MET E 181 -6.03 11.53 -6.67
CA MET E 181 -6.02 11.58 -5.20
C MET E 181 -6.07 13.01 -4.70
N ILE E 182 -5.17 13.84 -5.23
CA ILE E 182 -5.07 15.24 -4.85
C ILE E 182 -6.41 15.95 -5.11
N ASP E 183 -7.02 15.65 -6.25
CA ASP E 183 -8.28 16.27 -6.63
C ASP E 183 -9.43 15.86 -5.71
N ASN E 184 -9.53 14.57 -5.42
CA ASN E 184 -10.59 14.08 -4.55
C ASN E 184 -10.39 14.61 -3.13
N LEU E 185 -9.13 14.80 -2.75
CA LEU E 185 -8.78 15.30 -1.41
C LEU E 185 -9.20 16.76 -1.29
N MET E 186 -8.98 17.51 -2.37
CA MET E 186 -9.35 18.91 -2.41
C MET E 186 -10.84 19.01 -2.15
N THR E 187 -11.62 18.35 -3.00
CA THR E 187 -13.07 18.35 -2.87
C THR E 187 -13.51 18.12 -1.43
N LYS E 188 -12.89 17.16 -0.75
CA LYS E 188 -13.25 16.88 0.63
C LYS E 188 -12.88 18.07 1.52
N LEU E 189 -11.70 18.64 1.31
CA LEU E 189 -11.24 19.78 2.10
C LEU E 189 -12.16 20.97 1.93
N LYS E 190 -12.40 21.33 0.68
CA LYS E 190 -13.27 22.45 0.36
C LYS E 190 -14.62 22.22 1.01
N GLY E 191 -15.15 21.00 0.82
CA GLY E 191 -16.43 20.63 1.39
C GLY E 191 -16.37 20.78 2.88
N PHE E 192 -15.36 20.16 3.48
CA PHE E 192 -15.19 20.21 4.91
C PHE E 192 -15.21 21.65 5.42
N ALA E 193 -14.39 22.50 4.78
CA ALA E 193 -14.29 23.91 5.16
C ALA E 193 -15.62 24.65 5.02
N LYS E 194 -16.20 24.56 3.82
CA LYS E 194 -17.45 25.23 3.52
C LYS E 194 -18.59 24.90 4.48
N SER E 195 -18.70 23.63 4.86
CA SER E 195 -19.75 23.19 5.75
C SER E 195 -19.53 23.55 7.21
N THR E 196 -18.33 23.33 7.73
CA THR E 196 -18.06 23.64 9.13
C THR E 196 -17.78 25.12 9.41
N GLY E 197 -17.37 25.86 8.39
CA GLY E 197 -17.11 27.27 8.58
C GLY E 197 -15.72 27.62 9.08
N VAL E 198 -14.84 26.62 9.14
CA VAL E 198 -13.49 26.85 9.60
C VAL E 198 -12.63 27.48 8.49
N VAL E 199 -11.57 28.17 8.89
CA VAL E 199 -10.64 28.77 7.95
C VAL E 199 -9.62 27.66 7.64
N LEU E 200 -9.54 27.28 6.36
CA LEU E 200 -8.63 26.21 5.95
C LEU E 200 -7.45 26.72 5.12
N VAL E 201 -6.26 26.72 5.71
CA VAL E 201 -5.05 27.14 5.02
C VAL E 201 -4.24 25.89 4.62
N VAL E 202 -4.11 25.66 3.31
CA VAL E 202 -3.41 24.50 2.80
C VAL E 202 -2.21 24.87 1.95
N ILE E 203 -1.14 24.10 2.08
CA ILE E 203 0.07 24.31 1.29
C ILE E 203 0.18 23.23 0.23
N CYS E 204 0.82 23.54 -0.89
CA CYS E 204 1.00 22.57 -1.95
C CYS E 204 2.25 22.91 -2.74
N HIS E 205 2.81 21.92 -3.43
CA HIS E 205 4.03 22.13 -4.20
C HIS E 205 3.79 22.63 -5.62
N LEU E 206 4.88 22.89 -6.32
CA LEU E 206 4.84 23.36 -7.70
C LEU E 206 5.45 22.33 -8.63
N LYS E 207 4.99 22.33 -9.88
CA LYS E 207 5.54 21.41 -10.86
C LYS E 207 6.91 21.95 -11.19
N ASN E 208 7.86 21.04 -11.40
CA ASN E 208 9.21 21.45 -11.73
C ASN E 208 9.15 21.90 -13.18
N PRO E 209 9.23 23.22 -13.42
CA PRO E 209 9.17 23.78 -14.77
C PRO E 209 10.19 23.18 -15.73
N ASP E 210 11.41 22.97 -15.23
CA ASP E 210 12.50 22.40 -16.04
C ASP E 210 12.28 22.69 -17.52
N LYS E 211 12.14 23.97 -17.83
CA LYS E 211 11.91 24.46 -19.18
C LYS E 211 12.07 25.98 -19.07
N GLY E 212 13.28 26.41 -18.76
CA GLY E 212 13.60 27.81 -18.60
C GLY E 212 14.41 27.99 -17.33
N LYS E 213 14.33 29.15 -16.70
CA LYS E 213 15.03 29.39 -15.45
C LYS E 213 13.92 29.40 -14.43
N ALA E 214 14.12 28.84 -13.25
CA ALA E 214 12.99 28.77 -12.35
C ALA E 214 13.00 29.08 -10.86
N HIS E 215 11.79 29.22 -10.36
CA HIS E 215 11.40 29.50 -8.99
C HIS E 215 12.46 29.88 -7.97
N GLU E 216 13.30 28.94 -7.55
CA GLU E 216 14.33 29.31 -6.58
C GLU E 216 15.13 30.50 -7.11
N GLU E 217 15.17 30.63 -8.43
CA GLU E 217 15.89 31.70 -9.11
C GLU E 217 14.95 32.84 -9.52
N GLY E 218 13.88 33.05 -8.76
CA GLY E 218 12.92 34.07 -9.14
C GLY E 218 12.02 33.34 -10.11
N ARG E 219 11.32 34.06 -10.98
CA ARG E 219 10.42 33.44 -11.95
C ARG E 219 9.07 33.32 -11.33
N PRO E 220 8.15 34.18 -11.75
CA PRO E 220 6.80 34.16 -11.22
C PRO E 220 6.12 32.82 -11.45
N VAL E 221 5.49 32.31 -10.39
CA VAL E 221 4.78 31.05 -10.45
C VAL E 221 3.47 31.39 -11.14
N SER E 222 2.86 30.43 -11.82
CA SER E 222 1.57 30.66 -12.49
C SER E 222 0.59 29.56 -12.07
N ILE E 223 -0.71 29.83 -12.13
CA ILE E 223 -1.70 28.84 -11.72
C ILE E 223 -1.46 27.46 -12.35
N THR E 224 -0.86 27.46 -13.53
CA THR E 224 -0.58 26.20 -14.22
C THR E 224 0.48 25.40 -13.47
N ASP E 225 1.46 26.11 -12.90
CA ASP E 225 2.54 25.49 -12.16
C ASP E 225 2.10 24.69 -10.94
N LEU E 226 1.00 25.06 -10.33
CA LEU E 226 0.58 24.32 -9.13
C LEU E 226 0.60 22.82 -9.37
N ARG E 227 1.18 22.09 -8.41
CA ARG E 227 1.24 20.64 -8.52
C ARG E 227 -0.19 20.16 -8.36
N GLY E 228 -0.45 18.93 -8.79
CA GLY E 228 -1.79 18.41 -8.70
C GLY E 228 -2.57 19.05 -9.85
N SER E 229 -3.16 18.20 -10.69
CA SER E 229 -3.92 18.69 -11.83
C SER E 229 -5.02 19.65 -11.40
N GLY E 230 -4.85 20.91 -11.77
CA GLY E 230 -5.78 21.98 -11.46
C GLY E 230 -7.15 21.69 -10.85
N ALA E 231 -7.18 20.88 -9.80
CA ALA E 231 -8.44 20.59 -9.14
C ALA E 231 -8.52 21.64 -8.07
N LEU E 232 -7.36 21.94 -7.50
CA LEU E 232 -7.23 22.93 -6.45
C LEU E 232 -7.25 24.35 -7.04
N ARG E 233 -6.81 24.50 -8.28
CA ARG E 233 -6.83 25.83 -8.90
C ARG E 233 -8.28 26.31 -9.02
N GLN E 234 -9.23 25.43 -8.67
CA GLN E 234 -10.65 25.75 -8.74
C GLN E 234 -11.30 25.67 -7.38
N LEU E 235 -11.18 24.53 -6.73
CA LEU E 235 -11.80 24.35 -5.41
C LEU E 235 -11.32 25.34 -4.37
N SER E 236 -10.03 25.72 -4.40
CA SER E 236 -9.54 26.65 -3.39
C SER E 236 -9.98 28.07 -3.73
N ASP E 237 -10.26 28.84 -2.68
CA ASP E 237 -10.72 30.23 -2.78
C ASP E 237 -9.64 31.30 -3.00
N THR E 238 -8.54 31.19 -2.28
CA THR E 238 -7.46 32.16 -2.45
C THR E 238 -6.15 31.40 -2.63
N ILE E 239 -5.33 31.85 -3.59
CA ILE E 239 -4.05 31.23 -3.87
C ILE E 239 -2.92 32.25 -3.66
N ILE E 240 -2.14 32.05 -2.61
CA ILE E 240 -1.01 32.94 -2.30
C ILE E 240 0.28 32.29 -2.79
N ALA E 241 0.99 32.98 -3.70
CA ALA E 241 2.26 32.45 -4.20
C ALA E 241 3.43 33.30 -3.69
N LEU E 242 4.42 32.63 -3.13
CA LEU E 242 5.59 33.32 -2.62
C LEU E 242 6.76 33.11 -3.59
N GLU E 243 7.32 34.23 -4.04
CA GLU E 243 8.43 34.21 -4.98
C GLU E 243 9.64 34.94 -4.44
N ARG E 244 10.81 34.46 -4.83
CA ARG E 244 12.06 35.07 -4.43
C ARG E 244 13.18 34.42 -5.22
N ASN E 245 14.31 35.11 -5.34
CA ASN E 245 15.46 34.60 -6.08
C ASN E 245 16.64 34.38 -5.15
N GLN E 246 16.72 33.18 -4.58
CA GLN E 246 17.79 32.85 -3.64
C GLN E 246 19.24 33.02 -4.13
N GLN E 247 19.44 33.08 -5.43
CA GLN E 247 20.78 33.25 -5.95
C GLN E 247 21.00 34.68 -6.44
N GLY E 248 20.26 35.60 -5.87
CA GLY E 248 20.40 36.99 -6.26
C GLY E 248 21.00 37.86 -5.18
N ASP E 249 20.84 39.16 -5.32
CA ASP E 249 21.39 40.14 -4.37
C ASP E 249 20.60 40.24 -3.07
N MET E 250 19.29 40.01 -3.16
CA MET E 250 18.41 40.08 -1.99
C MET E 250 17.62 38.78 -1.91
N PRO E 251 18.27 37.69 -1.51
CA PRO E 251 17.65 36.36 -1.39
C PRO E 251 16.42 36.33 -0.49
N ASN E 252 16.49 37.03 0.62
CA ASN E 252 15.39 37.06 1.57
C ASN E 252 14.21 37.94 1.14
N LEU E 253 14.38 38.75 0.11
CA LEU E 253 13.30 39.62 -0.39
C LEU E 253 12.31 38.70 -1.11
N VAL E 254 11.03 38.77 -0.75
CA VAL E 254 10.04 37.90 -1.37
C VAL E 254 8.80 38.61 -1.91
N LEU E 255 8.43 38.25 -3.13
CA LEU E 255 7.27 38.81 -3.82
C LEU E 255 6.05 37.96 -3.51
N VAL E 256 4.96 38.62 -3.11
CA VAL E 256 3.74 37.92 -2.78
C VAL E 256 2.79 38.13 -3.93
N ARG E 257 2.30 37.04 -4.50
CA ARG E 257 1.39 37.16 -5.62
C ARG E 257 0.05 36.50 -5.34
N ILE E 258 -1.04 37.22 -5.61
CA ILE E 258 -2.35 36.63 -5.42
C ILE E 258 -2.68 36.01 -6.77
N LEU E 259 -2.73 34.68 -6.80
CA LEU E 259 -3.00 33.91 -8.00
C LEU E 259 -4.49 33.86 -8.27
N LYS E 260 -5.26 34.04 -7.22
CA LYS E 260 -6.70 34.02 -7.32
C LYS E 260 -7.35 34.34 -5.98
N CYS E 261 -8.40 35.17 -6.02
CA CYS E 261 -9.13 35.53 -4.82
C CYS E 261 -10.59 35.56 -5.21
N ARG E 262 -11.30 34.48 -4.93
CA ARG E 262 -12.71 34.38 -5.30
C ARG E 262 -13.50 35.58 -4.80
N PHE E 263 -13.43 35.80 -3.49
CA PHE E 263 -14.15 36.87 -2.85
C PHE E 263 -13.98 38.25 -3.50
N THR E 264 -12.76 38.72 -3.69
CA THR E 264 -12.59 40.04 -4.27
C THR E 264 -12.38 40.09 -5.78
N GLY E 265 -11.81 39.02 -6.34
CA GLY E 265 -11.54 39.01 -7.77
C GLY E 265 -10.38 39.94 -8.03
N ASP E 266 -9.78 40.43 -6.94
CA ASP E 266 -8.65 41.36 -7.02
C ASP E 266 -7.35 40.57 -6.97
N THR E 267 -6.77 40.32 -8.14
CA THR E 267 -5.54 39.54 -8.23
C THR E 267 -4.27 40.35 -8.53
N GLY E 268 -3.16 39.65 -8.71
CA GLY E 268 -1.89 40.30 -9.00
C GLY E 268 -0.90 40.34 -7.86
N ILE E 269 0.15 41.15 -8.03
CA ILE E 269 1.16 41.27 -6.99
C ILE E 269 0.60 42.04 -5.83
N ALA E 270 0.67 41.41 -4.66
CA ALA E 270 0.20 42.01 -3.42
C ALA E 270 1.21 43.02 -2.93
N GLY E 271 2.46 42.58 -2.83
CA GLY E 271 3.53 43.45 -2.35
C GLY E 271 4.72 42.60 -1.96
N TYR E 272 5.72 43.21 -1.34
CA TYR E 272 6.92 42.48 -0.95
C TYR E 272 7.14 42.33 0.54
N MET E 273 7.98 41.36 0.89
CA MET E 273 8.34 41.04 2.27
C MET E 273 9.82 40.71 2.30
N GLU E 274 10.43 40.86 3.48
CA GLU E 274 11.84 40.52 3.67
C GLU E 274 11.95 39.62 4.89
N TYR E 275 12.82 38.63 4.79
CA TYR E 275 13.02 37.68 5.89
C TYR E 275 14.15 38.16 6.75
N ASN E 276 13.81 38.38 8.02
CA ASN E 276 14.76 38.85 9.00
C ASN E 276 15.52 37.66 9.52
N LYS E 277 16.73 37.46 9.03
CA LYS E 277 17.55 36.35 9.47
C LYS E 277 17.79 36.35 10.99
N GLU E 278 17.59 37.50 11.61
CA GLU E 278 17.80 37.58 13.04
C GLU E 278 16.60 37.18 13.88
N THR E 279 15.42 37.68 13.51
CA THR E 279 14.23 37.32 14.27
C THR E 279 13.45 36.17 13.64
N GLY E 280 13.72 35.89 12.38
CA GLY E 280 13.03 34.80 11.71
C GLY E 280 11.62 35.19 11.28
N TRP E 281 11.32 36.48 11.38
CA TRP E 281 10.01 36.97 11.00
C TRP E 281 9.92 37.47 9.57
N LEU E 282 8.76 37.29 8.96
CA LEU E 282 8.52 37.73 7.60
C LEU E 282 7.95 39.14 7.75
N GLU E 283 8.85 40.13 7.72
CA GLU E 283 8.50 41.53 7.85
C GLU E 283 8.14 42.14 6.51
N PRO E 284 7.22 43.10 6.50
CA PRO E 284 6.82 43.74 5.23
C PRO E 284 8.01 44.53 4.66
N SER E 285 7.99 44.75 3.35
CA SER E 285 9.10 45.47 2.73
C SER E 285 8.63 46.55 1.77
N SER E 286 9.46 47.58 1.61
CA SER E 286 9.21 48.72 0.72
C SER E 286 10.08 48.48 -0.50
N TYR E 287 9.50 48.09 -1.62
CA TYR E 287 10.31 47.82 -2.78
C TYR E 287 9.47 47.89 -4.05
N SER E 288 10.13 47.95 -5.19
CA SER E 288 9.44 48.01 -6.48
C SER E 288 10.38 47.72 -7.65
N GLY E 289 10.02 46.75 -8.47
CA GLY E 289 10.84 46.39 -9.62
C GLY E 289 10.31 46.95 -10.94
N PRO F 2 -11.97 9.66 16.65
CA PRO F 2 -10.59 9.33 16.23
C PRO F 2 -9.61 10.40 16.73
N ASP F 3 -9.03 10.17 17.90
CA ASP F 3 -8.11 11.15 18.50
C ASP F 3 -6.63 10.81 18.46
N GLY F 4 -5.87 11.74 17.86
CA GLY F 4 -4.42 11.65 17.74
C GLY F 4 -4.03 13.12 17.70
N VAL F 5 -4.97 13.91 18.20
CA VAL F 5 -4.85 15.35 18.25
C VAL F 5 -4.42 15.81 19.63
N VAL F 6 -3.18 16.25 19.71
CA VAL F 6 -2.60 16.73 20.97
C VAL F 6 -2.61 18.26 21.04
N SER F 7 -2.77 18.81 22.23
CA SER F 7 -2.77 20.26 22.41
C SER F 7 -1.37 20.67 22.83
N ALA F 8 -0.95 21.86 22.40
CA ALA F 8 0.38 22.34 22.69
C ALA F 8 0.72 22.16 24.16
N LEU F 9 -0.21 22.62 25.01
CA LEU F 9 -0.06 22.54 26.46
C LEU F 9 0.35 21.19 27.05
N SER F 10 0.00 20.13 26.35
CA SER F 10 0.31 18.79 26.82
C SER F 10 1.64 18.29 26.34
N LEU F 11 2.39 19.14 25.65
CA LEU F 11 3.68 18.73 25.12
C LEU F 11 4.86 19.30 25.89
N ARG F 12 4.54 20.03 26.95
CA ARG F 12 5.56 20.65 27.79
C ARG F 12 6.81 19.78 27.96
N GLU F 13 6.64 18.61 28.56
CA GLU F 13 7.77 17.72 28.80
C GLU F 13 8.40 17.15 27.54
N ARG F 14 7.53 16.74 26.61
CA ARG F 14 7.98 16.20 25.33
C ARG F 14 8.86 17.22 24.60
N ILE F 15 8.48 18.49 24.69
CA ILE F 15 9.22 19.57 24.06
C ILE F 15 10.55 19.81 24.79
N ARG F 16 10.48 19.93 26.11
CA ARG F 16 11.69 20.16 26.91
C ARG F 16 12.71 19.12 26.45
N GLU F 17 12.30 17.87 26.55
CA GLU F 17 13.12 16.76 26.16
C GLU F 17 13.71 17.03 24.77
N HIS F 18 12.90 17.54 23.85
CA HIS F 18 13.36 17.81 22.49
C HIS F 18 14.42 18.91 22.47
N LEU F 19 14.14 20.03 23.12
CA LEU F 19 15.10 21.14 23.12
C LEU F 19 16.50 20.75 23.60
N SER F 20 16.55 19.91 24.62
CA SER F 20 17.81 19.45 25.19
C SER F 20 18.36 18.21 24.50
N SER F 21 19.45 18.40 23.76
CA SER F 21 20.12 17.33 23.00
C SER F 21 19.50 17.14 21.62
N GLU F 22 19.07 18.25 21.05
CA GLU F 22 18.48 18.34 19.71
C GLU F 22 19.54 19.13 18.93
N GLU F 23 20.32 18.45 18.10
CA GLU F 23 21.40 19.14 17.40
C GLU F 23 21.15 19.89 16.10
N SER F 24 21.60 21.14 16.13
CA SER F 24 21.48 22.09 15.05
C SER F 24 22.82 22.37 14.30
N VAL F 25 23.94 22.21 14.98
CA VAL F 25 25.24 22.42 14.36
C VAL F 25 26.10 21.16 14.54
N GLY F 26 26.22 20.38 13.46
CA GLY F 26 27.00 19.16 13.51
C GLY F 26 27.80 18.98 12.24
N LEU F 27 29.02 18.48 12.38
CA LEU F 27 29.89 18.26 11.23
C LEU F 27 30.07 19.54 10.41
N LEU F 28 31.23 20.13 10.50
CA LEU F 28 31.48 21.36 9.76
C LEU F 28 32.32 21.04 8.54
N PHE F 29 32.00 21.66 7.42
CA PHE F 29 32.75 21.41 6.22
C PHE F 29 34.15 21.98 6.42
N SER F 30 35.13 21.44 5.71
CA SER F 30 36.51 21.89 5.79
C SER F 30 37.00 22.42 4.47
N GLY F 31 37.64 23.59 4.51
CA GLY F 31 38.20 24.14 3.30
C GLY F 31 37.60 25.45 2.89
N CYS F 32 36.57 25.85 3.61
CA CYS F 32 35.92 27.09 3.29
C CYS F 32 34.84 27.46 4.29
N THR F 33 35.19 28.22 5.32
CA THR F 33 34.18 28.65 6.29
C THR F 33 33.21 29.35 5.33
N GLY F 34 32.01 29.70 5.76
CA GLY F 34 31.13 30.32 4.79
C GLY F 34 30.15 29.29 4.28
N ILE F 35 30.66 28.12 3.91
CA ILE F 35 29.76 27.04 3.53
C ILE F 35 29.04 26.86 4.86
N ASN F 36 29.85 26.87 5.93
CA ASN F 36 29.35 26.71 7.29
C ASN F 36 28.51 27.90 7.74
N ASP F 37 28.83 29.09 7.24
CA ASP F 37 28.07 30.29 7.59
C ASP F 37 26.65 30.18 7.08
N LYS F 38 26.51 29.79 5.82
CA LYS F 38 25.19 29.66 5.26
C LYS F 38 24.45 28.34 5.54
N THR F 39 25.13 27.32 6.08
CA THR F 39 24.45 26.04 6.33
C THR F 39 24.55 25.53 7.76
N LEU F 40 25.53 26.00 8.51
CA LEU F 40 25.70 25.55 9.88
C LEU F 40 26.09 24.08 9.89
N GLY F 41 26.78 23.66 8.84
CA GLY F 41 27.25 22.28 8.75
C GLY F 41 26.23 21.28 8.23
N ALA F 42 26.53 20.00 8.43
CA ALA F 42 25.68 18.90 7.98
C ALA F 42 25.03 18.23 9.18
N ARG F 43 23.71 18.34 9.28
CA ARG F 43 22.95 17.70 10.37
C ARG F 43 22.69 16.23 10.06
N GLY F 44 22.61 15.40 11.09
CA GLY F 44 22.32 13.99 10.88
C GLY F 44 20.91 13.86 10.33
N GLY F 45 20.70 12.86 9.49
CA GLY F 45 19.39 12.63 8.90
C GLY F 45 19.16 13.51 7.69
N GLU F 46 20.16 14.34 7.37
CA GLU F 46 20.09 15.25 6.23
C GLU F 46 20.73 14.66 4.98
N VAL F 47 20.21 15.03 3.83
CA VAL F 47 20.77 14.54 2.58
C VAL F 47 21.47 15.72 1.92
N ILE F 48 22.80 15.62 1.83
CA ILE F 48 23.66 16.66 1.26
C ILE F 48 24.06 16.37 -0.19
N MET F 49 23.70 17.29 -1.07
CA MET F 49 24.01 17.15 -2.50
C MET F 49 25.16 18.04 -2.92
N VAL F 50 26.13 17.46 -3.63
CA VAL F 50 27.27 18.22 -4.15
C VAL F 50 27.40 17.92 -5.64
N THR F 51 27.55 18.98 -6.43
CA THR F 51 27.66 18.84 -7.87
C THR F 51 28.53 19.92 -8.47
N SER F 52 28.83 19.75 -9.76
CA SER F 52 29.64 20.68 -10.49
C SER F 52 29.84 20.16 -11.91
N GLY F 53 30.54 20.92 -12.74
CA GLY F 53 30.79 20.46 -14.09
C GLY F 53 31.65 19.23 -13.96
N SER F 54 31.62 18.35 -14.96
CA SER F 54 32.41 17.13 -14.89
C SER F 54 33.88 17.45 -14.67
N GLY F 55 34.41 16.96 -13.56
CA GLY F 55 35.81 17.18 -13.23
C GLY F 55 36.20 18.54 -12.70
N MET F 56 35.32 19.18 -11.94
CA MET F 56 35.63 20.50 -11.42
C MET F 56 35.76 20.70 -9.93
N GLY F 57 35.44 19.68 -9.14
CA GLY F 57 35.55 19.85 -7.71
C GLY F 57 34.72 18.89 -6.88
N LYS F 58 33.57 18.47 -7.38
CA LYS F 58 32.70 17.55 -6.64
C LYS F 58 33.53 16.52 -5.90
N SER F 59 34.09 15.60 -6.67
CA SER F 59 34.87 14.52 -6.10
C SER F 59 35.91 14.93 -5.07
N THR F 60 36.80 15.83 -5.46
CA THR F 60 37.84 16.26 -4.54
C THR F 60 37.26 16.82 -3.26
N PHE F 61 36.35 17.79 -3.41
CA PHE F 61 35.70 18.42 -2.27
C PHE F 61 35.16 17.38 -1.31
N VAL F 62 34.25 16.54 -1.82
CA VAL F 62 33.63 15.48 -1.02
C VAL F 62 34.68 14.58 -0.37
N ARG F 63 35.62 14.13 -1.17
CA ARG F 63 36.70 13.29 -0.70
C ARG F 63 37.45 13.96 0.46
N GLN F 64 37.52 15.28 0.43
CA GLN F 64 38.21 16.03 1.49
C GLN F 64 37.39 16.09 2.78
N GLN F 65 36.07 16.17 2.63
CA GLN F 65 35.17 16.21 3.78
C GLN F 65 35.20 14.86 4.50
N ALA F 66 35.23 13.80 3.70
CA ALA F 66 35.28 12.44 4.24
C ALA F 66 36.56 12.33 5.06
N LEU F 67 37.61 12.95 4.52
CA LEU F 67 38.91 12.91 5.14
C LEU F 67 38.93 13.65 6.46
N GLN F 68 38.50 14.90 6.46
CA GLN F 68 38.52 15.68 7.70
C GLN F 68 37.62 15.05 8.75
N TRP F 69 36.39 14.73 8.37
CA TRP F 69 35.45 14.11 9.29
C TRP F 69 36.01 12.78 9.85
N GLY F 70 36.76 12.06 9.03
CA GLY F 70 37.29 10.79 9.48
C GLY F 70 38.57 10.84 10.27
N THR F 71 39.18 12.02 10.31
CA THR F 71 40.43 12.18 11.02
C THR F 71 40.28 13.14 12.21
N ALA F 72 40.68 14.39 12.00
CA ALA F 72 40.62 15.40 13.04
C ALA F 72 39.36 15.29 13.89
N MET F 73 38.23 14.99 13.26
CA MET F 73 37.01 14.93 14.03
C MET F 73 36.44 13.55 14.28
N GLY F 74 37.34 12.56 14.33
CA GLY F 74 36.96 11.18 14.58
C GLY F 74 35.52 10.70 14.39
N LYS F 75 35.01 10.75 13.18
CA LYS F 75 33.67 10.28 12.92
C LYS F 75 33.85 9.01 12.12
N LYS F 76 32.83 8.17 12.08
CA LYS F 76 32.92 6.95 11.29
C LYS F 76 32.39 7.25 9.91
N VAL F 77 33.29 7.19 8.92
CA VAL F 77 32.95 7.52 7.55
C VAL F 77 32.75 6.28 6.68
N GLY F 78 31.60 6.24 6.04
CA GLY F 78 31.30 5.12 5.15
C GLY F 78 31.48 5.62 3.74
N LEU F 79 32.23 4.89 2.93
CA LEU F 79 32.47 5.30 1.54
C LEU F 79 31.90 4.33 0.52
N ALA F 80 31.13 4.87 -0.42
CA ALA F 80 30.55 4.08 -1.51
C ALA F 80 30.95 4.75 -2.85
N MET F 81 32.18 4.51 -3.27
CA MET F 81 32.68 5.08 -4.53
C MET F 81 32.43 4.06 -5.63
N LEU F 82 31.22 4.11 -6.19
CA LEU F 82 30.78 3.20 -7.24
C LEU F 82 31.60 3.16 -8.53
N GLU F 83 32.23 4.28 -8.92
CA GLU F 83 33.03 4.29 -10.14
C GLU F 83 34.51 3.90 -9.97
N GLU F 84 34.90 3.48 -8.76
CA GLU F 84 36.29 3.10 -8.52
C GLU F 84 36.43 1.95 -7.50
N SER F 85 37.58 1.27 -7.51
CA SER F 85 37.84 0.16 -6.59
C SER F 85 38.32 0.63 -5.23
N VAL F 86 38.09 -0.18 -4.20
CA VAL F 86 38.47 0.18 -2.85
C VAL F 86 39.91 0.63 -2.70
N GLU F 87 40.84 -0.13 -3.30
CA GLU F 87 42.26 0.21 -3.21
C GLU F 87 42.53 1.52 -3.90
N GLU F 88 41.75 1.79 -4.94
CA GLU F 88 41.89 3.00 -5.69
C GLU F 88 41.49 4.21 -4.84
N THR F 89 40.32 4.15 -4.22
CA THR F 89 39.89 5.25 -3.37
C THR F 89 40.77 5.24 -2.12
N ALA F 90 41.22 4.07 -1.72
CA ALA F 90 42.09 3.96 -0.57
C ALA F 90 43.37 4.76 -0.91
N GLU F 91 43.86 4.56 -2.12
CA GLU F 91 45.06 5.25 -2.61
C GLU F 91 44.88 6.78 -2.61
N ASP F 92 43.75 7.26 -3.13
CA ASP F 92 43.48 8.70 -3.16
C ASP F 92 43.58 9.33 -1.79
N LEU F 93 42.86 8.74 -0.84
CA LEU F 93 42.83 9.24 0.52
C LEU F 93 44.22 9.36 1.12
N ILE F 94 45.03 8.32 0.91
CA ILE F 94 46.38 8.32 1.44
C ILE F 94 47.16 9.47 0.88
N GLY F 95 47.18 9.58 -0.45
CA GLY F 95 47.93 10.64 -1.08
C GLY F 95 47.43 11.99 -0.62
N LEU F 96 46.11 12.13 -0.61
CA LEU F 96 45.47 13.37 -0.20
C LEU F 96 45.85 13.68 1.24
N HIS F 97 45.56 12.76 2.14
CA HIS F 97 45.90 12.98 3.53
C HIS F 97 47.34 13.50 3.62
N ASN F 98 48.22 12.89 2.84
CA ASN F 98 49.62 13.27 2.86
C ASN F 98 50.01 14.34 1.86
N ARG F 99 49.01 15.05 1.36
CA ARG F 99 49.19 16.15 0.42
C ARG F 99 50.12 15.86 -0.76
N VAL F 100 50.04 14.66 -1.31
CA VAL F 100 50.90 14.34 -2.45
C VAL F 100 50.09 13.60 -3.49
N ARG F 101 50.33 13.95 -4.75
CA ARG F 101 49.62 13.33 -5.86
C ARG F 101 50.19 11.93 -6.03
N LEU F 102 49.88 11.07 -5.06
CA LEU F 102 50.36 9.69 -5.04
C LEU F 102 50.07 8.91 -6.31
N ARG F 103 48.87 9.07 -6.86
CA ARG F 103 48.50 8.37 -8.07
C ARG F 103 49.25 8.91 -9.31
N GLN F 104 49.25 10.25 -9.46
CA GLN F 104 49.92 10.92 -10.58
C GLN F 104 51.46 10.85 -10.48
N SER F 105 52.01 9.85 -9.80
CA SER F 105 53.47 9.77 -9.66
C SER F 105 53.98 8.37 -9.32
N ASP F 106 54.46 7.67 -10.34
CA ASP F 106 54.98 6.32 -10.16
C ASP F 106 56.19 6.32 -9.26
N SER F 107 57.01 7.36 -9.40
CA SER F 107 58.20 7.48 -8.58
C SER F 107 57.83 7.35 -7.10
N LEU F 108 56.90 8.18 -6.65
CA LEU F 108 56.48 8.18 -5.26
C LEU F 108 55.89 6.86 -4.77
N LYS F 109 54.96 6.28 -5.53
CA LYS F 109 54.35 4.99 -5.14
C LYS F 109 55.49 4.01 -4.90
N ARG F 110 56.47 4.04 -5.80
CA ARG F 110 57.62 3.16 -5.73
C ARG F 110 58.33 3.39 -4.41
N GLU F 111 58.69 4.65 -4.15
CA GLU F 111 59.38 5.03 -2.92
C GLU F 111 58.71 4.48 -1.65
N ILE F 112 57.65 5.14 -1.22
CA ILE F 112 56.95 4.77 0.00
C ILE F 112 56.81 3.26 0.23
N ILE F 113 56.62 2.49 -0.83
CA ILE F 113 56.48 1.04 -0.68
C ILE F 113 57.82 0.42 -0.30
N GLU F 114 58.89 0.95 -0.86
CA GLU F 114 60.22 0.43 -0.58
C GLU F 114 60.84 1.04 0.67
N ASN F 115 60.79 2.36 0.81
CA ASN F 115 61.38 3.00 1.99
C ASN F 115 60.51 2.77 3.23
N GLY F 116 59.37 2.12 3.02
CA GLY F 116 58.49 1.80 4.13
C GLY F 116 57.49 2.85 4.60
N LYS F 117 57.53 4.05 4.01
CA LYS F 117 56.59 5.10 4.43
C LYS F 117 55.12 4.74 4.22
N PHE F 118 54.86 3.80 3.32
CA PHE F 118 53.49 3.36 3.05
C PHE F 118 52.84 2.92 4.35
N ASP F 119 53.41 1.90 4.98
CA ASP F 119 52.86 1.38 6.23
C ASP F 119 52.66 2.47 7.27
N GLN F 120 53.55 3.44 7.25
CA GLN F 120 53.44 4.55 8.19
C GLN F 120 52.15 5.33 7.91
N TRP F 121 52.04 5.78 6.67
CA TRP F 121 50.89 6.54 6.18
C TRP F 121 49.55 5.84 6.30
N PHE F 122 49.56 4.51 6.08
CA PHE F 122 48.36 3.71 6.15
C PHE F 122 47.80 3.68 7.55
N ASP F 123 48.68 3.43 8.53
CA ASP F 123 48.25 3.38 9.93
C ASP F 123 47.92 4.76 10.45
N GLU F 124 48.65 5.75 9.97
CA GLU F 124 48.39 7.10 10.43
C GLU F 124 47.03 7.60 9.98
N LEU F 125 46.45 6.94 8.98
CA LEU F 125 45.16 7.34 8.43
C LEU F 125 44.05 6.38 8.74
N PHE F 126 44.30 5.10 8.52
CA PHE F 126 43.29 4.09 8.77
C PHE F 126 43.51 3.45 10.14
N GLY F 127 44.35 4.11 10.94
CA GLY F 127 44.65 3.61 12.26
C GLY F 127 43.45 3.46 13.16
N ASN F 128 42.68 4.53 13.32
CA ASN F 128 41.52 4.47 14.19
C ASN F 128 40.28 3.83 13.59
N ASP F 129 40.47 2.96 12.61
CA ASP F 129 39.34 2.28 11.99
C ASP F 129 38.10 3.17 11.87
N THR F 130 38.21 4.26 11.09
CA THR F 130 37.06 5.18 10.89
C THR F 130 36.52 5.13 9.47
N PHE F 131 37.22 4.40 8.61
CA PHE F 131 36.83 4.31 7.22
C PHE F 131 36.36 2.91 6.84
N HIS F 132 35.23 2.86 6.14
CA HIS F 132 34.63 1.62 5.67
C HIS F 132 34.09 1.89 4.28
N LEU F 133 34.35 0.97 3.37
CA LEU F 133 33.92 1.18 2.00
C LEU F 133 33.06 0.08 1.47
N TYR F 134 32.35 0.39 0.39
CA TYR F 134 31.48 -0.55 -0.34
C TYR F 134 32.43 -1.11 -1.38
N ASP F 135 32.40 -2.43 -1.56
CA ASP F 135 33.29 -3.09 -2.49
C ASP F 135 32.57 -3.79 -3.63
N SER F 136 33.07 -3.62 -4.85
CA SER F 136 32.45 -4.28 -6.00
C SER F 136 32.87 -3.73 -7.35
N PHE F 137 32.31 -2.58 -7.68
CA PHE F 137 32.53 -1.89 -8.95
C PHE F 137 31.37 -2.41 -9.81
N ALA F 138 31.15 -3.74 -9.76
CA ALA F 138 30.09 -4.41 -10.49
C ALA F 138 28.70 -3.85 -10.14
N GLU F 139 28.08 -3.19 -11.12
CA GLU F 139 26.76 -2.57 -10.99
C GLU F 139 25.94 -2.99 -9.78
N ALA F 140 25.65 -2.03 -8.91
CA ALA F 140 24.86 -2.28 -7.72
C ALA F 140 23.43 -1.85 -7.94
N GLU F 141 22.49 -2.65 -7.45
CA GLU F 141 21.08 -2.35 -7.59
C GLU F 141 20.62 -1.47 -6.43
N THR F 142 19.58 -0.66 -6.66
CA THR F 142 19.06 0.24 -5.64
C THR F 142 18.98 -0.40 -4.24
N ASP F 143 18.02 -1.31 -4.04
CA ASP F 143 17.85 -1.98 -2.75
C ASP F 143 19.11 -2.73 -2.33
N ARG F 144 19.83 -3.25 -3.31
CA ARG F 144 21.07 -3.98 -3.09
C ARG F 144 22.02 -3.03 -2.35
N LEU F 145 22.23 -1.85 -2.94
CA LEU F 145 23.09 -0.81 -2.40
C LEU F 145 22.57 -0.30 -1.05
N LEU F 146 21.31 0.13 -1.04
CA LEU F 146 20.69 0.63 0.18
C LEU F 146 20.89 -0.31 1.34
N ALA F 147 20.79 -1.61 1.05
CA ALA F 147 20.99 -2.60 2.08
C ALA F 147 22.38 -2.45 2.67
N LYS F 148 23.37 -2.25 1.81
CA LYS F 148 24.74 -2.10 2.25
C LYS F 148 25.02 -0.78 2.97
N LEU F 149 24.40 0.29 2.49
CA LEU F 149 24.57 1.57 3.15
C LEU F 149 23.94 1.37 4.53
N ALA F 150 22.76 0.73 4.52
CA ALA F 150 22.02 0.42 5.73
C ALA F 150 22.96 -0.27 6.72
N TYR F 151 23.69 -1.25 6.24
CA TYR F 151 24.62 -1.94 7.11
C TYR F 151 25.66 -0.99 7.64
N MET F 152 26.22 -0.14 6.76
CA MET F 152 27.25 0.80 7.20
C MET F 152 26.77 1.66 8.35
N ARG F 153 25.57 2.20 8.20
CA ARG F 153 25.00 3.04 9.23
C ARG F 153 24.75 2.31 10.55
N SER F 154 23.81 1.37 10.50
CA SER F 154 23.41 0.61 11.68
C SER F 154 24.31 -0.53 12.10
N GLY F 155 25.14 -1.02 11.18
CA GLY F 155 26.02 -2.12 11.53
C GLY F 155 27.33 -1.62 12.06
N LEU F 156 28.10 -0.94 11.22
CA LEU F 156 29.41 -0.43 11.61
C LEU F 156 29.28 0.92 12.33
N GLY F 157 28.06 1.44 12.36
CA GLY F 157 27.83 2.70 13.03
C GLY F 157 28.54 3.90 12.43
N CYS F 158 28.39 4.09 11.13
CA CYS F 158 29.01 5.21 10.46
C CYS F 158 28.18 6.48 10.73
N ASP F 159 28.89 7.60 10.87
CA ASP F 159 28.22 8.88 11.09
C ASP F 159 27.89 9.50 9.75
N VAL F 160 28.75 9.23 8.77
CA VAL F 160 28.59 9.77 7.44
C VAL F 160 28.76 8.70 6.39
N ILE F 161 27.98 8.82 5.31
CA ILE F 161 28.10 7.90 4.19
C ILE F 161 28.30 8.79 2.95
N ILE F 162 29.35 8.53 2.18
CA ILE F 162 29.57 9.30 0.97
C ILE F 162 29.23 8.41 -0.24
N LEU F 163 28.14 8.74 -0.94
CA LEU F 163 27.79 7.96 -2.13
C LEU F 163 28.24 8.77 -3.32
N ASP F 164 29.31 8.32 -3.96
CA ASP F 164 29.83 9.05 -5.10
C ASP F 164 29.23 8.60 -6.40
N HIS F 165 28.37 9.47 -6.92
CA HIS F 165 27.69 9.34 -8.20
C HIS F 165 26.33 8.64 -8.16
N ILE F 166 25.26 9.42 -8.24
CA ILE F 166 23.93 8.84 -8.24
C ILE F 166 23.31 8.83 -9.63
N SER F 167 24.01 8.22 -10.58
CA SER F 167 23.51 8.10 -11.94
C SER F 167 23.70 6.63 -12.22
N ILE F 168 24.59 6.03 -11.45
CA ILE F 168 24.88 4.62 -11.54
C ILE F 168 23.77 3.97 -10.69
N VAL F 169 22.65 3.74 -11.35
CA VAL F 169 21.48 3.16 -10.71
C VAL F 169 21.50 1.63 -10.68
N VAL F 170 21.36 1.01 -11.84
CA VAL F 170 21.36 -0.46 -11.96
C VAL F 170 20.19 -1.06 -11.17
N SER F 171 18.96 -0.88 -11.66
CA SER F 171 17.80 -1.41 -10.95
C SER F 171 16.54 -1.59 -11.79
N ALA F 172 15.72 -2.56 -11.39
CA ALA F 172 14.46 -2.90 -12.04
C ALA F 172 14.31 -2.37 -13.47
N SER F 173 15.08 -2.96 -14.39
CA SER F 173 15.02 -2.55 -15.79
C SER F 173 13.76 -3.06 -16.48
N GLY F 174 12.93 -2.12 -16.93
CA GLY F 174 11.68 -2.46 -17.59
C GLY F 174 10.65 -1.38 -17.33
N GLU F 175 11.13 -0.15 -17.11
CA GLU F 175 10.28 0.99 -16.84
C GLU F 175 10.94 2.25 -17.42
N SER F 176 10.35 2.74 -18.52
CA SER F 176 10.82 3.92 -19.25
C SER F 176 11.51 5.02 -18.46
N ASP F 177 12.25 5.86 -19.19
CA ASP F 177 13.00 6.98 -18.64
C ASP F 177 13.47 6.77 -17.22
N GLU F 178 14.77 6.56 -17.06
CA GLU F 178 15.36 6.33 -15.76
C GLU F 178 15.08 7.51 -14.83
N ARG F 179 14.45 8.55 -15.36
CA ARG F 179 14.11 9.72 -14.57
C ARG F 179 13.37 9.25 -13.33
N LYS F 180 12.47 8.30 -13.50
CA LYS F 180 11.72 7.78 -12.37
C LYS F 180 12.70 7.09 -11.40
N MET F 181 13.75 6.50 -11.95
CA MET F 181 14.73 5.81 -11.12
C MET F 181 15.42 6.79 -10.17
N ILE F 182 16.12 7.76 -10.75
CA ILE F 182 16.81 8.77 -9.97
C ILE F 182 15.90 9.29 -8.86
N ASP F 183 14.61 9.40 -9.16
CA ASP F 183 13.65 9.90 -8.18
C ASP F 183 13.31 8.90 -7.10
N ASN F 184 12.96 7.68 -7.49
CA ASN F 184 12.61 6.67 -6.49
C ASN F 184 13.81 6.42 -5.61
N LEU F 185 14.98 6.33 -6.22
CA LEU F 185 16.21 6.10 -5.47
C LEU F 185 16.34 7.21 -4.42
N MET F 186 16.23 8.45 -4.90
CA MET F 186 16.31 9.60 -4.03
C MET F 186 15.38 9.38 -2.84
N THR F 187 14.10 9.18 -3.12
CA THR F 187 13.13 8.98 -2.05
C THR F 187 13.61 7.92 -1.05
N LYS F 188 14.17 6.83 -1.54
CA LYS F 188 14.64 5.80 -0.64
C LYS F 188 15.85 6.25 0.17
N LEU F 189 16.68 7.11 -0.43
CA LEU F 189 17.87 7.62 0.26
C LEU F 189 17.47 8.56 1.39
N LYS F 190 16.68 9.58 1.06
CA LYS F 190 16.21 10.56 2.03
C LYS F 190 15.44 9.85 3.13
N GLY F 191 14.67 8.84 2.74
CA GLY F 191 13.91 8.08 3.71
C GLY F 191 14.88 7.33 4.61
N PHE F 192 15.92 6.74 4.01
CA PHE F 192 16.92 5.99 4.76
C PHE F 192 17.66 6.90 5.70
N ALA F 193 17.95 8.10 5.20
CA ALA F 193 18.69 9.08 5.98
C ALA F 193 17.89 9.59 7.16
N LYS F 194 16.69 10.08 6.89
CA LYS F 194 15.84 10.64 7.92
C LYS F 194 15.63 9.72 9.10
N SER F 195 15.39 8.44 8.83
CA SER F 195 15.13 7.47 9.89
C SER F 195 16.35 7.00 10.68
N THR F 196 17.47 6.77 10.01
CA THR F 196 18.66 6.31 10.74
C THR F 196 19.39 7.45 11.42
N GLY F 197 19.27 8.65 10.85
CA GLY F 197 19.93 9.80 11.43
C GLY F 197 21.35 10.02 10.93
N VAL F 198 21.72 9.26 9.90
CA VAL F 198 23.06 9.35 9.32
C VAL F 198 23.14 10.55 8.39
N VAL F 199 24.33 11.14 8.31
CA VAL F 199 24.52 12.26 7.40
C VAL F 199 24.80 11.58 6.06
N LEU F 200 24.10 12.01 5.01
CA LEU F 200 24.30 11.42 3.72
C LEU F 200 24.74 12.44 2.68
N VAL F 201 25.96 12.28 2.18
CA VAL F 201 26.49 13.18 1.16
C VAL F 201 26.44 12.42 -0.16
N VAL F 202 25.66 12.96 -1.10
CA VAL F 202 25.48 12.34 -2.41
C VAL F 202 26.00 13.27 -3.49
N ILE F 203 26.66 12.68 -4.47
CA ILE F 203 27.18 13.43 -5.60
C ILE F 203 26.30 13.15 -6.82
N CYS F 204 26.13 14.15 -7.69
CA CYS F 204 25.35 13.97 -8.91
C CYS F 204 25.97 14.89 -9.94
N HIS F 205 25.73 14.60 -11.21
CA HIS F 205 26.29 15.40 -12.29
C HIS F 205 25.30 16.41 -12.85
N LEU F 206 25.79 17.26 -13.75
CA LEU F 206 24.96 18.30 -14.35
C LEU F 206 24.48 18.04 -15.77
N LYS F 207 23.29 18.57 -16.09
CA LYS F 207 22.73 18.43 -17.42
C LYS F 207 23.67 19.23 -18.28
N ASN F 208 23.85 18.78 -19.51
CA ASN F 208 24.70 19.49 -20.43
C ASN F 208 23.84 20.58 -21.07
N PRO F 209 24.00 21.83 -20.61
CA PRO F 209 23.25 22.99 -21.09
C PRO F 209 23.21 23.16 -22.60
N ASP F 210 24.35 22.93 -23.26
CA ASP F 210 24.42 23.07 -24.71
C ASP F 210 23.45 24.13 -25.21
N LYS F 211 23.51 25.30 -24.59
CA LYS F 211 22.66 26.42 -24.93
C LYS F 211 23.23 27.60 -24.15
N GLY F 212 24.37 28.09 -24.64
CA GLY F 212 25.08 29.20 -24.03
C GLY F 212 26.55 28.81 -24.04
N LYS F 213 27.25 29.12 -22.95
CA LYS F 213 28.67 28.75 -22.79
C LYS F 213 28.61 28.09 -21.42
N ALA F 214 29.15 26.88 -21.28
CA ALA F 214 28.96 26.22 -20.00
C ALA F 214 30.02 25.48 -19.18
N HIS F 215 29.64 25.33 -17.91
CA HIS F 215 30.35 24.66 -16.83
C HIS F 215 31.86 24.58 -16.90
N GLU F 216 32.39 23.77 -17.79
CA GLU F 216 33.84 23.65 -17.92
C GLU F 216 34.45 25.04 -18.11
N GLU F 217 33.62 26.01 -18.46
CA GLU F 217 34.06 27.37 -18.71
C GLU F 217 33.52 28.40 -17.74
N GLY F 218 33.09 27.93 -16.56
CA GLY F 218 32.52 28.82 -15.57
C GLY F 218 31.01 28.66 -15.64
N ARG F 219 30.29 29.76 -15.80
CA ARG F 219 28.82 29.69 -15.89
C ARG F 219 28.25 29.10 -14.60
N PRO F 220 27.56 29.91 -13.83
CA PRO F 220 26.99 29.40 -12.58
C PRO F 220 26.03 28.24 -12.84
N VAL F 221 26.02 27.27 -11.94
CA VAL F 221 25.11 26.14 -12.07
C VAL F 221 23.81 26.53 -11.39
N SER F 222 22.68 26.24 -12.04
CA SER F 222 21.37 26.58 -11.48
C SER F 222 20.61 25.32 -11.03
N ILE F 223 19.79 25.43 -10.00
CA ILE F 223 19.05 24.28 -9.50
C ILE F 223 18.39 23.48 -10.62
N THR F 224 18.02 24.16 -11.70
CA THR F 224 17.38 23.46 -12.82
C THR F 224 18.37 22.52 -13.52
N ASP F 225 19.61 22.97 -13.65
CA ASP F 225 20.69 22.22 -14.31
C ASP F 225 20.93 20.79 -13.78
N LEU F 226 20.60 20.55 -12.52
CA LEU F 226 20.82 19.23 -11.93
C LEU F 226 20.25 18.05 -12.70
N ARG F 227 21.08 17.04 -12.92
CA ARG F 227 20.64 15.83 -13.61
C ARG F 227 19.51 15.21 -12.81
N GLY F 228 18.74 14.33 -13.44
CA GLY F 228 17.63 13.70 -12.74
C GLY F 228 16.56 14.74 -12.50
N SER F 229 15.33 14.44 -12.94
CA SER F 229 14.21 15.36 -12.78
C SER F 229 13.97 15.81 -11.34
N GLY F 230 14.30 17.08 -11.09
CA GLY F 230 14.15 17.69 -9.78
C GLY F 230 13.40 16.93 -8.70
N ALA F 231 13.85 15.72 -8.40
CA ALA F 231 13.23 14.93 -7.34
C ALA F 231 14.22 15.12 -6.21
N LEU F 232 15.49 15.23 -6.60
CA LEU F 232 16.55 15.44 -5.63
C LEU F 232 16.55 16.91 -5.28
N ARG F 233 16.09 17.76 -6.20
CA ARG F 233 16.03 19.18 -5.89
C ARG F 233 15.05 19.38 -4.74
N GLN F 234 14.24 18.37 -4.46
CA GLN F 234 13.26 18.46 -3.38
C GLN F 234 13.57 17.51 -2.24
N LEU F 235 14.19 16.37 -2.56
CA LEU F 235 14.51 15.41 -1.52
C LEU F 235 15.75 15.76 -0.73
N SER F 236 16.70 16.43 -1.37
CA SER F 236 17.93 16.83 -0.68
C SER F 236 17.71 18.08 0.17
N ASP F 237 18.33 18.09 1.35
CA ASP F 237 18.20 19.18 2.29
C ASP F 237 19.12 20.36 2.00
N THR F 238 20.33 20.06 1.53
CA THR F 238 21.31 21.10 1.18
C THR F 238 21.89 20.78 -0.21
N ILE F 239 22.32 21.80 -0.91
CA ILE F 239 22.90 21.56 -2.23
C ILE F 239 24.11 22.44 -2.40
N ILE F 240 25.29 21.82 -2.48
CA ILE F 240 26.55 22.54 -2.65
C ILE F 240 26.96 22.40 -4.11
N ALA F 241 27.36 23.49 -4.74
CA ALA F 241 27.78 23.41 -6.14
C ALA F 241 29.08 24.15 -6.28
N LEU F 242 29.99 23.60 -7.05
CA LEU F 242 31.28 24.25 -7.26
C LEU F 242 31.38 24.70 -8.71
N GLU F 243 31.88 25.91 -8.92
CA GLU F 243 32.02 26.46 -10.26
C GLU F 243 33.44 26.95 -10.52
N ARG F 244 33.96 26.68 -11.70
CA ARG F 244 35.28 27.17 -12.05
C ARG F 244 35.46 27.14 -13.55
N ASN F 245 36.43 27.92 -14.03
CA ASN F 245 36.71 28.03 -15.44
C ASN F 245 38.07 27.43 -15.83
N GLN F 246 38.10 26.11 -16.04
CA GLN F 246 39.35 25.44 -16.41
C GLN F 246 39.98 26.07 -17.66
N GLN F 247 39.15 26.70 -18.48
CA GLN F 247 39.61 27.36 -19.70
C GLN F 247 39.50 28.87 -19.52
N GLY F 248 40.13 29.40 -18.48
CA GLY F 248 40.07 30.83 -18.24
C GLY F 248 41.39 31.31 -17.68
N ASP F 249 41.36 32.28 -16.77
CA ASP F 249 42.58 32.80 -16.17
C ASP F 249 42.98 32.04 -14.90
N MET F 250 42.04 31.88 -13.99
CA MET F 250 42.28 31.20 -12.73
C MET F 250 41.51 29.89 -12.76
N PRO F 251 42.04 28.89 -13.44
CA PRO F 251 41.42 27.57 -13.57
C PRO F 251 41.26 26.88 -12.24
N ASN F 252 42.12 27.25 -11.30
CA ASN F 252 42.09 26.66 -9.98
C ASN F 252 41.29 27.46 -8.97
N LEU F 253 40.68 28.56 -9.42
CA LEU F 253 39.83 29.35 -8.54
C LEU F 253 38.43 28.78 -8.71
N VAL F 254 37.88 28.26 -7.62
CA VAL F 254 36.54 27.69 -7.65
C VAL F 254 35.62 28.38 -6.65
N LEU F 255 34.39 28.62 -7.08
CA LEU F 255 33.39 29.29 -6.28
C LEU F 255 32.41 28.28 -5.73
N VAL F 256 32.07 28.43 -4.46
CA VAL F 256 31.13 27.53 -3.80
C VAL F 256 29.81 28.24 -3.66
N ARG F 257 28.77 27.64 -4.23
CA ARG F 257 27.44 28.21 -4.20
C ARG F 257 26.45 27.32 -3.45
N ILE F 258 25.70 27.90 -2.52
CA ILE F 258 24.69 27.12 -1.82
C ILE F 258 23.39 27.28 -2.61
N LEU F 259 23.12 26.29 -3.45
CA LEU F 259 21.94 26.27 -4.30
C LEU F 259 20.70 26.09 -3.47
N LYS F 260 20.87 25.39 -2.34
CA LYS F 260 19.75 25.11 -1.46
C LYS F 260 20.19 24.69 -0.08
N CYS F 261 19.37 25.04 0.90
CA CYS F 261 19.61 24.68 2.29
C CYS F 261 18.31 24.82 3.03
N ARG F 262 17.70 23.70 3.33
CA ARG F 262 16.43 23.65 4.04
C ARG F 262 16.57 24.27 5.44
N PHE F 263 17.38 23.63 6.28
CA PHE F 263 17.60 24.09 7.64
C PHE F 263 17.71 25.60 7.84
N THR F 264 18.63 26.24 7.13
CA THR F 264 18.81 27.66 7.30
C THR F 264 18.08 28.57 6.34
N GLY F 265 17.86 28.09 5.12
CA GLY F 265 17.18 28.92 4.13
C GLY F 265 18.11 29.99 3.56
N ASP F 266 19.32 30.02 4.12
CA ASP F 266 20.35 30.97 3.71
C ASP F 266 21.06 30.43 2.47
N THR F 267 20.76 31.01 1.32
CA THR F 267 21.35 30.55 0.06
C THR F 267 22.30 31.58 -0.56
N GLY F 268 22.80 31.26 -1.76
CA GLY F 268 23.73 32.14 -2.45
C GLY F 268 25.19 31.70 -2.40
N ILE F 269 26.07 32.55 -2.96
CA ILE F 269 27.51 32.27 -2.99
C ILE F 269 28.10 32.19 -1.60
N ALA F 270 28.67 31.04 -1.26
CA ALA F 270 29.28 30.84 0.05
C ALA F 270 30.65 31.49 0.11
N GLY F 271 31.52 31.12 -0.82
CA GLY F 271 32.87 31.63 -0.83
C GLY F 271 33.67 30.99 -1.93
N TYR F 272 35.00 31.00 -1.80
CA TYR F 272 35.84 30.41 -2.84
C TYR F 272 36.93 29.50 -2.31
N MET F 273 37.60 28.81 -3.22
CA MET F 273 38.68 27.90 -2.89
C MET F 273 39.60 27.82 -4.09
N GLU F 274 40.85 27.42 -3.88
CA GLU F 274 41.79 27.32 -4.98
C GLU F 274 42.41 25.96 -5.02
N TYR F 275 42.46 25.38 -6.21
CA TYR F 275 43.03 24.06 -6.37
C TYR F 275 44.54 24.18 -6.45
N ASN F 276 45.21 23.45 -5.58
CA ASN F 276 46.67 23.44 -5.55
C ASN F 276 47.12 22.13 -6.20
N LYS F 277 47.61 22.20 -7.41
CA LYS F 277 48.07 21.03 -8.15
C LYS F 277 49.16 20.22 -7.43
N GLU F 278 49.86 20.88 -6.52
CA GLU F 278 50.90 20.21 -5.76
C GLU F 278 50.23 19.26 -4.76
N THR F 279 49.59 19.85 -3.75
CA THR F 279 48.92 19.09 -2.71
C THR F 279 47.66 18.37 -3.21
N GLY F 280 47.16 18.77 -4.37
CA GLY F 280 45.95 18.17 -4.93
C GLY F 280 44.70 18.49 -4.12
N TRP F 281 44.82 19.46 -3.21
CA TRP F 281 43.71 19.88 -2.34
C TRP F 281 43.04 21.13 -2.86
N LEU F 282 41.88 21.44 -2.28
CA LEU F 282 41.11 22.62 -2.59
C LEU F 282 41.33 23.46 -1.37
N GLU F 283 42.33 24.34 -1.42
CA GLU F 283 42.67 25.22 -0.28
C GLU F 283 41.77 26.43 -0.16
N PRO F 284 41.65 26.98 1.05
CA PRO F 284 40.78 28.15 1.24
C PRO F 284 41.38 29.32 0.48
N SER F 285 40.52 30.24 0.03
CA SER F 285 40.97 31.38 -0.74
C SER F 285 40.29 32.67 -0.34
N SER F 286 40.82 33.78 -0.86
CA SER F 286 40.29 35.13 -0.62
C SER F 286 40.09 35.70 -2.03
N TYR F 287 38.86 36.05 -2.37
CA TYR F 287 38.61 36.58 -3.69
C TYR F 287 37.19 37.15 -3.77
N SER F 288 36.92 37.86 -4.87
CA SER F 288 35.62 38.47 -5.15
C SER F 288 35.62 38.99 -6.59
N GLY F 289 34.67 38.50 -7.39
CA GLY F 289 34.59 38.90 -8.78
C GLY F 289 33.55 39.99 -9.07
#